data_1Q5L
#
_entry.id   1Q5L
#
loop_
_entity.id
_entity.type
_entity.pdbx_description
1 polymer 'Chaperone protein dnaK'
2 polymer 'peptide NRLLLTG'
#
loop_
_entity_poly.entity_id
_entity_poly.type
_entity_poly.pdbx_seq_one_letter_code
_entity_poly.pdbx_strand_id
1 'polypeptide(L)'
;MGSSHHHHHHGLVPRGSHMVDVTPLSLGIETMGGVMTTLIAKNTTIPTKHSQVFSTAEDNQSAVTIHVLQGERKRAADNK
SLGQFNLDGINPAPRGMPQIEVTFDIDADGILHVSAKDKNSGKEQKITIKASSGL
;
A
2 'polypeptide(L)' NRLLLTG B
#
# COMPACT_ATOMS: atom_id res chain seq x y z
N ASP A 21 2.47 -22.29 -1.18
CA ASP A 21 3.83 -21.84 -1.60
C ASP A 21 4.24 -20.56 -0.87
N VAL A 22 5.36 -19.98 -1.27
CA VAL A 22 5.87 -18.77 -0.66
C VAL A 22 6.03 -17.66 -1.68
N THR A 23 5.83 -16.42 -1.26
CA THR A 23 5.95 -15.27 -2.15
C THR A 23 7.33 -15.21 -2.80
N PRO A 24 7.41 -14.71 -4.05
CA PRO A 24 8.68 -14.63 -4.79
C PRO A 24 9.63 -13.58 -4.22
N LEU A 25 9.11 -12.69 -3.38
CA LEU A 25 9.94 -11.63 -2.79
C LEU A 25 9.18 -10.90 -1.69
N SER A 26 9.90 -10.08 -0.94
CA SER A 26 9.30 -9.31 0.14
C SER A 26 8.36 -8.26 -0.41
N LEU A 27 7.07 -8.40 -0.11
CA LEU A 27 6.07 -7.46 -0.58
C LEU A 27 5.67 -6.50 0.52
N GLY A 28 5.49 -5.25 0.14
CA GLY A 28 5.12 -4.22 1.10
C GLY A 28 4.66 -2.94 0.42
N ILE A 29 4.10 -2.03 1.20
CA ILE A 29 3.63 -0.76 0.66
C ILE A 29 4.61 0.37 0.98
N GLU A 30 4.44 1.50 0.32
CA GLU A 30 5.30 2.64 0.54
C GLU A 30 4.57 3.67 1.35
N THR A 31 5.07 3.95 2.53
CA THR A 31 4.43 4.92 3.40
C THR A 31 5.20 6.23 3.40
N MET A 32 4.56 7.29 3.88
CA MET A 32 5.17 8.61 3.93
C MET A 32 5.59 9.08 2.53
N GLY A 33 5.07 8.37 1.52
CA GLY A 33 5.39 8.72 0.14
C GLY A 33 6.87 8.76 -0.14
N GLY A 34 7.48 7.60 -0.36
CA GLY A 34 8.91 7.56 -0.65
C GLY A 34 9.65 6.50 0.15
N VAL A 35 9.03 6.01 1.21
CA VAL A 35 9.65 4.99 2.05
C VAL A 35 9.03 3.62 1.78
N MET A 36 9.81 2.55 1.99
CA MET A 36 9.30 1.21 1.75
C MET A 36 8.99 0.49 3.06
N THR A 37 7.76 0.00 3.12
CA THR A 37 7.27 -0.74 4.27
C THR A 37 6.87 -2.13 3.80
N THR A 38 7.06 -3.14 4.64
CA THR A 38 6.73 -4.50 4.24
C THR A 38 5.44 -4.99 4.90
N LEU A 39 4.63 -5.69 4.10
CA LEU A 39 3.37 -6.24 4.58
C LEU A 39 3.36 -7.76 4.45
N ILE A 40 3.51 -8.25 3.22
CA ILE A 40 3.52 -9.70 2.99
C ILE A 40 4.91 -10.27 3.23
N ALA A 41 5.89 -9.69 2.54
CA ALA A 41 7.29 -10.11 2.66
C ALA A 41 7.50 -11.56 2.25
N LYS A 42 8.63 -11.84 1.62
CA LYS A 42 8.95 -13.19 1.18
C LYS A 42 8.93 -14.15 2.36
N ASN A 43 9.01 -15.45 2.07
CA ASN A 43 9.01 -16.49 3.10
C ASN A 43 7.69 -16.48 3.87
N THR A 44 6.59 -16.31 3.15
CA THR A 44 5.27 -16.30 3.77
C THR A 44 4.29 -17.15 2.96
N THR A 45 2.99 -17.02 3.25
CA THR A 45 1.99 -17.79 2.53
C THR A 45 1.39 -16.97 1.39
N ILE A 46 1.34 -17.57 0.20
CA ILE A 46 0.79 -16.89 -0.96
C ILE A 46 -0.61 -16.35 -0.69
N PRO A 47 -1.56 -17.20 -0.23
CA PRO A 47 -2.92 -16.76 0.07
C PRO A 47 -2.98 -15.89 1.32
N THR A 48 -2.55 -14.64 1.18
CA THR A 48 -2.52 -13.71 2.30
C THR A 48 -3.38 -12.48 2.03
N LYS A 49 -3.87 -11.87 3.10
CA LYS A 49 -4.70 -10.67 3.01
C LYS A 49 -4.80 -10.00 4.38
N HIS A 50 -4.84 -8.67 4.41
CA HIS A 50 -4.92 -7.95 5.68
C HIS A 50 -5.32 -6.51 5.49
N SER A 51 -6.20 -6.03 6.36
CA SER A 51 -6.67 -4.65 6.30
C SER A 51 -6.18 -3.88 7.52
N GLN A 52 -5.20 -3.01 7.31
CA GLN A 52 -4.64 -2.22 8.40
C GLN A 52 -5.12 -0.77 8.33
N VAL A 53 -5.06 -0.08 9.47
CA VAL A 53 -5.50 1.30 9.53
C VAL A 53 -4.32 2.26 9.60
N PHE A 54 -4.04 2.92 8.49
CA PHE A 54 -2.93 3.88 8.42
C PHE A 54 -3.47 5.30 8.39
N SER A 55 -2.62 6.25 8.77
CA SER A 55 -3.01 7.65 8.78
C SER A 55 -2.38 8.41 7.61
N THR A 56 -2.86 9.61 7.34
CA THR A 56 -2.34 10.41 6.23
C THR A 56 -1.45 11.54 6.75
N ALA A 57 -0.70 12.13 5.85
CA ALA A 57 0.19 13.23 6.20
C ALA A 57 -0.08 14.44 5.32
N GLU A 58 0.46 15.58 5.72
CA GLU A 58 0.27 16.83 4.99
C GLU A 58 -1.20 17.20 4.97
N ASP A 59 -1.62 17.97 5.97
CA ASP A 59 -3.01 18.40 6.09
C ASP A 59 -3.53 18.98 4.77
N ASN A 60 -4.73 18.52 4.37
CA ASN A 60 -5.37 18.97 3.14
C ASN A 60 -4.76 18.29 1.93
N GLN A 61 -4.74 16.96 1.95
CA GLN A 61 -4.21 16.17 0.85
C GLN A 61 -5.37 15.78 -0.06
N SER A 62 -6.52 15.57 0.56
CA SER A 62 -7.73 15.18 -0.14
C SER A 62 -7.49 13.97 -1.04
N ALA A 63 -6.34 13.34 -0.84
CA ALA A 63 -5.95 12.18 -1.63
C ALA A 63 -4.77 11.49 -0.98
N VAL A 64 -4.84 10.17 -0.86
CA VAL A 64 -3.76 9.40 -0.25
C VAL A 64 -2.94 8.70 -1.32
N THR A 65 -1.63 8.58 -1.09
CA THR A 65 -0.74 7.93 -2.04
C THR A 65 -0.34 6.55 -1.57
N ILE A 66 -0.89 5.53 -2.21
CA ILE A 66 -0.57 4.16 -1.88
C ILE A 66 0.29 3.54 -2.95
N HIS A 67 1.57 3.44 -2.65
CA HIS A 67 2.51 2.84 -3.58
C HIS A 67 2.84 1.44 -3.09
N VAL A 68 2.86 0.48 -3.99
CA VAL A 68 3.15 -0.87 -3.61
C VAL A 68 4.60 -1.20 -3.94
N LEU A 69 5.40 -1.23 -2.90
CA LEU A 69 6.83 -1.48 -3.01
C LEU A 69 7.16 -2.87 -2.48
N GLN A 70 7.55 -3.79 -3.36
CA GLN A 70 7.88 -5.14 -2.93
C GLN A 70 9.39 -5.34 -2.90
N GLY A 71 9.94 -5.18 -1.70
CA GLY A 71 11.36 -5.38 -1.50
C GLY A 71 11.76 -5.29 -0.04
N GLU A 72 12.99 -5.69 0.26
CA GLU A 72 13.49 -5.61 1.63
C GLU A 72 14.95 -5.13 1.61
N ARG A 73 15.12 -3.84 1.86
CA ARG A 73 16.45 -3.23 1.89
C ARG A 73 16.37 -1.81 2.43
N LYS A 74 17.53 -1.25 2.79
CA LYS A 74 17.57 0.12 3.29
C LYS A 74 17.56 1.09 2.11
N ARG A 75 16.83 2.19 2.24
CA ARG A 75 16.74 3.19 1.18
C ARG A 75 16.12 2.56 -0.07
N ALA A 76 14.80 2.53 -0.10
CA ALA A 76 14.06 1.94 -1.22
C ALA A 76 14.23 2.74 -2.51
N ALA A 77 13.13 2.92 -3.24
CA ALA A 77 13.16 3.65 -4.50
C ALA A 77 14.16 3.02 -5.45
N ASP A 78 14.31 1.70 -5.35
CA ASP A 78 15.25 0.97 -6.20
C ASP A 78 14.84 -0.49 -6.35
N ASN A 79 14.17 -1.01 -5.32
CA ASN A 79 13.72 -2.39 -5.35
C ASN A 79 12.62 -2.59 -6.40
N LYS A 80 11.92 -3.72 -6.34
CA LYS A 80 10.85 -4.02 -7.29
C LYS A 80 9.61 -3.20 -7.00
N SER A 81 9.38 -2.17 -7.82
CA SER A 81 8.21 -1.30 -7.66
C SER A 81 6.97 -1.95 -8.26
N LEU A 82 6.13 -2.51 -7.40
CA LEU A 82 4.91 -3.18 -7.84
C LEU A 82 4.06 -2.25 -8.72
N GLY A 83 3.48 -1.23 -8.09
CA GLY A 83 2.63 -0.30 -8.82
C GLY A 83 2.32 0.95 -8.02
N GLN A 84 1.76 1.95 -8.67
CA GLN A 84 1.40 3.20 -7.99
C GLN A 84 -0.02 3.62 -8.37
N PHE A 85 -0.84 3.87 -7.35
CA PHE A 85 -2.22 4.29 -7.60
C PHE A 85 -2.59 5.42 -6.64
N ASN A 86 -3.35 6.38 -7.14
CA ASN A 86 -3.73 7.52 -6.34
C ASN A 86 -5.17 7.45 -5.86
N LEU A 87 -5.33 7.64 -4.56
CA LEU A 87 -6.64 7.63 -3.93
C LEU A 87 -7.10 9.05 -3.64
N ASP A 88 -8.38 9.24 -3.34
CA ASP A 88 -8.90 10.57 -3.07
C ASP A 88 -10.17 10.49 -2.23
N GLY A 89 -10.29 11.40 -1.26
CA GLY A 89 -11.46 11.41 -0.40
C GLY A 89 -11.14 11.74 1.04
N ILE A 90 -10.19 12.66 1.26
CA ILE A 90 -9.81 13.05 2.61
C ILE A 90 -9.61 14.55 2.66
N ASN A 91 -10.71 15.29 2.58
CA ASN A 91 -10.68 16.74 2.61
C ASN A 91 -9.83 17.28 3.76
N PRO A 92 -9.51 18.60 3.75
CA PRO A 92 -8.70 19.25 4.76
C PRO A 92 -8.73 18.56 6.12
N ALA A 93 -7.69 17.78 6.39
CA ALA A 93 -7.58 17.06 7.65
C ALA A 93 -6.20 17.27 8.29
N PRO A 94 -6.16 17.72 9.56
CA PRO A 94 -4.90 17.99 10.27
C PRO A 94 -4.21 16.72 10.76
N ARG A 95 -4.17 15.68 9.92
CA ARG A 95 -3.54 14.42 10.28
C ARG A 95 -4.22 13.76 11.48
N GLY A 96 -4.07 12.44 11.58
CA GLY A 96 -4.66 11.72 12.69
C GLY A 96 -6.12 11.37 12.43
N MET A 97 -6.88 12.33 11.93
CA MET A 97 -8.30 12.11 11.66
C MET A 97 -8.50 11.17 10.45
N PRO A 98 -7.80 11.41 9.32
CA PRO A 98 -7.94 10.58 8.12
C PRO A 98 -7.87 9.09 8.43
N GLN A 99 -8.76 8.31 7.81
CA GLN A 99 -8.80 6.87 8.03
C GLN A 99 -8.65 6.12 6.71
N ILE A 100 -7.49 5.49 6.51
CA ILE A 100 -7.22 4.75 5.30
C ILE A 100 -6.94 3.28 5.61
N GLU A 101 -7.78 2.40 5.08
CA GLU A 101 -7.63 0.97 5.29
C GLU A 101 -7.06 0.31 4.04
N VAL A 102 -5.95 -0.41 4.21
CA VAL A 102 -5.31 -1.08 3.08
C VAL A 102 -5.40 -2.60 3.17
N THR A 103 -5.97 -3.20 2.12
CA THR A 103 -6.11 -4.65 2.04
C THR A 103 -5.31 -5.16 0.86
N PHE A 104 -4.52 -6.21 1.09
CA PHE A 104 -3.69 -6.77 0.03
C PHE A 104 -3.83 -8.28 -0.05
N ASP A 105 -4.44 -8.77 -1.12
CA ASP A 105 -4.64 -10.19 -1.32
C ASP A 105 -3.67 -10.73 -2.38
N ILE A 106 -2.88 -11.71 -1.99
CA ILE A 106 -1.91 -12.31 -2.90
C ILE A 106 -2.40 -13.68 -3.38
N ASP A 107 -2.43 -13.88 -4.69
CA ASP A 107 -2.90 -15.13 -5.27
C ASP A 107 -1.75 -15.99 -5.77
N ALA A 108 -2.03 -17.28 -5.99
CA ALA A 108 -1.03 -18.23 -6.46
C ALA A 108 -0.39 -17.76 -7.76
N ASP A 109 -1.21 -17.39 -8.73
CA ASP A 109 -0.71 -16.92 -10.02
C ASP A 109 0.33 -15.83 -9.84
N GLY A 110 0.13 -15.00 -8.82
CA GLY A 110 1.06 -13.92 -8.55
C GLY A 110 0.47 -12.55 -8.76
N ILE A 111 -0.67 -12.31 -8.12
CA ILE A 111 -1.34 -11.02 -8.23
C ILE A 111 -1.58 -10.43 -6.84
N LEU A 112 -1.71 -9.11 -6.78
CA LEU A 112 -1.93 -8.44 -5.52
C LEU A 112 -3.07 -7.41 -5.65
N HIS A 113 -4.07 -7.53 -4.79
CA HIS A 113 -5.19 -6.61 -4.80
C HIS A 113 -5.09 -5.62 -3.65
N VAL A 114 -4.77 -4.38 -3.98
CA VAL A 114 -4.64 -3.33 -2.97
C VAL A 114 -5.83 -2.39 -3.00
N SER A 115 -6.26 -1.95 -1.81
CA SER A 115 -7.42 -1.07 -1.70
C SER A 115 -7.31 -0.14 -0.50
N ALA A 116 -7.49 1.16 -0.73
CA ALA A 116 -7.43 2.15 0.34
C ALA A 116 -8.75 2.92 0.42
N LYS A 117 -9.34 2.95 1.60
CA LYS A 117 -10.60 3.64 1.81
C LYS A 117 -10.38 4.96 2.54
N ASP A 118 -11.21 5.95 2.24
CA ASP A 118 -11.09 7.27 2.86
C ASP A 118 -12.34 7.60 3.68
N LYS A 119 -12.12 8.06 4.91
CA LYS A 119 -13.22 8.42 5.80
C LYS A 119 -13.37 9.94 5.88
N ASN A 120 -14.22 10.48 5.02
CA ASN A 120 -14.48 11.91 4.98
C ASN A 120 -15.57 12.23 3.97
N SER A 121 -15.73 11.34 3.00
CA SER A 121 -16.73 11.51 1.95
C SER A 121 -17.26 10.16 1.49
N GLY A 122 -16.56 9.09 1.86
CA GLY A 122 -16.98 7.75 1.47
C GLY A 122 -16.39 7.32 0.15
N LYS A 123 -15.21 7.83 -0.18
CA LYS A 123 -14.55 7.49 -1.43
C LYS A 123 -13.55 6.36 -1.22
N GLU A 124 -13.42 5.50 -2.23
CA GLU A 124 -12.50 4.36 -2.16
C GLU A 124 -12.28 3.77 -3.56
N GLN A 125 -11.06 3.30 -3.81
CA GLN A 125 -10.73 2.71 -5.10
C GLN A 125 -9.77 1.53 -4.93
N LYS A 126 -9.87 0.56 -5.84
CA LYS A 126 -9.02 -0.62 -5.79
C LYS A 126 -8.35 -0.86 -7.14
N ILE A 127 -7.17 -1.46 -7.11
CA ILE A 127 -6.42 -1.76 -8.32
C ILE A 127 -5.67 -3.08 -8.20
N THR A 128 -5.46 -3.75 -9.33
CA THR A 128 -4.75 -5.02 -9.35
C THR A 128 -3.33 -4.83 -9.88
N ILE A 129 -2.37 -5.46 -9.22
CA ILE A 129 -0.97 -5.36 -9.63
C ILE A 129 -0.28 -6.72 -9.57
N LYS A 130 0.20 -7.18 -10.71
CA LYS A 130 0.89 -8.46 -10.79
C LYS A 130 2.20 -8.41 -10.02
N ALA A 131 2.33 -9.27 -9.02
CA ALA A 131 3.53 -9.32 -8.19
C ALA A 131 4.79 -9.37 -9.05
N SER A 132 5.09 -10.56 -9.58
CA SER A 132 6.28 -10.74 -10.41
C SER A 132 6.21 -12.07 -11.17
N SER A 133 5.63 -12.03 -12.37
CA SER A 133 5.50 -13.23 -13.19
C SER A 133 6.02 -12.97 -14.60
N GLY A 134 5.23 -12.23 -15.38
CA GLY A 134 5.62 -11.93 -16.75
C GLY A 134 5.59 -13.15 -17.65
N LEU A 135 6.71 -13.41 -18.32
CA LEU A 135 6.81 -14.56 -19.21
C LEU A 135 6.91 -15.86 -18.43
N ASN B 1 4.56 4.51 13.25
CA ASN B 1 5.95 4.39 12.73
C ASN B 1 6.00 4.74 11.24
N ARG B 2 4.87 4.62 10.56
CA ARG B 2 4.79 4.92 9.14
C ARG B 2 3.50 5.63 8.80
N LEU B 3 3.61 6.82 8.23
CA LEU B 3 2.45 7.63 7.85
C LEU B 3 2.15 7.46 6.37
N LEU B 4 1.67 8.53 5.73
CA LEU B 4 1.34 8.48 4.31
C LEU B 4 1.35 9.89 3.71
N LEU B 5 2.47 10.25 3.08
CA LEU B 5 2.61 11.56 2.47
C LEU B 5 2.32 11.48 0.97
N THR B 6 1.90 12.60 0.40
CA THR B 6 1.58 12.67 -1.02
C THR B 6 2.60 13.51 -1.78
N GLY B 7 2.40 13.65 -3.09
CA GLY B 7 3.31 14.43 -3.90
C GLY B 7 2.64 14.98 -5.14
N ASP A 21 3.51 -22.03 -3.55
CA ASP A 21 3.73 -22.41 -2.13
C ASP A 21 3.94 -21.19 -1.25
N VAL A 22 4.87 -20.32 -1.66
CA VAL A 22 5.17 -19.11 -0.91
C VAL A 22 5.56 -17.97 -1.85
N THR A 23 5.41 -16.73 -1.37
CA THR A 23 5.74 -15.56 -2.17
C THR A 23 7.23 -15.55 -2.53
N PRO A 24 7.56 -15.31 -3.82
CA PRO A 24 8.94 -15.29 -4.29
C PRO A 24 9.64 -13.96 -4.04
N LEU A 25 9.05 -13.12 -3.18
CA LEU A 25 9.63 -11.82 -2.87
C LEU A 25 8.83 -11.11 -1.78
N SER A 26 9.52 -10.32 -0.97
CA SER A 26 8.87 -9.58 0.10
C SER A 26 8.02 -8.45 -0.45
N LEU A 27 6.76 -8.40 -0.04
CA LEU A 27 5.84 -7.36 -0.50
C LEU A 27 5.65 -6.32 0.59
N GLY A 28 5.44 -5.07 0.17
CA GLY A 28 5.27 -3.99 1.12
C GLY A 28 4.73 -2.72 0.48
N ILE A 29 4.34 -1.76 1.31
CA ILE A 29 3.82 -0.48 0.80
C ILE A 29 4.77 0.66 1.13
N GLU A 30 4.56 1.82 0.51
CA GLU A 30 5.39 2.97 0.74
C GLU A 30 4.61 4.02 1.50
N THR A 31 5.07 4.36 2.68
CA THR A 31 4.40 5.35 3.49
C THR A 31 5.14 6.68 3.44
N MET A 32 4.42 7.77 3.70
CA MET A 32 5.01 9.10 3.65
C MET A 32 5.48 9.42 2.23
N GLY A 33 5.14 8.53 1.30
CA GLY A 33 5.53 8.72 -0.09
C GLY A 33 7.02 8.87 -0.27
N GLY A 34 7.72 7.75 -0.36
CA GLY A 34 9.16 7.81 -0.55
C GLY A 34 9.93 6.69 0.14
N VAL A 35 9.37 6.14 1.21
CA VAL A 35 10.04 5.06 1.95
C VAL A 35 9.40 3.72 1.65
N MET A 36 10.15 2.63 1.85
CA MET A 36 9.64 1.29 1.60
C MET A 36 9.31 0.59 2.91
N THR A 37 8.08 0.12 3.01
CA THR A 37 7.60 -0.60 4.17
C THR A 37 7.26 -2.04 3.78
N THR A 38 7.13 -2.92 4.76
CA THR A 38 6.83 -4.32 4.47
C THR A 38 5.43 -4.71 4.94
N LEU A 39 4.73 -5.45 4.09
CA LEU A 39 3.38 -5.90 4.40
C LEU A 39 3.28 -7.43 4.25
N ILE A 40 3.55 -7.92 3.05
CA ILE A 40 3.50 -9.36 2.77
C ILE A 40 4.86 -9.87 2.28
N ALA A 41 5.84 -9.87 3.19
CA ALA A 41 7.18 -10.33 2.86
C ALA A 41 7.19 -11.78 2.40
N LYS A 42 8.20 -12.14 1.61
CA LYS A 42 8.32 -13.51 1.09
C LYS A 42 8.32 -14.53 2.23
N ASN A 43 8.38 -15.81 1.87
CA ASN A 43 8.39 -16.90 2.84
C ASN A 43 7.09 -16.93 3.63
N THR A 44 6.03 -16.32 3.09
CA THR A 44 4.74 -16.30 3.74
C THR A 44 3.70 -17.06 2.92
N THR A 45 2.45 -17.05 3.39
CA THR A 45 1.38 -17.73 2.70
C THR A 45 0.88 -16.91 1.52
N ILE A 46 0.82 -17.55 0.35
CA ILE A 46 0.38 -16.87 -0.86
C ILE A 46 -1.01 -16.25 -0.67
N PRO A 47 -2.02 -17.03 -0.25
CA PRO A 47 -3.37 -16.49 -0.02
C PRO A 47 -3.43 -15.62 1.23
N THR A 48 -2.91 -14.41 1.12
CA THR A 48 -2.88 -13.47 2.24
C THR A 48 -3.89 -12.35 2.07
N LYS A 49 -4.14 -11.65 3.18
CA LYS A 49 -5.07 -10.52 3.21
C LYS A 49 -4.86 -9.72 4.49
N HIS A 50 -4.75 -8.41 4.37
CA HIS A 50 -4.53 -7.59 5.55
C HIS A 50 -5.20 -6.23 5.45
N SER A 51 -6.14 -5.98 6.36
CA SER A 51 -6.85 -4.71 6.40
C SER A 51 -6.38 -3.91 7.61
N GLN A 52 -5.55 -2.90 7.36
CA GLN A 52 -5.01 -2.08 8.44
C GLN A 52 -5.44 -0.63 8.30
N VAL A 53 -5.35 0.12 9.39
CA VAL A 53 -5.73 1.51 9.41
C VAL A 53 -4.51 2.41 9.60
N PHE A 54 -4.10 3.08 8.53
CA PHE A 54 -2.95 3.97 8.58
C PHE A 54 -3.39 5.43 8.61
N SER A 55 -2.47 6.32 8.96
CA SER A 55 -2.78 7.74 9.02
C SER A 55 -2.19 8.47 7.81
N THR A 56 -2.67 9.69 7.58
CA THR A 56 -2.20 10.49 6.45
C THR A 56 -1.32 11.64 6.95
N ALA A 57 -0.59 12.26 6.02
CA ALA A 57 0.28 13.36 6.35
C ALA A 57 -0.12 14.60 5.57
N GLU A 58 0.20 15.76 6.13
CA GLU A 58 -0.12 17.04 5.52
C GLU A 58 -1.63 17.23 5.43
N ASP A 59 -2.19 17.95 6.41
CA ASP A 59 -3.63 18.20 6.45
C ASP A 59 -4.13 18.77 5.14
N ASN A 60 -5.35 18.38 4.75
CA ASN A 60 -5.96 18.84 3.52
C ASN A 60 -5.28 18.21 2.31
N GLN A 61 -4.93 16.92 2.44
CA GLN A 61 -4.30 16.21 1.34
C GLN A 61 -5.33 15.89 0.29
N SER A 62 -6.54 15.62 0.76
CA SER A 62 -7.67 15.31 -0.11
C SER A 62 -7.33 14.14 -1.03
N ALA A 63 -6.20 13.49 -0.76
CA ALA A 63 -5.74 12.37 -1.56
C ALA A 63 -4.63 11.63 -0.82
N VAL A 64 -4.77 10.30 -0.74
CA VAL A 64 -3.76 9.49 -0.07
C VAL A 64 -2.90 8.75 -1.10
N THR A 65 -1.67 8.44 -0.73
CA THR A 65 -0.76 7.75 -1.63
C THR A 65 -0.48 6.32 -1.18
N ILE A 66 -0.80 5.38 -2.05
CA ILE A 66 -0.56 3.98 -1.76
C ILE A 66 0.37 3.40 -2.80
N HIS A 67 1.63 3.28 -2.44
CA HIS A 67 2.62 2.74 -3.34
C HIS A 67 2.97 1.33 -2.92
N VAL A 68 2.94 0.40 -3.85
CA VAL A 68 3.23 -0.97 -3.53
C VAL A 68 4.65 -1.31 -3.94
N LEU A 69 5.49 -1.43 -2.93
CA LEU A 69 6.89 -1.75 -3.09
C LEU A 69 7.13 -3.19 -2.62
N GLN A 70 7.76 -4.00 -3.44
CA GLN A 70 7.99 -5.40 -3.07
C GLN A 70 9.47 -5.74 -2.96
N GLY A 71 9.97 -5.70 -1.74
CA GLY A 71 11.36 -6.02 -1.48
C GLY A 71 11.68 -6.07 -0.01
N GLU A 72 12.86 -6.59 0.31
CA GLU A 72 13.29 -6.64 1.70
C GLU A 72 14.45 -5.68 1.91
N ARG A 73 14.15 -4.50 2.44
CA ARG A 73 15.17 -3.48 2.68
C ARG A 73 14.61 -2.35 3.53
N LYS A 74 15.50 -1.53 4.05
CA LYS A 74 15.11 -0.40 4.88
C LYS A 74 14.35 0.64 4.04
N ARG A 75 14.83 0.88 2.83
CA ARG A 75 14.20 1.84 1.92
C ARG A 75 14.08 1.28 0.51
N ALA A 76 13.20 1.90 -0.28
CA ALA A 76 12.98 1.48 -1.66
C ALA A 76 14.03 2.08 -2.59
N ALA A 77 15.17 2.44 -2.02
CA ALA A 77 16.25 3.04 -2.79
C ALA A 77 16.89 2.04 -3.75
N ASP A 78 16.36 0.82 -3.77
CA ASP A 78 16.89 -0.22 -4.66
C ASP A 78 16.06 -1.49 -4.57
N ASN A 79 14.84 -1.45 -5.10
CA ASN A 79 13.96 -2.61 -5.08
C ASN A 79 12.91 -2.52 -6.18
N LYS A 80 12.16 -3.62 -6.37
CA LYS A 80 11.12 -3.69 -7.38
C LYS A 80 9.90 -2.88 -6.97
N SER A 81 9.39 -2.06 -7.88
CA SER A 81 8.21 -1.24 -7.62
C SER A 81 6.96 -1.90 -8.21
N LEU A 82 6.13 -2.47 -7.36
CA LEU A 82 4.91 -3.13 -7.80
C LEU A 82 4.04 -2.20 -8.63
N GLY A 83 3.44 -1.21 -7.96
CA GLY A 83 2.57 -0.27 -8.64
C GLY A 83 2.25 0.94 -7.78
N GLN A 84 1.64 1.96 -8.38
CA GLN A 84 1.28 3.15 -7.63
C GLN A 84 -0.24 3.31 -7.58
N PHE A 85 -0.74 3.91 -6.50
CA PHE A 85 -2.18 4.09 -6.36
C PHE A 85 -2.54 5.57 -6.20
N ASN A 86 -3.67 5.95 -6.77
CA ASN A 86 -4.14 7.33 -6.69
C ASN A 86 -5.48 7.38 -5.98
N LEU A 87 -5.46 7.80 -4.72
CA LEU A 87 -6.68 7.91 -3.93
C LEU A 87 -7.01 9.37 -3.64
N ASP A 88 -8.29 9.66 -3.45
CA ASP A 88 -8.72 11.02 -3.16
C ASP A 88 -9.93 11.02 -2.24
N GLY A 89 -9.88 11.84 -1.20
CA GLY A 89 -10.97 11.93 -0.24
C GLY A 89 -10.49 12.18 1.17
N ILE A 90 -9.72 13.26 1.35
CA ILE A 90 -9.19 13.63 2.65
C ILE A 90 -9.19 15.14 2.78
N ASN A 91 -10.38 15.73 2.60
CA ASN A 91 -10.55 17.17 2.67
C ASN A 91 -9.90 17.76 3.93
N PRO A 92 -9.76 19.10 4.01
CA PRO A 92 -9.17 19.80 5.15
C PRO A 92 -9.34 19.05 6.47
N ALA A 93 -8.35 18.24 6.81
CA ALA A 93 -8.38 17.46 8.04
C ALA A 93 -7.00 16.89 8.38
N PRO A 94 -6.37 17.38 9.46
CA PRO A 94 -5.04 16.91 9.88
C PRO A 94 -5.02 15.43 10.21
N ARG A 95 -3.83 14.89 10.45
CA ARG A 95 -3.68 13.48 10.78
C ARG A 95 -4.49 13.11 12.01
N GLY A 96 -4.88 11.84 12.09
CA GLY A 96 -5.66 11.38 13.22
C GLY A 96 -7.16 11.48 12.97
N MET A 97 -7.54 12.34 12.04
CA MET A 97 -8.95 12.53 11.70
C MET A 97 -9.39 11.55 10.61
N PRO A 98 -8.66 11.49 9.47
CA PRO A 98 -9.01 10.58 8.37
C PRO A 98 -8.62 9.14 8.69
N GLN A 99 -9.08 8.22 7.85
CA GLN A 99 -8.77 6.80 8.05
C GLN A 99 -8.57 6.09 6.73
N ILE A 100 -7.36 5.57 6.51
CA ILE A 100 -7.03 4.85 5.29
C ILE A 100 -6.98 3.35 5.56
N GLU A 101 -7.87 2.60 4.91
CA GLU A 101 -7.91 1.16 5.07
C GLU A 101 -7.29 0.47 3.87
N VAL A 102 -6.12 -0.12 4.07
CA VAL A 102 -5.42 -0.81 2.99
C VAL A 102 -5.53 -2.33 3.11
N THR A 103 -5.92 -2.97 2.01
CA THR A 103 -6.09 -4.42 1.95
C THR A 103 -5.34 -4.99 0.75
N PHE A 104 -4.67 -6.11 0.96
CA PHE A 104 -3.92 -6.75 -0.11
C PHE A 104 -4.16 -8.25 -0.14
N ASP A 105 -4.60 -8.73 -1.29
CA ASP A 105 -4.87 -10.16 -1.47
C ASP A 105 -3.96 -10.74 -2.55
N ILE A 106 -3.16 -11.73 -2.17
CA ILE A 106 -2.23 -12.37 -3.10
C ILE A 106 -2.75 -13.74 -3.52
N ASP A 107 -2.67 -14.03 -4.81
CA ASP A 107 -3.13 -15.32 -5.35
C ASP A 107 -1.95 -16.17 -5.84
N ALA A 108 -2.20 -17.47 -5.99
CA ALA A 108 -1.16 -18.40 -6.43
C ALA A 108 -0.67 -18.05 -7.83
N ASP A 109 -1.57 -17.60 -8.69
CA ASP A 109 -1.21 -17.24 -10.05
C ASP A 109 -0.25 -16.05 -10.06
N GLY A 110 -0.12 -15.41 -8.90
CA GLY A 110 0.77 -14.27 -8.79
C GLY A 110 0.07 -12.95 -9.03
N ILE A 111 -0.93 -12.65 -8.21
CA ILE A 111 -1.68 -11.40 -8.32
C ILE A 111 -1.83 -10.74 -6.96
N LEU A 112 -2.08 -9.43 -6.96
CA LEU A 112 -2.22 -8.69 -5.73
C LEU A 112 -3.29 -7.60 -5.87
N HIS A 113 -4.25 -7.59 -4.95
CA HIS A 113 -5.32 -6.61 -4.97
C HIS A 113 -5.17 -5.62 -3.82
N VAL A 114 -4.80 -4.39 -4.14
CA VAL A 114 -4.63 -3.34 -3.13
C VAL A 114 -5.81 -2.37 -3.15
N SER A 115 -6.22 -1.92 -1.96
CA SER A 115 -7.34 -0.99 -1.86
C SER A 115 -7.22 -0.10 -0.62
N ALA A 116 -7.31 1.22 -0.83
CA ALA A 116 -7.26 2.18 0.28
C ALA A 116 -8.62 2.85 0.43
N LYS A 117 -9.19 2.74 1.63
CA LYS A 117 -10.50 3.33 1.91
C LYS A 117 -10.37 4.59 2.75
N ASP A 118 -11.20 5.57 2.45
CA ASP A 118 -11.19 6.83 3.17
C ASP A 118 -12.44 6.97 4.03
N LYS A 119 -12.27 7.44 5.26
CA LYS A 119 -13.39 7.60 6.17
C LYS A 119 -13.77 9.07 6.30
N ASN A 120 -14.74 9.49 5.49
CA ASN A 120 -15.22 10.87 5.50
C ASN A 120 -16.35 11.03 4.48
N SER A 121 -16.39 10.13 3.51
CA SER A 121 -17.40 10.17 2.46
C SER A 121 -17.59 8.79 1.82
N GLY A 122 -16.56 7.96 1.94
CA GLY A 122 -16.63 6.62 1.37
C GLY A 122 -15.86 6.51 0.07
N LYS A 123 -14.65 7.07 0.04
CA LYS A 123 -13.82 7.04 -1.15
C LYS A 123 -12.84 5.87 -1.09
N GLU A 124 -13.05 4.88 -1.96
CA GLU A 124 -12.18 3.72 -2.01
C GLU A 124 -11.87 3.32 -3.45
N GLN A 125 -10.69 2.74 -3.66
CA GLN A 125 -10.27 2.31 -5.00
C GLN A 125 -9.35 1.10 -4.92
N LYS A 126 -9.44 0.23 -5.92
CA LYS A 126 -8.61 -0.98 -5.95
C LYS A 126 -8.05 -1.22 -7.35
N ILE A 127 -7.05 -2.11 -7.43
CA ILE A 127 -6.42 -2.45 -8.70
C ILE A 127 -5.74 -3.81 -8.61
N THR A 128 -5.47 -4.41 -9.77
CA THR A 128 -4.82 -5.72 -9.81
C THR A 128 -3.38 -5.61 -10.33
N ILE A 129 -2.45 -6.18 -9.57
CA ILE A 129 -1.04 -6.14 -9.94
C ILE A 129 -0.36 -7.48 -9.66
N LYS A 130 0.26 -8.06 -10.68
CA LYS A 130 0.95 -9.34 -10.54
C LYS A 130 2.16 -9.20 -9.61
N ALA A 131 2.32 -10.16 -8.70
CA ALA A 131 3.43 -10.14 -7.76
C ALA A 131 4.69 -10.76 -8.37
N SER A 132 5.20 -10.13 -9.43
CA SER A 132 6.39 -10.62 -10.11
C SER A 132 6.23 -12.08 -10.52
N SER A 133 5.01 -12.47 -10.85
CA SER A 133 4.72 -13.84 -11.27
C SER A 133 3.60 -13.87 -12.30
N GLY A 134 3.17 -15.08 -12.66
CA GLY A 134 2.11 -15.23 -13.64
C GLY A 134 2.62 -15.23 -15.06
N LEU A 135 1.86 -14.64 -15.97
CA LEU A 135 2.26 -14.58 -17.38
C LEU A 135 3.04 -13.30 -17.66
N ASN B 1 7.18 7.51 11.09
CA ASN B 1 6.85 6.06 11.05
C ASN B 1 6.14 5.69 9.75
N ARG B 2 4.88 6.10 9.62
CA ARG B 2 4.10 5.81 8.42
C ARG B 2 3.53 7.11 7.84
N LEU B 3 2.24 7.35 8.09
CA LEU B 3 1.57 8.55 7.59
C LEU B 3 1.75 8.70 6.08
N LEU B 4 0.84 8.08 5.32
CA LEU B 4 0.89 8.16 3.86
C LEU B 4 0.84 9.62 3.40
N LEU B 5 1.88 10.04 2.69
CA LEU B 5 1.95 11.42 2.18
C LEU B 5 2.16 11.43 0.67
N THR B 6 1.49 12.37 0.00
CA THR B 6 1.61 12.50 -1.46
C THR B 6 2.92 13.15 -1.85
N GLY B 7 3.45 13.98 -0.95
CA GLY B 7 4.70 14.66 -1.22
C GLY B 7 5.90 13.72 -1.11
N ASP A 21 4.78 -23.09 -3.68
CA ASP A 21 5.94 -22.21 -3.35
C ASP A 21 5.48 -20.90 -2.70
N VAL A 22 6.38 -20.28 -1.95
CA VAL A 22 6.06 -19.02 -1.27
C VAL A 22 5.93 -17.88 -2.28
N THR A 23 5.74 -16.67 -1.77
CA THR A 23 5.60 -15.50 -2.62
C THR A 23 6.82 -15.31 -3.52
N PRO A 24 6.62 -14.74 -4.72
CA PRO A 24 7.72 -14.53 -5.67
C PRO A 24 8.78 -13.57 -5.12
N LEU A 25 8.40 -12.75 -4.16
CA LEU A 25 9.33 -11.79 -3.55
C LEU A 25 8.66 -11.05 -2.41
N SER A 26 9.46 -10.34 -1.63
CA SER A 26 8.94 -9.58 -0.50
C SER A 26 8.08 -8.42 -0.99
N LEU A 27 6.81 -8.43 -0.64
CA LEU A 27 5.88 -7.37 -1.05
C LEU A 27 5.60 -6.41 0.10
N GLY A 28 5.44 -5.13 -0.24
CA GLY A 28 5.19 -4.12 0.77
C GLY A 28 4.72 -2.81 0.15
N ILE A 29 4.26 -1.89 0.99
CA ILE A 29 3.79 -0.59 0.49
C ILE A 29 4.76 0.52 0.87
N GLU A 30 4.57 1.69 0.26
CA GLU A 30 5.42 2.83 0.51
C GLU A 30 4.66 3.85 1.33
N THR A 31 5.06 3.99 2.58
CA THR A 31 4.39 4.92 3.47
C THR A 31 5.23 6.19 3.67
N MET A 32 4.60 7.22 4.22
CA MET A 32 5.29 8.50 4.44
C MET A 32 5.76 9.10 3.13
N GLY A 33 5.28 8.52 2.02
CA GLY A 33 5.62 8.99 0.71
C GLY A 33 7.11 8.91 0.40
N GLY A 34 7.52 7.80 -0.21
CA GLY A 34 8.93 7.64 -0.57
C GLY A 34 9.70 6.69 0.33
N VAL A 35 8.99 5.89 1.10
CA VAL A 35 9.63 4.94 2.01
C VAL A 35 9.19 3.51 1.68
N MET A 36 10.00 2.52 2.05
CA MET A 36 9.65 1.14 1.78
C MET A 36 9.16 0.44 3.04
N THR A 37 7.97 -0.14 2.94
CA THR A 37 7.35 -0.87 4.04
C THR A 37 7.05 -2.29 3.62
N THR A 38 6.77 -3.17 4.57
CA THR A 38 6.48 -4.56 4.23
C THR A 38 5.10 -4.99 4.71
N LEU A 39 4.43 -5.76 3.86
CA LEU A 39 3.09 -6.26 4.17
C LEU A 39 3.03 -7.77 3.89
N ILE A 40 3.56 -8.17 2.73
CA ILE A 40 3.58 -9.58 2.35
C ILE A 40 4.96 -9.97 1.83
N ALA A 41 5.98 -9.84 2.69
CA ALA A 41 7.35 -10.17 2.31
C ALA A 41 7.51 -11.66 2.08
N LYS A 42 8.64 -12.03 1.46
CA LYS A 42 8.93 -13.44 1.16
C LYS A 42 8.81 -14.31 2.41
N ASN A 43 8.93 -15.62 2.22
CA ASN A 43 8.84 -16.57 3.32
C ASN A 43 7.43 -16.61 3.90
N THR A 44 6.43 -16.28 3.08
CA THR A 44 5.05 -16.28 3.52
C THR A 44 4.18 -17.11 2.57
N THR A 45 2.88 -17.21 2.87
CA THR A 45 1.96 -17.97 2.05
C THR A 45 1.34 -17.09 0.96
N ILE A 46 0.85 -17.72 -0.09
CA ILE A 46 0.22 -16.99 -1.19
C ILE A 46 -1.12 -16.39 -0.78
N PRO A 47 -2.05 -17.18 -0.23
CA PRO A 47 -3.36 -16.68 0.20
C PRO A 47 -3.23 -15.79 1.43
N THR A 48 -2.89 -14.53 1.22
CA THR A 48 -2.71 -13.59 2.32
C THR A 48 -3.72 -12.44 2.25
N LYS A 49 -3.88 -11.74 3.37
CA LYS A 49 -4.79 -10.61 3.47
C LYS A 49 -4.47 -9.81 4.72
N HIS A 50 -4.37 -8.48 4.58
CA HIS A 50 -4.05 -7.64 5.73
C HIS A 50 -4.88 -6.36 5.74
N SER A 51 -5.79 -6.25 6.72
CA SER A 51 -6.63 -5.08 6.84
C SER A 51 -6.21 -4.26 8.06
N GLN A 52 -5.53 -3.15 7.81
CA GLN A 52 -5.06 -2.28 8.88
C GLN A 52 -5.50 -0.84 8.63
N VAL A 53 -5.53 -0.05 9.70
CA VAL A 53 -5.93 1.34 9.61
C VAL A 53 -4.75 2.27 9.84
N PHE A 54 -4.28 2.89 8.77
CA PHE A 54 -3.14 3.81 8.86
C PHE A 54 -3.62 5.25 8.76
N SER A 55 -2.77 6.19 9.16
CA SER A 55 -3.12 7.60 9.12
C SER A 55 -2.42 8.30 7.97
N THR A 56 -2.90 9.49 7.61
CA THR A 56 -2.32 10.25 6.52
C THR A 56 -1.48 11.41 7.05
N ALA A 57 -0.49 11.83 6.27
CA ALA A 57 0.36 12.93 6.66
C ALA A 57 0.35 14.02 5.58
N GLU A 58 0.76 15.21 5.97
CA GLU A 58 0.80 16.36 5.08
C GLU A 58 -0.61 16.90 4.83
N ASP A 59 -1.11 17.66 5.80
CA ASP A 59 -2.45 18.24 5.72
C ASP A 59 -2.66 18.92 4.37
N ASN A 60 -3.91 18.87 3.89
CA ASN A 60 -4.26 19.46 2.60
C ASN A 60 -3.73 18.58 1.48
N GLN A 61 -4.17 17.33 1.49
CA GLN A 61 -3.75 16.38 0.46
C GLN A 61 -4.97 15.98 -0.35
N SER A 62 -6.11 15.88 0.34
CA SER A 62 -7.38 15.52 -0.29
C SER A 62 -7.19 14.32 -1.22
N ALA A 63 -6.10 13.59 -0.99
CA ALA A 63 -5.76 12.44 -1.79
C ALA A 63 -4.66 11.65 -1.10
N VAL A 64 -4.84 10.34 -0.98
CA VAL A 64 -3.83 9.51 -0.35
C VAL A 64 -3.05 8.75 -1.41
N THR A 65 -1.75 8.57 -1.19
CA THR A 65 -0.91 7.87 -2.15
C THR A 65 -0.56 6.47 -1.67
N ILE A 66 -1.08 5.47 -2.36
CA ILE A 66 -0.80 4.10 -2.03
C ILE A 66 0.18 3.52 -3.04
N HIS A 67 1.43 3.45 -2.63
CA HIS A 67 2.47 2.92 -3.48
C HIS A 67 2.85 1.54 -3.02
N VAL A 68 2.98 0.61 -3.95
CA VAL A 68 3.33 -0.74 -3.61
C VAL A 68 4.79 -1.00 -3.91
N LEU A 69 5.58 -1.03 -2.84
CA LEU A 69 7.02 -1.25 -2.91
C LEU A 69 7.35 -2.65 -2.40
N GLN A 70 7.78 -3.55 -3.29
CA GLN A 70 8.07 -4.92 -2.86
C GLN A 70 9.56 -5.21 -2.73
N GLY A 71 10.01 -5.21 -1.48
CA GLY A 71 11.39 -5.50 -1.17
C GLY A 71 11.64 -5.65 0.31
N GLU A 72 12.80 -6.19 0.68
CA GLU A 72 13.15 -6.33 2.08
C GLU A 72 14.47 -5.62 2.35
N ARG A 73 14.37 -4.41 2.90
CA ARG A 73 15.54 -3.59 3.23
C ARG A 73 15.19 -2.57 4.30
N LYS A 74 16.21 -1.95 4.88
CA LYS A 74 16.01 -0.94 5.91
C LYS A 74 15.26 0.27 5.33
N ARG A 75 15.35 0.44 4.02
CA ARG A 75 14.69 1.56 3.34
C ARG A 75 14.66 1.35 1.82
N ALA A 76 13.74 2.03 1.15
CA ALA A 76 13.62 1.92 -0.30
C ALA A 76 14.82 2.53 -1.00
N ALA A 77 15.80 1.69 -1.35
CA ALA A 77 16.99 2.17 -2.03
C ALA A 77 17.40 1.22 -3.15
N ASP A 78 16.69 0.10 -3.26
CA ASP A 78 17.00 -0.88 -4.31
C ASP A 78 15.97 -2.00 -4.34
N ASN A 79 14.71 -1.65 -4.14
CA ASN A 79 13.62 -2.62 -4.15
C ASN A 79 12.79 -2.51 -5.42
N LYS A 80 12.06 -3.57 -5.74
CA LYS A 80 11.21 -3.60 -6.92
C LYS A 80 9.93 -2.81 -6.67
N SER A 81 9.75 -1.74 -7.43
CA SER A 81 8.56 -0.91 -7.30
C SER A 81 7.38 -1.55 -8.02
N LEU A 82 6.49 -2.16 -7.26
CA LEU A 82 5.31 -2.82 -7.82
C LEU A 82 4.53 -1.86 -8.70
N GLY A 83 3.87 -0.89 -8.07
CA GLY A 83 3.07 0.08 -8.81
C GLY A 83 2.67 1.27 -7.95
N GLN A 84 2.16 2.32 -8.59
CA GLN A 84 1.73 3.51 -7.85
C GLN A 84 0.25 3.78 -8.10
N PHE A 85 -0.50 4.03 -7.03
CA PHE A 85 -1.93 4.31 -7.14
C PHE A 85 -2.25 5.67 -6.56
N ASN A 86 -3.13 6.40 -7.22
CA ASN A 86 -3.52 7.73 -6.76
C ASN A 86 -4.95 7.76 -6.24
N LEU A 87 -5.09 7.93 -4.93
CA LEU A 87 -6.41 8.01 -4.30
C LEU A 87 -6.70 9.46 -3.97
N ASP A 88 -7.90 9.92 -4.30
CA ASP A 88 -8.27 11.30 -4.02
C ASP A 88 -9.67 11.40 -3.41
N GLY A 89 -9.73 12.04 -2.24
CA GLY A 89 -11.01 12.20 -1.56
C GLY A 89 -10.87 12.15 -0.05
N ILE A 90 -10.19 13.14 0.52
CA ILE A 90 -10.01 13.21 1.97
C ILE A 90 -10.00 14.65 2.39
N ASN A 91 -10.06 15.49 1.38
CA ASN A 91 -10.08 16.94 1.50
C ASN A 91 -9.04 17.47 2.50
N PRO A 92 -8.83 18.80 2.55
CA PRO A 92 -7.87 19.42 3.45
C PRO A 92 -7.92 18.84 4.87
N ALA A 93 -6.82 18.97 5.59
CA ALA A 93 -6.73 18.46 6.95
C ALA A 93 -7.17 16.99 7.03
N PRO A 94 -6.53 16.11 6.24
CA PRO A 94 -6.86 14.68 6.21
C PRO A 94 -6.05 13.87 7.23
N ARG A 95 -5.62 14.53 8.28
CA ARG A 95 -4.83 13.88 9.32
C ARG A 95 -5.40 14.17 10.70
N GLY A 96 -5.54 13.12 11.52
CA GLY A 96 -6.07 13.28 12.85
C GLY A 96 -7.48 12.73 12.99
N MET A 97 -8.36 13.12 12.08
CA MET A 97 -9.74 12.65 12.10
C MET A 97 -9.97 11.53 11.08
N PRO A 98 -9.61 11.74 9.80
CA PRO A 98 -9.79 10.73 8.76
C PRO A 98 -8.78 9.59 8.87
N GLN A 99 -9.19 8.39 8.45
CA GLN A 99 -8.31 7.23 8.49
C GLN A 99 -8.43 6.41 7.22
N ILE A 100 -7.32 5.81 6.80
CA ILE A 100 -7.30 4.99 5.59
C ILE A 100 -7.17 3.51 5.92
N GLU A 101 -8.04 2.69 5.33
CA GLU A 101 -8.02 1.25 5.56
C GLU A 101 -7.43 0.54 4.34
N VAL A 102 -6.30 -0.14 4.55
CA VAL A 102 -5.65 -0.85 3.45
C VAL A 102 -5.81 -2.37 3.58
N THR A 103 -5.96 -3.02 2.44
CA THR A 103 -6.13 -4.48 2.39
C THR A 103 -5.55 -5.04 1.10
N PHE A 104 -4.76 -6.11 1.22
CA PHE A 104 -4.14 -6.72 0.05
C PHE A 104 -4.35 -8.23 0.06
N ASP A 105 -4.72 -8.75 -1.10
CA ASP A 105 -4.93 -10.18 -1.27
C ASP A 105 -4.06 -10.74 -2.39
N ILE A 106 -3.29 -11.78 -2.09
CA ILE A 106 -2.41 -12.39 -3.08
C ILE A 106 -2.99 -13.70 -3.59
N ASP A 107 -2.99 -13.87 -4.91
CA ASP A 107 -3.52 -15.06 -5.54
C ASP A 107 -2.39 -15.96 -6.05
N ALA A 108 -2.73 -17.21 -6.34
CA ALA A 108 -1.75 -18.19 -6.82
C ALA A 108 -1.12 -17.73 -8.13
N ASP A 109 -1.93 -17.17 -9.02
CA ASP A 109 -1.44 -16.69 -10.32
C ASP A 109 -0.41 -15.58 -10.15
N GLY A 110 -0.29 -15.05 -8.94
CA GLY A 110 0.65 -13.99 -8.67
C GLY A 110 0.01 -12.62 -8.75
N ILE A 111 -1.25 -12.54 -8.36
CA ILE A 111 -2.00 -11.28 -8.37
C ILE A 111 -2.06 -10.66 -6.98
N LEU A 112 -2.27 -9.36 -6.93
CA LEU A 112 -2.35 -8.65 -5.67
C LEU A 112 -3.39 -7.54 -5.74
N HIS A 113 -4.36 -7.56 -4.83
CA HIS A 113 -5.40 -6.54 -4.81
C HIS A 113 -5.19 -5.56 -3.66
N VAL A 114 -4.76 -4.34 -3.99
CA VAL A 114 -4.53 -3.32 -2.98
C VAL A 114 -5.65 -2.29 -2.98
N SER A 115 -6.07 -1.87 -1.78
CA SER A 115 -7.15 -0.91 -1.66
C SER A 115 -6.98 0.02 -0.46
N ALA A 116 -7.40 1.28 -0.64
CA ALA A 116 -7.32 2.27 0.43
C ALA A 116 -8.68 2.97 0.57
N LYS A 117 -9.26 2.87 1.76
CA LYS A 117 -10.55 3.49 2.02
C LYS A 117 -10.39 4.74 2.88
N ASP A 118 -11.11 5.79 2.51
CA ASP A 118 -11.03 7.05 3.25
C ASP A 118 -12.26 7.23 4.13
N LYS A 119 -12.04 7.77 5.33
CA LYS A 119 -13.13 8.01 6.27
C LYS A 119 -13.49 9.49 6.31
N ASN A 120 -14.37 9.89 5.40
CA ASN A 120 -14.82 11.27 5.30
C ASN A 120 -15.97 11.39 4.30
N SER A 121 -16.01 10.44 3.37
CA SER A 121 -17.05 10.42 2.35
C SER A 121 -17.31 9.00 1.86
N GLY A 122 -16.27 8.17 1.91
CA GLY A 122 -16.40 6.78 1.47
C GLY A 122 -15.69 6.52 0.16
N LYS A 123 -14.49 7.07 0.02
CA LYS A 123 -13.71 6.90 -1.20
C LYS A 123 -12.80 5.67 -1.09
N GLU A 124 -13.13 4.64 -1.86
CA GLU A 124 -12.34 3.40 -1.86
C GLU A 124 -12.12 2.90 -3.28
N GLN A 125 -10.94 2.37 -3.54
CA GLN A 125 -10.60 1.86 -4.88
C GLN A 125 -9.55 0.77 -4.80
N LYS A 126 -9.72 -0.26 -5.64
CA LYS A 126 -8.78 -1.38 -5.68
C LYS A 126 -8.32 -1.64 -7.11
N ILE A 127 -7.15 -2.27 -7.25
CA ILE A 127 -6.60 -2.59 -8.55
C ILE A 127 -5.93 -3.96 -8.54
N THR A 128 -5.65 -4.49 -9.73
CA THR A 128 -5.02 -5.80 -9.84
C THR A 128 -3.59 -5.68 -10.36
N ILE A 129 -2.67 -6.40 -9.71
CA ILE A 129 -1.27 -6.38 -10.11
C ILE A 129 -0.69 -7.79 -10.16
N LYS A 130 -0.03 -8.12 -11.26
CA LYS A 130 0.57 -9.44 -11.43
C LYS A 130 1.98 -9.47 -10.84
N ALA A 131 2.16 -8.81 -9.70
CA ALA A 131 3.45 -8.75 -9.02
C ALA A 131 4.53 -8.16 -9.93
N SER A 132 5.43 -9.02 -10.43
CA SER A 132 6.51 -8.57 -11.31
C SER A 132 6.28 -9.02 -12.75
N SER A 133 6.93 -10.12 -13.13
CA SER A 133 6.79 -10.65 -14.48
C SER A 133 7.28 -12.10 -14.56
N GLY A 134 8.59 -12.27 -14.45
CA GLY A 134 9.17 -13.61 -14.52
C GLY A 134 9.26 -14.14 -15.92
N LEU A 135 10.23 -13.66 -16.68
CA LEU A 135 10.42 -14.09 -18.06
C LEU A 135 11.11 -15.46 -18.11
N ASN B 1 1.55 2.95 12.39
CA ASN B 1 2.83 3.46 12.92
C ASN B 1 3.35 4.61 12.06
N ARG B 2 3.69 4.30 10.82
CA ARG B 2 4.21 5.31 9.90
C ARG B 2 3.10 5.86 9.00
N LEU B 3 2.87 7.16 9.09
CA LEU B 3 1.83 7.82 8.30
C LEU B 3 2.10 7.65 6.81
N LEU B 4 1.05 7.71 6.00
CA LEU B 4 1.17 7.57 4.56
C LEU B 4 1.84 8.80 3.94
N LEU B 5 1.42 9.98 4.40
CA LEU B 5 1.97 11.25 3.93
C LEU B 5 1.67 11.50 2.44
N THR B 6 1.26 10.45 1.73
CA THR B 6 0.95 10.55 0.31
C THR B 6 2.19 10.89 -0.52
N GLY B 7 2.68 12.12 -0.40
CA GLY B 7 3.85 12.53 -1.14
C GLY B 7 3.66 13.85 -1.84
N ASP A 21 5.39 -23.43 -1.31
CA ASP A 21 4.19 -22.93 -0.59
C ASP A 21 4.50 -21.64 0.17
N VAL A 22 5.28 -20.77 -0.45
CA VAL A 22 5.64 -19.50 0.16
C VAL A 22 5.64 -18.37 -0.86
N THR A 23 5.76 -17.14 -0.38
CA THR A 23 5.77 -15.97 -1.26
C THR A 23 7.00 -15.98 -2.17
N PRO A 24 6.83 -15.58 -3.45
CA PRO A 24 7.92 -15.54 -4.41
C PRO A 24 8.88 -14.39 -4.14
N LEU A 25 8.37 -13.34 -3.50
CA LEU A 25 9.18 -12.17 -3.18
C LEU A 25 8.46 -11.27 -2.18
N SER A 26 9.19 -10.33 -1.61
CA SER A 26 8.65 -9.40 -0.64
C SER A 26 7.49 -8.60 -1.24
N LEU A 27 6.76 -7.89 -0.37
CA LEU A 27 5.63 -7.08 -0.79
C LEU A 27 5.28 -6.08 0.32
N GLY A 28 5.12 -4.82 -0.05
CA GLY A 28 4.83 -3.81 0.94
C GLY A 28 4.36 -2.49 0.33
N ILE A 29 3.89 -1.59 1.20
CA ILE A 29 3.42 -0.28 0.76
C ILE A 29 4.48 0.79 1.02
N GLU A 30 4.29 1.97 0.45
CA GLU A 30 5.24 3.04 0.63
C GLU A 30 4.59 4.15 1.42
N THR A 31 5.09 4.38 2.62
CA THR A 31 4.53 5.40 3.49
C THR A 31 5.42 6.65 3.52
N MET A 32 4.87 7.74 4.04
CA MET A 32 5.60 9.00 4.12
C MET A 32 6.03 9.46 2.74
N GLY A 33 5.43 8.85 1.71
CA GLY A 33 5.75 9.20 0.34
C GLY A 33 7.23 9.06 0.02
N GLY A 34 7.64 7.85 -0.35
CA GLY A 34 9.04 7.64 -0.71
C GLY A 34 9.75 6.59 0.14
N VAL A 35 9.05 6.06 1.15
CA VAL A 35 9.65 5.04 2.02
C VAL A 35 9.08 3.66 1.71
N MET A 36 9.79 2.61 2.08
CA MET A 36 9.33 1.25 1.83
C MET A 36 8.82 0.59 3.12
N THR A 37 7.62 0.03 3.03
CA THR A 37 6.99 -0.66 4.15
C THR A 37 6.67 -2.08 3.70
N THR A 38 6.48 -3.00 4.63
CA THR A 38 6.19 -4.38 4.27
C THR A 38 4.87 -4.86 4.86
N LEU A 39 4.10 -5.58 4.03
CA LEU A 39 2.82 -6.13 4.45
C LEU A 39 2.78 -7.63 4.19
N ILE A 40 3.31 -8.04 3.03
CA ILE A 40 3.37 -9.46 2.67
C ILE A 40 4.73 -9.81 2.04
N ALA A 41 5.77 -9.75 2.87
CA ALA A 41 7.13 -10.06 2.41
C ALA A 41 7.33 -11.56 2.27
N LYS A 42 8.48 -11.95 1.73
CA LYS A 42 8.79 -13.37 1.53
C LYS A 42 8.67 -14.14 2.84
N ASN A 43 8.86 -15.46 2.77
CA ASN A 43 8.79 -16.35 3.93
C ASN A 43 7.34 -16.58 4.39
N THR A 44 6.44 -15.69 4.02
CA THR A 44 5.04 -15.81 4.40
C THR A 44 4.27 -16.70 3.40
N THR A 45 2.94 -16.74 3.54
CA THR A 45 2.11 -17.55 2.65
C THR A 45 1.47 -16.70 1.57
N ILE A 46 1.29 -17.29 0.40
CA ILE A 46 0.69 -16.57 -0.73
C ILE A 46 -0.75 -16.14 -0.39
N PRO A 47 -1.63 -17.07 0.02
CA PRO A 47 -3.02 -16.74 0.37
C PRO A 47 -3.10 -15.95 1.66
N THR A 48 -2.81 -14.65 1.57
CA THR A 48 -2.84 -13.77 2.72
C THR A 48 -3.75 -12.57 2.50
N LYS A 49 -4.08 -11.87 3.58
CA LYS A 49 -4.94 -10.70 3.52
C LYS A 49 -4.71 -9.86 4.77
N HIS A 50 -4.05 -8.71 4.61
CA HIS A 50 -3.77 -7.83 5.74
C HIS A 50 -4.67 -6.61 5.73
N SER A 51 -5.55 -6.54 6.73
CA SER A 51 -6.47 -5.43 6.85
C SER A 51 -6.07 -4.52 8.01
N GLN A 52 -5.47 -3.39 7.69
CA GLN A 52 -5.03 -2.43 8.70
C GLN A 52 -5.34 -1.01 8.24
N VAL A 53 -5.83 -0.19 9.16
CA VAL A 53 -6.17 1.18 8.83
C VAL A 53 -5.13 2.16 9.35
N PHE A 54 -4.28 2.65 8.45
CA PHE A 54 -3.26 3.62 8.81
C PHE A 54 -2.64 4.29 7.59
N SER A 55 -3.07 5.51 7.31
CA SER A 55 -2.52 6.25 6.18
C SER A 55 -3.00 7.70 6.16
N THR A 56 -2.18 8.62 6.67
CA THR A 56 -2.51 10.04 6.65
C THR A 56 -1.30 10.87 7.03
N ALA A 57 -0.95 11.83 6.19
CA ALA A 57 0.17 12.70 6.50
C ALA A 57 0.08 14.00 5.71
N GLU A 58 0.73 15.04 6.22
CA GLU A 58 0.72 16.35 5.59
C GLU A 58 -0.72 16.89 5.53
N ASP A 59 -1.03 17.81 6.43
CA ASP A 59 -2.36 18.41 6.50
C ASP A 59 -2.85 18.86 5.13
N ASN A 60 -4.12 18.58 4.83
CA ASN A 60 -4.75 18.95 3.57
C ASN A 60 -4.33 18.01 2.43
N GLN A 61 -3.99 16.78 2.79
CA GLN A 61 -3.61 15.79 1.79
C GLN A 61 -4.85 15.05 1.34
N SER A 62 -5.78 15.78 0.74
CA SER A 62 -7.03 15.21 0.26
C SER A 62 -6.76 13.93 -0.54
N ALA A 63 -5.55 13.83 -1.05
CA ALA A 63 -5.16 12.66 -1.82
C ALA A 63 -4.16 11.81 -1.05
N VAL A 64 -4.43 10.51 -0.98
CA VAL A 64 -3.55 9.59 -0.28
C VAL A 64 -2.74 8.79 -1.31
N THR A 65 -1.44 8.67 -1.09
CA THR A 65 -0.58 7.95 -2.03
C THR A 65 -0.21 6.57 -1.52
N ILE A 66 -0.80 5.55 -2.13
CA ILE A 66 -0.49 4.18 -1.77
C ILE A 66 0.41 3.58 -2.82
N HIS A 67 1.68 3.50 -2.49
CA HIS A 67 2.65 2.94 -3.42
C HIS A 67 3.02 1.55 -2.96
N VAL A 68 2.98 0.61 -3.89
CA VAL A 68 3.29 -0.75 -3.57
C VAL A 68 4.71 -1.07 -3.95
N LEU A 69 5.55 -1.13 -2.93
CA LEU A 69 6.96 -1.42 -3.08
C LEU A 69 7.25 -2.78 -2.49
N GLN A 70 7.70 -3.72 -3.32
CA GLN A 70 7.96 -5.08 -2.85
C GLN A 70 9.44 -5.38 -2.74
N GLY A 71 9.95 -5.33 -1.52
CA GLY A 71 11.34 -5.64 -1.27
C GLY A 71 11.66 -5.71 0.21
N GLU A 72 12.76 -6.38 0.54
CA GLU A 72 13.19 -6.48 1.92
C GLU A 72 14.62 -5.96 2.05
N ARG A 73 14.73 -4.72 2.53
CA ARG A 73 16.03 -4.08 2.70
C ARG A 73 15.90 -2.80 3.53
N LYS A 74 17.02 -2.28 3.98
CA LYS A 74 17.03 -1.06 4.79
C LYS A 74 16.73 0.16 3.91
N ARG A 75 16.96 0.03 2.61
CA ARG A 75 16.73 1.13 1.67
C ARG A 75 15.77 0.71 0.57
N ALA A 76 14.89 1.63 0.17
CA ALA A 76 13.92 1.36 -0.89
C ALA A 76 14.45 1.79 -2.25
N ALA A 77 13.60 1.72 -3.26
CA ALA A 77 13.98 2.11 -4.62
C ALA A 77 15.11 1.23 -5.13
N ASP A 78 15.41 0.17 -4.39
CA ASP A 78 16.47 -0.74 -4.77
C ASP A 78 15.93 -2.17 -4.76
N ASN A 79 14.60 -2.28 -4.78
CA ASN A 79 13.93 -3.56 -4.76
C ASN A 79 13.07 -3.75 -6.02
N LYS A 80 11.78 -3.48 -5.90
CA LYS A 80 10.86 -3.61 -7.03
C LYS A 80 9.57 -2.85 -6.76
N SER A 81 9.42 -1.70 -7.41
CA SER A 81 8.23 -0.89 -7.25
C SER A 81 7.03 -1.53 -7.95
N LEU A 82 6.21 -2.24 -7.19
CA LEU A 82 5.04 -2.91 -7.74
C LEU A 82 4.20 -1.97 -8.60
N GLY A 83 3.61 -0.96 -7.96
CA GLY A 83 2.77 -0.02 -8.68
C GLY A 83 2.44 1.22 -7.86
N GLN A 84 1.89 2.25 -8.51
CA GLN A 84 1.52 3.47 -7.80
C GLN A 84 0.03 3.79 -8.00
N PHE A 85 -0.63 4.23 -6.94
CA PHE A 85 -2.06 4.56 -7.02
C PHE A 85 -2.32 5.93 -6.41
N ASN A 86 -3.24 6.67 -7.01
CA ASN A 86 -3.59 8.01 -6.55
C ASN A 86 -4.99 8.04 -5.95
N LEU A 87 -5.07 8.30 -4.64
CA LEU A 87 -6.35 8.36 -3.95
C LEU A 87 -6.76 9.80 -3.67
N ASP A 88 -8.02 10.00 -3.31
CA ASP A 88 -8.54 11.33 -3.01
C ASP A 88 -9.74 11.23 -2.05
N GLY A 89 -10.00 12.30 -1.32
CA GLY A 89 -11.13 12.30 -0.39
C GLY A 89 -10.71 12.41 1.06
N ILE A 90 -9.86 13.40 1.38
CA ILE A 90 -9.40 13.61 2.75
C ILE A 90 -8.93 15.04 2.90
N ASN A 91 -9.79 15.99 2.55
CA ASN A 91 -9.45 17.40 2.64
C ASN A 91 -8.73 17.71 3.96
N PRO A 92 -9.33 17.35 5.12
CA PRO A 92 -8.72 17.58 6.42
C PRO A 92 -7.87 16.38 6.86
N ALA A 93 -6.70 16.24 6.24
CA ALA A 93 -5.81 15.12 6.55
C ALA A 93 -4.52 15.59 7.23
N PRO A 94 -4.57 15.93 8.52
CA PRO A 94 -3.40 16.39 9.27
C PRO A 94 -2.69 15.25 10.01
N ARG A 95 -2.44 14.14 9.30
CA ARG A 95 -1.76 12.98 9.88
C ARG A 95 -2.30 12.65 11.27
N GLY A 96 -3.24 11.71 11.33
CA GLY A 96 -3.81 11.31 12.61
C GLY A 96 -5.33 11.20 12.60
N MET A 97 -6.00 12.34 12.63
CA MET A 97 -7.47 12.38 12.65
C MET A 97 -8.07 11.37 11.66
N PRO A 98 -7.72 11.47 10.35
CA PRO A 98 -8.22 10.55 9.34
C PRO A 98 -7.27 9.37 9.13
N GLN A 99 -7.73 8.37 8.39
CA GLN A 99 -6.89 7.19 8.15
C GLN A 99 -7.43 6.36 6.99
N ILE A 100 -6.52 5.68 6.30
CA ILE A 100 -6.89 4.84 5.17
C ILE A 100 -6.81 3.36 5.55
N GLU A 101 -7.71 2.56 4.99
CA GLU A 101 -7.74 1.13 5.27
C GLU A 101 -7.15 0.36 4.11
N VAL A 102 -6.18 -0.50 4.41
CA VAL A 102 -5.53 -1.29 3.38
C VAL A 102 -6.00 -2.74 3.41
N THR A 103 -5.77 -3.44 2.30
CA THR A 103 -6.14 -4.84 2.17
C THR A 103 -5.35 -5.48 1.03
N PHE A 104 -4.38 -6.31 1.38
CA PHE A 104 -3.53 -6.96 0.37
C PHE A 104 -3.87 -8.43 0.25
N ASP A 105 -4.33 -8.83 -0.93
CA ASP A 105 -4.66 -10.23 -1.19
C ASP A 105 -3.80 -10.79 -2.31
N ILE A 106 -2.90 -11.70 -1.97
CA ILE A 106 -2.01 -12.30 -2.96
C ILE A 106 -2.47 -13.72 -3.31
N ASP A 107 -2.52 -14.01 -4.61
CA ASP A 107 -2.95 -15.33 -5.07
C ASP A 107 -1.76 -16.12 -5.64
N ALA A 108 -1.90 -17.44 -5.67
CA ALA A 108 -0.83 -18.31 -6.19
C ALA A 108 -0.51 -17.98 -7.64
N ASP A 109 -1.43 -17.31 -8.31
CA ASP A 109 -1.24 -16.93 -9.71
C ASP A 109 -0.40 -15.66 -9.81
N GLY A 110 0.22 -15.28 -8.70
CA GLY A 110 1.04 -14.08 -8.69
C GLY A 110 0.21 -12.81 -8.77
N ILE A 111 -1.01 -12.88 -8.27
CA ILE A 111 -1.91 -11.73 -8.28
C ILE A 111 -1.89 -11.00 -6.95
N LEU A 112 -2.25 -9.73 -6.97
CA LEU A 112 -2.27 -8.90 -5.77
C LEU A 112 -3.39 -7.88 -5.85
N HIS A 113 -4.06 -7.64 -4.73
CA HIS A 113 -5.15 -6.67 -4.69
C HIS A 113 -4.90 -5.61 -3.62
N VAL A 114 -4.77 -4.36 -4.05
CA VAL A 114 -4.54 -3.26 -3.13
C VAL A 114 -5.76 -2.34 -3.08
N SER A 115 -6.20 -2.00 -1.88
CA SER A 115 -7.37 -1.14 -1.71
C SER A 115 -7.19 -0.13 -0.59
N ALA A 116 -7.24 1.14 -0.94
CA ALA A 116 -7.11 2.22 0.04
C ALA A 116 -8.47 2.88 0.27
N LYS A 117 -8.97 2.77 1.49
CA LYS A 117 -10.27 3.34 1.83
C LYS A 117 -10.12 4.62 2.65
N ASP A 118 -11.03 5.56 2.44
CA ASP A 118 -10.99 6.82 3.17
C ASP A 118 -12.05 6.85 4.26
N LYS A 119 -11.65 7.25 5.46
CA LYS A 119 -12.57 7.32 6.59
C LYS A 119 -12.98 8.76 6.86
N ASN A 120 -13.96 9.24 6.10
CA ASN A 120 -14.47 10.59 6.23
C ASN A 120 -15.65 10.82 5.30
N SER A 121 -15.74 9.99 4.27
CA SER A 121 -16.83 10.10 3.29
C SER A 121 -17.17 8.74 2.69
N GLY A 122 -16.14 7.96 2.37
CA GLY A 122 -16.36 6.64 1.79
C GLY A 122 -15.65 6.45 0.48
N LYS A 123 -14.73 7.35 0.15
CA LYS A 123 -13.97 7.27 -1.09
C LYS A 123 -12.94 6.14 -1.02
N GLU A 124 -12.99 5.24 -2.00
CA GLU A 124 -12.05 4.12 -2.03
C GLU A 124 -11.91 3.57 -3.45
N GLN A 125 -10.75 3.00 -3.74
CA GLN A 125 -10.48 2.42 -5.06
C GLN A 125 -9.52 1.24 -4.94
N LYS A 126 -9.82 0.16 -5.68
CA LYS A 126 -8.98 -1.04 -5.65
C LYS A 126 -8.43 -1.37 -7.02
N ILE A 127 -7.23 -1.95 -7.05
CA ILE A 127 -6.58 -2.34 -8.30
C ILE A 127 -5.97 -3.73 -8.18
N THR A 128 -5.66 -4.33 -9.33
CA THR A 128 -5.07 -5.66 -9.36
C THR A 128 -3.64 -5.60 -9.88
N ILE A 129 -2.81 -6.54 -9.46
CA ILE A 129 -1.41 -6.57 -9.89
C ILE A 129 -0.92 -7.99 -10.15
N LYS A 130 -0.75 -8.32 -11.43
CA LYS A 130 -0.27 -9.64 -11.81
C LYS A 130 1.25 -9.61 -11.96
N ALA A 131 1.93 -9.15 -10.91
CA ALA A 131 3.38 -9.03 -10.91
C ALA A 131 4.06 -10.40 -10.87
N SER A 132 5.14 -10.51 -10.09
CA SER A 132 5.89 -11.75 -9.96
C SER A 132 4.97 -12.95 -9.76
N SER A 133 5.24 -14.02 -10.49
CA SER A 133 4.45 -15.24 -10.42
C SER A 133 5.34 -16.47 -10.58
N GLY A 134 4.71 -17.61 -10.86
CA GLY A 134 5.46 -18.84 -11.04
C GLY A 134 4.85 -19.74 -12.10
N LEU A 135 3.84 -19.23 -12.80
CA LEU A 135 3.17 -20.00 -13.84
C LEU A 135 3.27 -19.28 -15.19
N ASN B 1 4.23 2.54 9.09
CA ASN B 1 3.70 3.40 10.19
C ASN B 1 4.38 4.75 10.20
N ARG B 2 4.64 5.31 9.02
CA ARG B 2 5.28 6.60 8.90
C ARG B 2 4.31 7.64 8.36
N LEU B 3 3.11 7.18 7.99
CA LEU B 3 2.08 8.05 7.45
C LEU B 3 2.49 8.65 6.11
N LEU B 4 1.80 8.25 5.06
CA LEU B 4 2.10 8.74 3.71
C LEU B 4 1.60 10.16 3.50
N LEU B 5 2.50 11.02 3.01
CA LEU B 5 2.17 12.42 2.76
C LEU B 5 2.25 12.74 1.27
N THR B 6 2.24 11.70 0.44
CA THR B 6 2.32 11.86 -1.01
C THR B 6 3.59 12.61 -1.41
N GLY B 7 3.72 12.87 -2.71
CA GLY B 7 4.90 13.57 -3.21
C GLY B 7 4.64 15.05 -3.41
N ASP A 21 5.09 -23.06 -1.35
CA ASP A 21 5.91 -22.23 -2.26
C ASP A 21 6.07 -20.81 -1.73
N VAL A 22 5.04 -20.32 -1.04
CA VAL A 22 5.04 -18.98 -0.47
C VAL A 22 5.37 -17.91 -1.51
N THR A 23 5.36 -16.65 -1.08
CA THR A 23 5.66 -15.54 -1.98
C THR A 23 7.10 -15.60 -2.47
N PRO A 24 7.32 -15.28 -3.77
CA PRO A 24 8.66 -15.30 -4.37
C PRO A 24 9.47 -14.05 -4.07
N LEU A 25 8.90 -13.15 -3.26
CA LEU A 25 9.59 -11.92 -2.91
C LEU A 25 8.88 -11.22 -1.76
N SER A 26 9.55 -10.23 -1.18
CA SER A 26 8.99 -9.48 -0.07
C SER A 26 8.09 -8.34 -0.58
N LEU A 27 6.81 -8.42 -0.27
CA LEU A 27 5.85 -7.41 -0.69
C LEU A 27 5.54 -6.46 0.47
N GLY A 28 5.40 -5.18 0.13
CA GLY A 28 5.12 -4.17 1.14
C GLY A 28 4.68 -2.85 0.53
N ILE A 29 4.21 -1.93 1.36
CA ILE A 29 3.78 -0.63 0.85
C ILE A 29 4.81 0.45 1.17
N GLU A 30 4.66 1.62 0.56
CA GLU A 30 5.57 2.72 0.77
C GLU A 30 4.85 3.82 1.51
N THR A 31 5.39 4.21 2.66
CA THR A 31 4.77 5.24 3.46
C THR A 31 5.52 6.56 3.31
N MET A 32 4.85 7.66 3.61
CA MET A 32 5.44 8.99 3.49
C MET A 32 5.87 9.25 2.05
N GLY A 33 5.44 8.36 1.16
CA GLY A 33 5.77 8.49 -0.25
C GLY A 33 7.26 8.62 -0.49
N GLY A 34 7.98 7.50 -0.38
CA GLY A 34 9.42 7.55 -0.60
C GLY A 34 10.17 6.34 -0.04
N VAL A 35 9.75 5.85 1.13
CA VAL A 35 10.42 4.71 1.74
C VAL A 35 9.60 3.43 1.56
N MET A 36 10.23 2.28 1.80
CA MET A 36 9.54 0.99 1.65
C MET A 36 9.17 0.39 3.00
N THR A 37 8.01 -0.24 3.01
CA THR A 37 7.48 -0.91 4.20
C THR A 37 7.15 -2.35 3.82
N THR A 38 6.93 -3.21 4.80
CA THR A 38 6.63 -4.60 4.50
C THR A 38 5.24 -5.02 4.97
N LEU A 39 4.49 -5.63 4.05
CA LEU A 39 3.15 -6.12 4.34
C LEU A 39 3.09 -7.63 4.13
N ILE A 40 3.43 -8.07 2.93
CA ILE A 40 3.46 -9.50 2.60
C ILE A 40 4.86 -9.90 2.12
N ALA A 41 5.85 -9.67 2.99
CA ALA A 41 7.24 -10.00 2.68
C ALA A 41 7.44 -11.49 2.44
N LYS A 42 8.58 -11.84 1.85
CA LYS A 42 8.89 -13.24 1.56
C LYS A 42 8.61 -14.12 2.77
N ASN A 43 8.49 -15.43 2.51
CA ASN A 43 8.21 -16.41 3.56
C ASN A 43 6.80 -16.24 4.12
N THR A 44 5.84 -15.97 3.23
CA THR A 44 4.45 -15.79 3.63
C THR A 44 3.53 -16.61 2.73
N THR A 45 2.36 -16.99 3.26
CA THR A 45 1.41 -17.78 2.49
C THR A 45 0.81 -16.95 1.37
N ILE A 46 0.83 -17.50 0.15
CA ILE A 46 0.30 -16.81 -1.01
C ILE A 46 -1.09 -16.24 -0.72
N PRO A 47 -2.04 -17.08 -0.25
CA PRO A 47 -3.40 -16.61 0.07
C PRO A 47 -3.41 -15.77 1.34
N THR A 48 -2.91 -14.54 1.23
CA THR A 48 -2.85 -13.63 2.36
C THR A 48 -3.64 -12.36 2.11
N LYS A 49 -4.01 -11.68 3.19
CA LYS A 49 -4.78 -10.43 3.11
C LYS A 49 -4.73 -9.70 4.45
N HIS A 50 -4.76 -8.38 4.42
CA HIS A 50 -4.71 -7.61 5.66
C HIS A 50 -5.19 -6.17 5.45
N SER A 51 -6.01 -5.70 6.38
CA SER A 51 -6.54 -4.34 6.31
C SER A 51 -6.04 -3.53 7.51
N GLN A 52 -5.08 -2.64 7.26
CA GLN A 52 -4.54 -1.80 8.32
C GLN A 52 -5.02 -0.37 8.18
N VAL A 53 -5.20 0.31 9.31
CA VAL A 53 -5.66 1.69 9.31
C VAL A 53 -4.57 2.67 9.72
N PHE A 54 -4.15 3.50 8.79
CA PHE A 54 -3.11 4.49 9.05
C PHE A 54 -3.57 5.88 8.62
N SER A 55 -2.85 6.91 9.06
CA SER A 55 -3.21 8.30 8.72
C SER A 55 -2.26 8.85 7.65
N THR A 56 -2.66 9.98 7.06
CA THR A 56 -1.85 10.63 6.03
C THR A 56 -1.16 11.87 6.58
N ALA A 57 -0.20 12.39 5.83
CA ALA A 57 0.52 13.57 6.23
C ALA A 57 0.24 14.72 5.28
N GLU A 58 0.61 15.92 5.72
CA GLU A 58 0.39 17.13 4.94
C GLU A 58 -1.09 17.42 4.77
N ASP A 59 -1.64 18.19 5.70
CA ASP A 59 -3.05 18.55 5.68
C ASP A 59 -3.47 19.04 4.30
N ASN A 60 -4.73 18.76 3.93
CA ASN A 60 -5.28 19.15 2.64
C ASN A 60 -4.96 18.12 1.57
N GLN A 61 -4.36 17.01 2.00
CA GLN A 61 -4.03 15.94 1.07
C GLN A 61 -5.32 15.33 0.54
N SER A 62 -5.80 15.91 -0.55
CA SER A 62 -7.05 15.46 -1.14
C SER A 62 -6.95 14.02 -1.67
N ALA A 63 -5.87 13.34 -1.30
CA ALA A 63 -5.65 11.97 -1.74
C ALA A 63 -4.56 11.32 -0.90
N VAL A 64 -4.64 10.00 -0.74
CA VAL A 64 -3.65 9.26 0.01
C VAL A 64 -2.73 8.54 -0.96
N THR A 65 -1.49 8.30 -0.54
CA THR A 65 -0.54 7.64 -1.41
C THR A 65 -0.32 6.20 -1.02
N ILE A 66 -0.90 5.30 -1.79
CA ILE A 66 -0.72 3.88 -1.55
C ILE A 66 0.23 3.36 -2.59
N HIS A 67 1.47 3.19 -2.18
CA HIS A 67 2.50 2.71 -3.06
C HIS A 67 2.85 1.29 -2.67
N VAL A 68 2.87 0.40 -3.64
CA VAL A 68 3.18 -0.96 -3.37
C VAL A 68 4.62 -1.26 -3.76
N LEU A 69 5.45 -1.36 -2.73
CA LEU A 69 6.86 -1.62 -2.89
C LEU A 69 7.16 -3.05 -2.46
N GLN A 70 7.63 -3.87 -3.38
CA GLN A 70 7.93 -5.26 -3.05
C GLN A 70 9.42 -5.54 -3.09
N GLY A 71 10.02 -5.49 -1.90
CA GLY A 71 11.43 -5.79 -1.78
C GLY A 71 11.90 -5.77 -0.34
N GLU A 72 13.10 -6.30 -0.12
CA GLU A 72 13.69 -6.30 1.21
C GLU A 72 15.02 -5.53 1.18
N ARG A 73 14.98 -4.28 1.66
CA ARG A 73 16.16 -3.43 1.67
C ARG A 73 16.06 -2.38 2.79
N LYS A 74 17.18 -1.74 3.08
CA LYS A 74 17.23 -0.71 4.12
C LYS A 74 16.24 0.42 3.82
N ARG A 75 16.10 0.76 2.54
CA ARG A 75 15.18 1.81 2.12
C ARG A 75 14.71 1.60 0.68
N ALA A 76 13.62 2.27 0.31
CA ALA A 76 13.06 2.15 -1.03
C ALA A 76 13.83 3.00 -2.03
N ALA A 77 14.95 2.47 -2.50
CA ALA A 77 15.78 3.18 -3.47
C ALA A 77 16.40 2.22 -4.47
N ASP A 78 15.98 0.96 -4.41
CA ASP A 78 16.52 -0.05 -5.33
C ASP A 78 15.74 -1.36 -5.24
N ASN A 79 14.47 -1.28 -4.84
CA ASN A 79 13.63 -2.47 -4.71
C ASN A 79 12.56 -2.49 -5.80
N LYS A 80 11.99 -3.67 -6.04
CA LYS A 80 10.96 -3.84 -7.05
C LYS A 80 9.71 -3.02 -6.70
N SER A 81 9.50 -1.95 -7.46
CA SER A 81 8.35 -1.08 -7.25
C SER A 81 7.12 -1.66 -7.95
N LEU A 82 6.20 -2.23 -7.17
CA LEU A 82 5.00 -2.83 -7.73
C LEU A 82 4.19 -1.80 -8.52
N GLY A 83 3.55 -0.87 -7.81
CA GLY A 83 2.74 0.13 -8.47
C GLY A 83 2.34 1.28 -7.56
N GLN A 84 1.82 2.35 -8.14
CA GLN A 84 1.39 3.52 -7.36
C GLN A 84 -0.08 3.80 -7.60
N PHE A 85 -0.80 4.19 -6.54
CA PHE A 85 -2.22 4.49 -6.66
C PHE A 85 -2.56 5.84 -6.07
N ASN A 86 -3.64 6.43 -6.57
CA ASN A 86 -4.08 7.74 -6.10
C ASN A 86 -5.53 7.69 -5.62
N LEU A 87 -5.70 7.78 -4.31
CA LEU A 87 -7.03 7.75 -3.71
C LEU A 87 -7.46 9.15 -3.30
N ASP A 88 -8.42 9.73 -4.03
CA ASP A 88 -8.88 11.08 -3.72
C ASP A 88 -10.21 11.06 -2.97
N GLY A 89 -10.28 11.91 -1.96
CA GLY A 89 -11.48 12.02 -1.14
C GLY A 89 -11.14 12.46 0.27
N ILE A 90 -10.12 13.31 0.38
CA ILE A 90 -9.67 13.83 1.67
C ILE A 90 -9.16 15.25 1.50
N ASN A 91 -9.80 15.99 0.62
CA ASN A 91 -9.39 17.36 0.34
C ASN A 91 -9.33 18.20 1.62
N PRO A 92 -10.43 18.32 2.38
CA PRO A 92 -10.48 19.09 3.61
C PRO A 92 -10.24 18.23 4.84
N ALA A 93 -8.98 17.92 5.11
CA ALA A 93 -8.64 17.09 6.27
C ALA A 93 -7.25 17.41 6.80
N PRO A 94 -7.17 18.09 7.96
CA PRO A 94 -5.92 18.45 8.59
C PRO A 94 -5.44 17.41 9.60
N ARG A 95 -4.85 16.33 9.10
CA ARG A 95 -4.36 15.25 9.96
C ARG A 95 -5.51 14.55 10.67
N GLY A 96 -5.37 13.25 10.88
CA GLY A 96 -6.41 12.49 11.55
C GLY A 96 -7.66 12.34 10.70
N MET A 97 -7.47 12.28 9.38
CA MET A 97 -8.59 12.13 8.45
C MET A 97 -9.45 10.93 8.83
N PRO A 98 -10.67 10.82 8.25
CA PRO A 98 -11.58 9.71 8.52
C PRO A 98 -10.86 8.40 8.81
N GLN A 99 -10.60 7.61 7.77
CA GLN A 99 -9.90 6.34 7.96
C GLN A 99 -9.39 5.77 6.64
N ILE A 100 -8.07 5.54 6.56
CA ILE A 100 -7.46 4.97 5.36
C ILE A 100 -7.10 3.50 5.62
N GLU A 101 -7.90 2.59 5.05
CA GLU A 101 -7.67 1.17 5.24
C GLU A 101 -7.08 0.54 3.97
N VAL A 102 -5.94 -0.13 4.12
CA VAL A 102 -5.29 -0.76 2.98
C VAL A 102 -5.35 -2.29 3.06
N THR A 103 -5.88 -2.91 2.00
CA THR A 103 -6.01 -4.36 1.93
C THR A 103 -5.29 -4.90 0.70
N PHE A 104 -4.74 -6.11 0.82
CA PHE A 104 -4.00 -6.72 -0.29
C PHE A 104 -4.07 -8.23 -0.22
N ASP A 105 -4.54 -8.84 -1.30
CA ASP A 105 -4.63 -10.28 -1.38
C ASP A 105 -3.71 -10.81 -2.48
N ILE A 106 -2.90 -11.81 -2.14
CA ILE A 106 -1.97 -12.40 -3.10
C ILE A 106 -2.49 -13.73 -3.61
N ASP A 107 -2.44 -13.92 -4.92
CA ASP A 107 -2.91 -15.16 -5.54
C ASP A 107 -1.75 -15.96 -6.11
N ALA A 108 -1.99 -17.24 -6.35
CA ALA A 108 -0.97 -18.13 -6.90
C ALA A 108 -0.50 -17.65 -8.28
N ASP A 109 -1.37 -16.93 -8.98
CA ASP A 109 -1.04 -16.42 -10.31
C ASP A 109 -0.24 -15.13 -10.20
N GLY A 110 0.27 -14.85 -9.01
CA GLY A 110 1.06 -13.65 -8.80
C GLY A 110 0.22 -12.39 -8.82
N ILE A 111 -1.06 -12.53 -8.48
CA ILE A 111 -1.98 -11.40 -8.45
C ILE A 111 -1.98 -10.73 -7.08
N LEU A 112 -2.21 -9.43 -7.06
CA LEU A 112 -2.24 -8.68 -5.82
C LEU A 112 -3.06 -7.40 -5.99
N HIS A 113 -4.23 -7.36 -5.35
CA HIS A 113 -5.10 -6.20 -5.43
C HIS A 113 -5.04 -5.38 -4.14
N VAL A 114 -4.63 -4.13 -4.27
CA VAL A 114 -4.53 -3.23 -3.13
C VAL A 114 -5.67 -2.22 -3.13
N SER A 115 -6.24 -1.96 -1.95
CA SER A 115 -7.35 -1.02 -1.84
C SER A 115 -7.25 -0.14 -0.60
N ALA A 116 -7.37 1.16 -0.79
CA ALA A 116 -7.35 2.11 0.33
C ALA A 116 -8.69 2.82 0.42
N LYS A 117 -9.26 2.81 1.61
CA LYS A 117 -10.55 3.46 1.84
C LYS A 117 -10.35 4.77 2.58
N ASP A 118 -10.95 5.84 2.09
CA ASP A 118 -10.83 7.15 2.73
C ASP A 118 -12.13 7.91 2.63
N LYS A 119 -12.89 7.88 3.71
CA LYS A 119 -14.14 8.59 3.75
C LYS A 119 -14.75 8.58 5.13
N ASN A 120 -15.68 9.49 5.34
CA ASN A 120 -16.41 9.56 6.60
C ASN A 120 -17.20 8.27 6.74
N SER A 121 -17.43 7.64 5.58
CA SER A 121 -18.14 6.37 5.51
C SER A 121 -17.21 5.28 5.00
N GLY A 122 -16.56 5.53 3.86
CA GLY A 122 -15.63 4.56 3.32
C GLY A 122 -15.49 4.59 1.80
N LYS A 123 -14.60 5.46 1.29
CA LYS A 123 -14.35 5.53 -0.15
C LYS A 123 -13.12 4.70 -0.51
N GLU A 124 -13.35 3.52 -1.07
CA GLU A 124 -12.23 2.63 -1.42
C GLU A 124 -12.21 2.29 -2.90
N GLN A 125 -11.01 2.06 -3.42
CA GLN A 125 -10.80 1.70 -4.82
C GLN A 125 -9.67 0.68 -4.92
N LYS A 126 -9.92 -0.43 -5.61
CA LYS A 126 -8.91 -1.48 -5.76
C LYS A 126 -8.52 -1.69 -7.21
N ILE A 127 -7.29 -2.19 -7.40
CA ILE A 127 -6.76 -2.47 -8.74
C ILE A 127 -6.06 -3.83 -8.74
N THR A 128 -5.86 -4.39 -9.92
CA THR A 128 -5.19 -5.69 -10.05
C THR A 128 -3.75 -5.54 -10.53
N ILE A 129 -2.85 -6.32 -9.95
CA ILE A 129 -1.44 -6.29 -10.31
C ILE A 129 -0.89 -7.70 -10.50
N LYS A 130 -0.59 -8.05 -11.74
CA LYS A 130 -0.05 -9.37 -12.06
C LYS A 130 1.47 -9.34 -12.09
N ALA A 131 2.09 -9.22 -10.92
CA ALA A 131 3.54 -9.17 -10.81
C ALA A 131 4.08 -10.48 -10.25
N SER A 132 5.37 -10.48 -9.90
CA SER A 132 6.02 -11.67 -9.35
C SER A 132 5.85 -12.86 -10.29
N SER A 133 5.96 -14.07 -9.73
CA SER A 133 5.82 -15.29 -10.52
C SER A 133 4.48 -15.32 -11.25
N GLY A 134 4.52 -15.09 -12.56
CA GLY A 134 3.30 -15.10 -13.37
C GLY A 134 3.58 -14.93 -14.84
N LEU A 135 3.85 -16.04 -15.52
CA LEU A 135 4.13 -16.02 -16.95
C LEU A 135 5.33 -15.11 -17.25
N ASN B 1 3.74 5.04 13.66
CA ASN B 1 2.56 5.00 12.75
C ASN B 1 3.00 4.99 11.29
N ARG B 2 2.05 4.70 10.39
CA ARG B 2 2.33 4.64 8.96
C ARG B 2 1.71 5.83 8.24
N LEU B 3 2.36 6.99 8.35
CA LEU B 3 1.87 8.20 7.72
C LEU B 3 2.24 8.24 6.23
N LEU B 4 1.24 8.15 5.37
CA LEU B 4 1.45 8.17 3.93
C LEU B 4 1.51 9.61 3.42
N LEU B 5 2.35 9.87 2.43
CA LEU B 5 2.49 11.21 1.86
C LEU B 5 2.69 11.16 0.35
N THR B 6 1.90 11.95 -0.38
CA THR B 6 1.99 11.99 -1.84
C THR B 6 3.25 12.72 -2.28
N GLY B 7 3.89 12.21 -3.33
CA GLY B 7 5.10 12.82 -3.84
C GLY B 7 4.87 14.24 -4.31
N ASP A 21 2.25 -23.87 -4.38
CA ASP A 21 3.29 -22.82 -4.50
C ASP A 21 3.20 -21.81 -3.36
N VAL A 22 4.18 -20.92 -3.30
CA VAL A 22 4.21 -19.89 -2.25
C VAL A 22 4.86 -18.61 -2.76
N THR A 23 4.71 -17.54 -1.99
CA THR A 23 5.29 -16.25 -2.35
C THR A 23 6.77 -16.19 -1.97
N PRO A 24 7.69 -16.20 -2.96
CA PRO A 24 9.13 -16.18 -2.71
C PRO A 24 9.73 -14.78 -2.82
N LEU A 25 9.61 -13.98 -1.75
CA LEU A 25 10.15 -12.62 -1.73
C LEU A 25 9.75 -11.86 -0.45
N SER A 26 9.22 -10.66 -0.65
CA SER A 26 8.77 -9.79 0.42
C SER A 26 8.03 -8.62 -0.21
N LEU A 27 6.79 -8.39 0.21
CA LEU A 27 6.01 -7.30 -0.36
C LEU A 27 6.00 -6.10 0.57
N GLY A 28 5.63 -4.94 0.03
CA GLY A 28 5.65 -3.75 0.83
C GLY A 28 4.92 -2.56 0.22
N ILE A 29 4.73 -1.53 1.03
CA ILE A 29 4.10 -0.30 0.56
C ILE A 29 5.05 0.87 0.78
N GLU A 30 4.75 2.01 0.18
CA GLU A 30 5.60 3.18 0.32
C GLU A 30 4.86 4.27 1.06
N THR A 31 5.37 4.63 2.23
CA THR A 31 4.74 5.64 3.04
C THR A 31 5.56 6.92 3.06
N MET A 32 4.93 8.01 3.51
CA MET A 32 5.60 9.32 3.59
C MET A 32 6.13 9.76 2.23
N GLY A 33 5.71 9.06 1.18
CA GLY A 33 6.15 9.40 -0.16
C GLY A 33 7.62 9.08 -0.42
N GLY A 34 7.90 7.81 -0.68
CA GLY A 34 9.28 7.40 -0.95
C GLY A 34 9.92 6.64 0.18
N VAL A 35 9.38 5.48 0.52
CA VAL A 35 9.92 4.64 1.59
C VAL A 35 9.67 3.16 1.30
N MET A 36 10.58 2.29 1.74
CA MET A 36 10.42 0.85 1.52
C MET A 36 9.92 0.18 2.81
N THR A 37 8.64 -0.14 2.81
CA THR A 37 7.99 -0.77 3.95
C THR A 37 7.55 -2.18 3.57
N THR A 38 7.18 -2.99 4.57
CA THR A 38 6.76 -4.36 4.32
C THR A 38 5.27 -4.54 4.62
N LEU A 39 4.60 -5.32 3.77
CA LEU A 39 3.18 -5.62 3.94
C LEU A 39 2.94 -7.12 3.91
N ILE A 40 3.17 -7.73 2.76
CA ILE A 40 3.00 -9.18 2.62
C ILE A 40 4.35 -9.86 2.37
N ALA A 41 5.12 -10.05 3.43
CA ALA A 41 6.42 -10.69 3.32
C ALA A 41 6.28 -12.03 2.64
N LYS A 42 6.57 -12.05 1.33
CA LYS A 42 6.45 -13.27 0.55
C LYS A 42 7.14 -14.44 1.23
N ASN A 43 6.32 -15.45 1.56
CA ASN A 43 6.79 -16.67 2.22
C ASN A 43 5.62 -17.44 2.81
N THR A 44 4.57 -16.71 3.18
CA THR A 44 3.38 -17.31 3.78
C THR A 44 2.48 -17.90 2.70
N THR A 45 1.23 -18.21 3.07
CA THR A 45 0.28 -18.77 2.13
C THR A 45 -0.08 -17.75 1.05
N ILE A 46 -0.11 -18.21 -0.20
CA ILE A 46 -0.42 -17.34 -1.32
C ILE A 46 -1.72 -16.56 -1.09
N PRO A 47 -2.84 -17.26 -0.77
CA PRO A 47 -4.12 -16.60 -0.52
C PRO A 47 -4.12 -15.82 0.78
N THR A 48 -3.51 -14.63 0.75
CA THR A 48 -3.44 -13.78 1.94
C THR A 48 -4.41 -12.62 1.86
N LYS A 49 -4.75 -12.06 3.02
CA LYS A 49 -5.67 -10.93 3.09
C LYS A 49 -5.59 -10.28 4.47
N HIS A 50 -5.52 -8.95 4.49
CA HIS A 50 -5.44 -8.23 5.76
C HIS A 50 -5.83 -6.78 5.57
N SER A 51 -6.34 -6.16 6.63
CA SER A 51 -6.75 -4.76 6.57
C SER A 51 -6.10 -3.95 7.69
N GLN A 52 -5.11 -3.14 7.32
CA GLN A 52 -4.41 -2.30 8.28
C GLN A 52 -4.82 -0.86 8.12
N VAL A 53 -4.67 -0.07 9.19
CA VAL A 53 -5.04 1.34 9.15
C VAL A 53 -3.80 2.24 9.18
N PHE A 54 -3.63 3.03 8.13
CA PHE A 54 -2.50 3.95 8.04
C PHE A 54 -2.99 5.40 8.06
N SER A 55 -2.09 6.32 8.37
CA SER A 55 -2.43 7.74 8.43
C SER A 55 -1.92 8.48 7.19
N THR A 56 -2.43 9.69 6.98
CA THR A 56 -2.04 10.50 5.83
C THR A 56 -1.25 11.72 6.28
N ALA A 57 -0.58 12.37 5.33
CA ALA A 57 0.19 13.56 5.61
C ALA A 57 -0.29 14.72 4.75
N GLU A 58 0.14 15.92 5.12
CA GLU A 58 -0.25 17.13 4.38
C GLU A 58 -1.76 17.32 4.39
N ASP A 59 -2.22 18.27 5.19
CA ASP A 59 -3.65 18.55 5.29
C ASP A 59 -4.24 18.97 3.96
N ASN A 60 -5.49 18.54 3.71
CA ASN A 60 -6.20 18.88 2.49
C ASN A 60 -5.63 18.15 1.28
N GLN A 61 -5.01 16.99 1.50
CA GLN A 61 -4.44 16.22 0.41
C GLN A 61 -5.56 15.77 -0.53
N SER A 62 -6.74 15.54 0.05
CA SER A 62 -7.91 15.11 -0.71
C SER A 62 -7.55 13.93 -1.60
N ALA A 63 -6.43 13.30 -1.30
CA ALA A 63 -5.94 12.17 -2.07
C ALA A 63 -4.84 11.46 -1.28
N VAL A 64 -4.95 10.14 -1.15
CA VAL A 64 -3.94 9.39 -0.42
C VAL A 64 -3.04 8.66 -1.40
N THR A 65 -1.78 8.49 -1.02
CA THR A 65 -0.81 7.81 -1.89
C THR A 65 -0.47 6.42 -1.41
N ILE A 66 -0.92 5.42 -2.15
CA ILE A 66 -0.60 4.04 -1.81
C ILE A 66 0.26 3.44 -2.89
N HIS A 67 1.54 3.35 -2.59
CA HIS A 67 2.50 2.78 -3.50
C HIS A 67 2.85 1.39 -3.02
N VAL A 68 2.86 0.42 -3.93
CA VAL A 68 3.17 -0.91 -3.56
C VAL A 68 4.63 -1.16 -3.88
N LEU A 69 5.42 -1.18 -2.82
CA LEU A 69 6.85 -1.36 -2.91
C LEU A 69 7.22 -2.78 -2.51
N GLN A 70 8.45 -3.13 -2.77
CA GLN A 70 8.94 -4.47 -2.47
C GLN A 70 9.77 -4.43 -1.20
N GLY A 71 10.18 -5.61 -0.75
CA GLY A 71 10.93 -5.68 0.49
C GLY A 71 12.41 -5.60 0.29
N GLU A 72 13.02 -4.73 1.09
CA GLU A 72 14.44 -4.45 1.05
C GLU A 72 14.81 -3.75 2.35
N ARG A 73 16.09 -3.64 2.60
CA ARG A 73 16.56 -3.04 3.85
C ARG A 73 17.34 -1.75 3.62
N LYS A 74 17.53 -1.00 4.72
CA LYS A 74 18.25 0.28 4.70
C LYS A 74 17.39 1.36 4.07
N ARG A 75 17.15 1.25 2.77
CA ARG A 75 16.34 2.21 2.04
C ARG A 75 16.06 1.69 0.64
N ALA A 76 14.86 1.98 0.12
CA ALA A 76 14.47 1.53 -1.22
C ALA A 76 15.62 1.64 -2.22
N ALA A 77 16.43 0.59 -2.28
CA ALA A 77 17.59 0.57 -3.17
C ALA A 77 17.70 -0.78 -3.86
N ASP A 78 17.28 -1.85 -3.18
CA ASP A 78 17.32 -3.17 -3.76
C ASP A 78 15.93 -3.78 -3.77
N ASN A 79 14.93 -2.90 -3.72
CA ASN A 79 13.55 -3.30 -3.70
C ASN A 79 12.98 -3.39 -5.12
N LYS A 80 11.66 -3.33 -5.23
CA LYS A 80 10.97 -3.40 -6.52
C LYS A 80 9.61 -2.73 -6.44
N SER A 81 9.50 -1.55 -7.05
CA SER A 81 8.25 -0.81 -7.05
C SER A 81 7.18 -1.54 -7.85
N LEU A 82 6.42 -2.40 -7.17
CA LEU A 82 5.37 -3.16 -7.83
C LEU A 82 4.47 -2.23 -8.65
N GLY A 83 3.86 -1.27 -7.97
CA GLY A 83 2.96 -0.33 -8.64
C GLY A 83 2.63 0.86 -7.75
N GLN A 84 1.99 1.87 -8.33
CA GLN A 84 1.60 3.05 -7.56
C GLN A 84 0.26 3.59 -8.07
N PHE A 85 -0.70 3.77 -7.17
CA PHE A 85 -2.00 4.28 -7.56
C PHE A 85 -2.41 5.44 -6.67
N ASN A 86 -3.14 6.39 -7.25
CA ASN A 86 -3.55 7.57 -6.52
C ASN A 86 -5.02 7.50 -6.13
N LEU A 87 -5.27 7.66 -4.84
CA LEU A 87 -6.62 7.66 -4.30
C LEU A 87 -7.07 9.08 -3.99
N ASP A 88 -8.36 9.28 -3.76
CA ASP A 88 -8.87 10.61 -3.46
C ASP A 88 -10.11 10.53 -2.57
N GLY A 89 -10.44 11.66 -1.93
CA GLY A 89 -11.60 11.70 -1.06
C GLY A 89 -11.23 12.00 0.38
N ILE A 90 -10.49 13.09 0.59
CA ILE A 90 -10.07 13.49 1.92
C ILE A 90 -9.81 14.99 1.95
N ASN A 91 -10.64 15.73 1.24
CA ASN A 91 -10.50 17.17 1.17
C ASN A 91 -10.25 17.78 2.55
N PRO A 92 -11.13 17.51 3.53
CA PRO A 92 -10.98 18.03 4.89
C PRO A 92 -10.18 17.08 5.78
N ALA A 93 -8.94 16.81 5.39
CA ALA A 93 -8.08 15.91 6.15
C ALA A 93 -6.91 16.66 6.78
N PRO A 94 -7.09 17.21 7.99
CA PRO A 94 -6.05 17.96 8.70
C PRO A 94 -5.02 17.04 9.36
N ARG A 95 -4.85 15.85 8.80
CA ARG A 95 -3.90 14.87 9.33
C ARG A 95 -4.29 14.42 10.74
N GLY A 96 -4.05 13.13 11.02
CA GLY A 96 -4.38 12.60 12.33
C GLY A 96 -5.87 12.49 12.57
N MET A 97 -6.64 12.51 11.48
CA MET A 97 -8.10 12.42 11.59
C MET A 97 -8.66 11.29 10.72
N PRO A 98 -8.34 11.27 9.40
CA PRO A 98 -8.83 10.22 8.50
C PRO A 98 -8.23 8.86 8.81
N GLN A 99 -8.70 7.83 8.12
CA GLN A 99 -8.20 6.48 8.31
C GLN A 99 -8.25 5.68 7.02
N ILE A 100 -7.12 5.12 6.61
CA ILE A 100 -7.03 4.33 5.39
C ILE A 100 -6.90 2.84 5.70
N GLU A 101 -7.87 2.06 5.23
CA GLU A 101 -7.86 0.62 5.44
C GLU A 101 -7.45 -0.09 4.16
N VAL A 102 -6.35 -0.85 4.23
CA VAL A 102 -5.85 -1.55 3.05
C VAL A 102 -6.07 -3.06 3.11
N THR A 103 -6.77 -3.59 2.11
CA THR A 103 -7.02 -5.02 2.01
C THR A 103 -6.15 -5.60 0.89
N PHE A 104 -5.18 -6.43 1.25
CA PHE A 104 -4.30 -7.01 0.25
C PHE A 104 -4.62 -8.47 0.02
N ASP A 105 -5.22 -8.75 -1.13
CA ASP A 105 -5.56 -10.10 -1.51
C ASP A 105 -4.58 -10.58 -2.57
N ILE A 106 -3.77 -11.58 -2.22
CA ILE A 106 -2.77 -12.09 -3.15
C ILE A 106 -3.22 -13.42 -3.77
N ASP A 107 -3.07 -13.51 -5.09
CA ASP A 107 -3.46 -14.72 -5.83
C ASP A 107 -2.24 -15.55 -6.22
N ALA A 108 -2.50 -16.80 -6.61
CA ALA A 108 -1.44 -17.72 -7.01
C ALA A 108 -0.63 -17.17 -8.19
N ASP A 109 -1.27 -16.37 -9.01
CA ASP A 109 -0.61 -15.78 -10.18
C ASP A 109 0.29 -14.62 -9.78
N GLY A 110 0.49 -14.45 -8.48
CA GLY A 110 1.33 -13.37 -7.98
C GLY A 110 0.63 -12.03 -8.00
N ILE A 111 -0.70 -12.05 -8.14
CA ILE A 111 -1.49 -10.83 -8.16
C ILE A 111 -1.69 -10.27 -6.76
N LEU A 112 -1.95 -8.98 -6.69
CA LEU A 112 -2.16 -8.31 -5.41
C LEU A 112 -3.21 -7.23 -5.56
N HIS A 113 -4.22 -7.26 -4.70
CA HIS A 113 -5.29 -6.27 -4.73
C HIS A 113 -5.10 -5.28 -3.59
N VAL A 114 -4.85 -4.02 -3.94
CA VAL A 114 -4.66 -2.97 -2.94
C VAL A 114 -5.89 -2.09 -2.85
N SER A 115 -6.48 -2.04 -1.66
CA SER A 115 -7.70 -1.26 -1.45
C SER A 115 -7.54 -0.24 -0.31
N ALA A 116 -7.50 1.04 -0.66
CA ALA A 116 -7.38 2.08 0.36
C ALA A 116 -8.73 2.78 0.55
N LYS A 117 -9.25 2.71 1.76
CA LYS A 117 -10.55 3.32 2.08
C LYS A 117 -10.37 4.59 2.89
N ASP A 118 -11.08 5.65 2.48
CA ASP A 118 -11.00 6.92 3.18
C ASP A 118 -12.27 7.16 4.01
N LYS A 119 -12.08 7.68 5.22
CA LYS A 119 -13.20 7.95 6.11
C LYS A 119 -13.49 9.44 6.17
N ASN A 120 -14.45 9.87 5.37
CA ASN A 120 -14.86 11.27 5.31
C ASN A 120 -16.02 11.45 4.33
N SER A 121 -16.15 10.51 3.40
CA SER A 121 -17.21 10.55 2.41
C SER A 121 -17.65 9.14 2.03
N GLY A 122 -16.75 8.18 2.24
CA GLY A 122 -17.06 6.79 1.92
C GLY A 122 -16.44 6.35 0.62
N LYS A 123 -15.46 7.10 0.14
CA LYS A 123 -14.78 6.78 -1.11
C LYS A 123 -13.76 5.67 -0.90
N GLU A 124 -13.60 4.82 -1.90
CA GLU A 124 -12.66 3.70 -1.84
C GLU A 124 -12.38 3.15 -3.22
N GLN A 125 -11.18 2.60 -3.40
CA GLN A 125 -10.79 2.03 -4.69
C GLN A 125 -9.79 0.89 -4.50
N LYS A 126 -9.74 -0.01 -5.49
CA LYS A 126 -8.81 -1.15 -5.43
C LYS A 126 -8.21 -1.42 -6.80
N ILE A 127 -6.89 -1.63 -6.82
CA ILE A 127 -6.18 -1.90 -8.07
C ILE A 127 -5.40 -3.22 -7.98
N THR A 128 -5.19 -3.86 -9.12
CA THR A 128 -4.48 -5.12 -9.18
C THR A 128 -3.06 -4.92 -9.71
N ILE A 129 -2.10 -5.60 -9.07
CA ILE A 129 -0.70 -5.48 -9.48
C ILE A 129 -0.01 -6.85 -9.44
N LYS A 130 0.32 -7.37 -10.62
CA LYS A 130 0.99 -8.66 -10.72
C LYS A 130 2.41 -8.57 -10.19
N ALA A 131 2.58 -8.86 -8.89
CA ALA A 131 3.89 -8.81 -8.25
C ALA A 131 4.95 -9.54 -9.07
N SER A 132 6.12 -8.92 -9.18
CA SER A 132 7.23 -9.50 -9.93
C SER A 132 6.82 -9.78 -11.37
N SER A 133 7.01 -8.78 -12.24
CA SER A 133 6.67 -8.92 -13.66
C SER A 133 7.80 -9.58 -14.43
N GLY A 134 7.45 -10.56 -15.26
CA GLY A 134 8.45 -11.26 -16.05
C GLY A 134 8.05 -12.69 -16.34
N LEU A 135 8.78 -13.64 -15.76
CA LEU A 135 8.51 -15.06 -15.97
C LEU A 135 8.51 -15.40 -17.46
N ASN B 1 3.22 5.87 13.42
CA ASN B 1 2.01 6.40 12.75
C ASN B 1 1.96 5.97 11.28
N ARG B 2 3.11 5.98 10.63
CA ARG B 2 3.21 5.60 9.22
C ARG B 2 2.27 6.45 8.37
N LEU B 3 2.67 7.69 8.12
CA LEU B 3 1.87 8.62 7.32
C LEU B 3 1.98 8.30 5.84
N LEU B 4 1.08 8.86 5.05
CA LEU B 4 1.07 8.64 3.60
C LEU B 4 1.01 9.98 2.86
N LEU B 5 2.19 10.54 2.56
CA LEU B 5 2.28 11.82 1.87
C LEU B 5 2.17 11.63 0.35
N THR B 6 1.64 12.65 -0.32
CA THR B 6 1.47 12.61 -1.77
C THR B 6 2.69 13.19 -2.48
N GLY B 7 3.06 12.59 -3.61
CA GLY B 7 4.20 13.08 -4.36
C GLY B 7 4.33 12.40 -5.72
N ASP A 21 6.67 -21.77 -3.33
CA ASP A 21 6.25 -21.87 -1.92
C ASP A 21 5.91 -20.50 -1.32
N VAL A 22 6.50 -19.46 -1.90
CA VAL A 22 6.26 -18.10 -1.44
C VAL A 22 6.21 -17.13 -2.61
N THR A 23 6.21 -15.84 -2.30
CA THR A 23 6.17 -14.81 -3.32
C THR A 23 7.52 -14.65 -4.00
N PRO A 24 7.53 -14.17 -5.26
CA PRO A 24 8.78 -13.99 -6.02
C PRO A 24 9.73 -12.98 -5.38
N LEU A 25 9.25 -12.27 -4.36
CA LEU A 25 10.06 -11.28 -3.67
C LEU A 25 9.26 -10.65 -2.52
N SER A 26 9.98 -10.12 -1.54
CA SER A 26 9.33 -9.48 -0.40
C SER A 26 8.42 -8.36 -0.86
N LEU A 27 7.15 -8.43 -0.50
CA LEU A 27 6.18 -7.40 -0.89
C LEU A 27 5.91 -6.45 0.27
N GLY A 28 5.76 -5.18 -0.07
CA GLY A 28 5.52 -4.16 0.94
C GLY A 28 5.07 -2.84 0.33
N ILE A 29 4.62 -1.91 1.15
CA ILE A 29 4.17 -0.61 0.63
C ILE A 29 5.13 0.51 1.03
N GLU A 30 4.96 1.66 0.38
CA GLU A 30 5.79 2.82 0.65
C GLU A 30 4.95 3.89 1.32
N THR A 31 5.31 4.22 2.56
CA THR A 31 4.57 5.22 3.31
C THR A 31 5.32 6.54 3.36
N MET A 32 4.62 7.60 3.76
CA MET A 32 5.22 8.93 3.85
C MET A 32 5.78 9.38 2.50
N GLY A 33 5.40 8.66 1.45
CA GLY A 33 5.86 9.01 0.11
C GLY A 33 7.37 9.00 0.00
N GLY A 34 7.93 7.81 -0.21
CA GLY A 34 9.38 7.68 -0.34
C GLY A 34 10.00 6.69 0.62
N VAL A 35 9.23 6.30 1.63
CA VAL A 35 9.71 5.33 2.61
C VAL A 35 9.08 3.98 2.32
N MET A 36 9.75 2.90 2.69
CA MET A 36 9.24 1.56 2.42
C MET A 36 8.65 0.92 3.67
N THR A 37 7.92 -0.16 3.44
CA THR A 37 7.26 -0.91 4.49
C THR A 37 6.96 -2.30 3.98
N THR A 38 6.96 -3.30 4.85
CA THR A 38 6.71 -4.67 4.41
C THR A 38 5.32 -5.15 4.78
N LEU A 39 4.68 -5.84 3.84
CA LEU A 39 3.34 -6.38 4.06
C LEU A 39 3.36 -7.90 3.85
N ILE A 40 3.85 -8.33 2.69
CA ILE A 40 3.93 -9.74 2.35
C ILE A 40 5.33 -10.10 1.84
N ALA A 41 6.32 -9.98 2.73
CA ALA A 41 7.72 -10.28 2.39
C ALA A 41 7.93 -11.77 2.18
N LYS A 42 9.05 -12.11 1.52
CA LYS A 42 9.38 -13.50 1.24
C LYS A 42 9.27 -14.38 2.49
N ASN A 43 9.32 -15.70 2.28
CA ASN A 43 9.24 -16.68 3.37
C ASN A 43 7.80 -16.84 3.89
N THR A 44 6.93 -15.91 3.50
CA THR A 44 5.54 -15.95 3.92
C THR A 44 4.74 -16.97 3.08
N THR A 45 3.45 -16.75 2.94
CA THR A 45 2.59 -17.62 2.17
C THR A 45 1.78 -16.84 1.16
N ILE A 46 1.64 -17.39 -0.05
CA ILE A 46 0.89 -16.73 -1.12
C ILE A 46 -0.51 -16.29 -0.65
N PRO A 47 -1.32 -17.21 -0.08
CA PRO A 47 -2.67 -16.87 0.39
C PRO A 47 -2.62 -15.96 1.61
N THR A 48 -2.51 -14.65 1.37
CA THR A 48 -2.44 -13.69 2.45
C THR A 48 -3.48 -12.58 2.32
N LYS A 49 -3.70 -11.87 3.41
CA LYS A 49 -4.66 -10.78 3.47
C LYS A 49 -4.42 -9.96 4.72
N HIS A 50 -4.22 -8.65 4.58
CA HIS A 50 -3.95 -7.81 5.73
C HIS A 50 -4.87 -6.59 5.76
N SER A 51 -5.80 -6.59 6.70
CA SER A 51 -6.72 -5.48 6.87
C SER A 51 -6.33 -4.66 8.08
N GLN A 52 -5.72 -3.51 7.83
CA GLN A 52 -5.28 -2.63 8.90
C GLN A 52 -5.66 -1.18 8.61
N VAL A 53 -5.59 -0.35 9.64
CA VAL A 53 -5.92 1.07 9.48
C VAL A 53 -4.66 1.92 9.48
N PHE A 54 -4.38 2.53 8.33
CA PHE A 54 -3.21 3.39 8.19
C PHE A 54 -3.61 4.86 8.21
N SER A 55 -2.70 5.71 8.65
CA SER A 55 -2.96 7.14 8.71
C SER A 55 -2.27 7.89 7.59
N THR A 56 -2.80 9.05 7.23
CA THR A 56 -2.24 9.87 6.18
C THR A 56 -1.50 11.06 6.76
N ALA A 57 -0.71 11.73 5.93
CA ALA A 57 0.04 12.89 6.36
C ALA A 57 -0.42 14.14 5.63
N GLU A 58 -0.21 15.28 6.27
CA GLU A 58 -0.59 16.57 5.71
C GLU A 58 -2.10 16.66 5.55
N ASP A 59 -2.77 17.22 6.56
CA ASP A 59 -4.22 17.37 6.53
C ASP A 59 -4.67 18.09 5.25
N ASN A 60 -5.85 17.73 4.77
CA ASN A 60 -6.40 18.33 3.55
C ASN A 60 -5.59 17.87 2.34
N GLN A 61 -5.30 16.57 2.28
CA GLN A 61 -4.56 16.01 1.16
C GLN A 61 -5.54 15.65 0.05
N SER A 62 -6.76 15.33 0.45
CA SER A 62 -7.82 14.98 -0.49
C SER A 62 -7.38 13.87 -1.43
N ALA A 63 -6.23 13.28 -1.13
CA ALA A 63 -5.68 12.21 -1.95
C ALA A 63 -4.55 11.48 -1.21
N VAL A 64 -4.66 10.16 -1.10
CA VAL A 64 -3.65 9.39 -0.42
C VAL A 64 -2.77 8.64 -1.44
N THR A 65 -1.51 8.41 -1.08
CA THR A 65 -0.59 7.73 -1.99
C THR A 65 -0.28 6.32 -1.51
N ILE A 66 -0.71 5.33 -2.29
CA ILE A 66 -0.44 3.94 -1.98
C ILE A 66 0.59 3.42 -2.96
N HIS A 67 1.81 3.32 -2.50
CA HIS A 67 2.90 2.84 -3.32
C HIS A 67 3.26 1.42 -2.94
N VAL A 68 3.26 0.54 -3.93
CA VAL A 68 3.55 -0.84 -3.69
C VAL A 68 4.98 -1.14 -4.09
N LEU A 69 5.80 -1.35 -3.08
CA LEU A 69 7.21 -1.65 -3.22
C LEU A 69 7.38 -3.16 -2.98
N GLN A 70 8.44 -3.78 -3.46
CA GLN A 70 8.60 -5.22 -3.23
C GLN A 70 10.04 -5.66 -3.32
N GLY A 71 10.68 -5.74 -2.15
CA GLY A 71 12.06 -6.16 -2.10
C GLY A 71 12.61 -6.23 -0.68
N GLU A 72 13.80 -6.77 -0.55
CA GLU A 72 14.47 -6.84 0.74
C GLU A 72 15.90 -6.32 0.60
N ARG A 73 16.12 -5.07 1.02
CA ARG A 73 17.43 -4.43 0.93
C ARG A 73 17.45 -3.15 1.75
N LYS A 74 18.63 -2.59 1.98
CA LYS A 74 18.76 -1.36 2.74
C LYS A 74 18.13 -0.18 2.00
N ARG A 75 18.12 -0.25 0.67
CA ARG A 75 17.54 0.81 -0.15
C ARG A 75 16.03 0.62 -0.30
N ALA A 76 15.27 1.55 0.27
CA ALA A 76 13.80 1.49 0.22
C ALA A 76 13.30 0.09 0.55
N ALA A 77 14.04 -0.62 1.42
CA ALA A 77 13.73 -2.00 1.84
C ALA A 77 12.48 -2.54 1.18
N ASP A 78 12.57 -2.64 -0.14
CA ASP A 78 11.49 -3.13 -0.99
C ASP A 78 11.90 -2.87 -2.43
N ASN A 79 12.38 -1.66 -2.67
CA ASN A 79 12.91 -1.30 -3.97
C ASN A 79 11.90 -1.41 -5.13
N LYS A 80 11.67 -2.64 -5.59
CA LYS A 80 10.77 -2.88 -6.72
C LYS A 80 9.45 -2.15 -6.58
N SER A 81 9.27 -1.11 -7.38
CA SER A 81 8.05 -0.33 -7.37
C SER A 81 6.93 -1.11 -8.05
N LEU A 82 6.36 -2.08 -7.34
CA LEU A 82 5.28 -2.90 -7.87
C LEU A 82 4.37 -2.07 -8.77
N GLY A 83 3.80 -1.02 -8.19
CA GLY A 83 2.90 -0.14 -8.92
C GLY A 83 2.62 1.13 -8.16
N GLN A 84 2.03 2.11 -8.83
CA GLN A 84 1.70 3.38 -8.17
C GLN A 84 0.23 3.71 -8.42
N PHE A 85 -0.50 4.02 -7.35
CA PHE A 85 -1.91 4.35 -7.47
C PHE A 85 -2.23 5.68 -6.81
N ASN A 86 -3.13 6.42 -7.44
CA ASN A 86 -3.54 7.71 -6.93
C ASN A 86 -4.95 7.64 -6.34
N LEU A 87 -5.04 7.82 -5.04
CA LEU A 87 -6.33 7.78 -4.35
C LEU A 87 -6.79 9.18 -4.02
N ASP A 88 -8.10 9.40 -4.03
CA ASP A 88 -8.65 10.71 -3.73
C ASP A 88 -9.98 10.59 -2.99
N GLY A 89 -10.37 11.68 -2.31
CA GLY A 89 -11.60 11.67 -1.55
C GLY A 89 -11.36 11.86 -0.07
N ILE A 90 -10.45 12.77 0.27
CA ILE A 90 -10.13 13.05 1.66
C ILE A 90 -9.99 14.55 1.86
N ASN A 91 -11.03 15.28 1.46
CA ASN A 91 -11.03 16.73 1.57
C ASN A 91 -10.66 17.19 2.99
N PRO A 92 -10.46 18.50 3.21
CA PRO A 92 -10.09 19.06 4.51
C PRO A 92 -10.59 18.21 5.68
N ALA A 93 -9.71 17.33 6.16
CA ALA A 93 -10.05 16.43 7.27
C ALA A 93 -8.85 15.59 7.72
N PRO A 94 -8.05 15.02 6.76
CA PRO A 94 -6.89 14.18 7.07
C PRO A 94 -6.07 14.67 8.26
N ARG A 95 -5.19 13.80 8.74
CA ARG A 95 -4.34 14.12 9.88
C ARG A 95 -5.16 14.26 11.16
N GLY A 96 -5.42 13.15 11.82
CA GLY A 96 -6.20 13.17 13.05
C GLY A 96 -7.17 12.01 13.14
N MET A 97 -8.47 12.32 13.13
CA MET A 97 -9.50 11.29 13.21
C MET A 97 -9.59 10.49 11.91
N PRO A 98 -9.71 11.15 10.75
CA PRO A 98 -9.80 10.46 9.45
C PRO A 98 -8.62 9.53 9.22
N GLN A 99 -8.83 8.49 8.43
CA GLN A 99 -7.78 7.53 8.13
C GLN A 99 -8.12 6.69 6.91
N ILE A 100 -7.13 5.99 6.36
CA ILE A 100 -7.32 5.16 5.20
C ILE A 100 -7.35 3.68 5.57
N GLU A 101 -8.12 2.89 4.81
CA GLU A 101 -8.22 1.46 5.06
C GLU A 101 -7.41 0.67 4.03
N VAL A 102 -6.43 -0.07 4.51
CA VAL A 102 -5.55 -0.85 3.64
C VAL A 102 -5.91 -2.34 3.70
N THR A 103 -5.76 -3.01 2.56
CA THR A 103 -6.04 -4.44 2.44
C THR A 103 -5.38 -5.01 1.20
N PHE A 104 -4.77 -6.19 1.32
CA PHE A 104 -4.09 -6.81 0.19
C PHE A 104 -4.31 -8.32 0.17
N ASP A 105 -4.80 -8.82 -0.96
CA ASP A 105 -5.05 -10.25 -1.12
C ASP A 105 -4.18 -10.82 -2.23
N ILE A 106 -3.34 -11.79 -1.89
CA ILE A 106 -2.47 -12.43 -2.87
C ILE A 106 -3.00 -13.81 -3.23
N ASP A 107 -3.15 -14.07 -4.54
CA ASP A 107 -3.65 -15.35 -5.01
C ASP A 107 -2.53 -16.20 -5.59
N ALA A 108 -2.79 -17.50 -5.71
CA ALA A 108 -1.81 -18.44 -6.25
C ALA A 108 -1.40 -18.07 -7.67
N ASP A 109 -2.31 -17.44 -8.40
CA ASP A 109 -2.06 -17.05 -9.78
C ASP A 109 -0.98 -15.97 -9.84
N GLY A 110 -0.68 -15.37 -8.70
CA GLY A 110 0.33 -14.33 -8.63
C GLY A 110 -0.26 -12.94 -8.79
N ILE A 111 -1.40 -12.72 -8.15
CA ILE A 111 -2.08 -11.43 -8.21
C ILE A 111 -2.19 -10.81 -6.81
N LEU A 112 -2.44 -9.51 -6.77
CA LEU A 112 -2.57 -8.80 -5.51
C LEU A 112 -3.68 -7.76 -5.59
N HIS A 113 -4.58 -7.80 -4.61
CA HIS A 113 -5.70 -6.86 -4.56
C HIS A 113 -5.48 -5.82 -3.47
N VAL A 114 -5.10 -4.61 -3.89
CA VAL A 114 -4.85 -3.52 -2.95
C VAL A 114 -6.01 -2.54 -2.93
N SER A 115 -6.31 -2.01 -1.75
CA SER A 115 -7.42 -1.07 -1.58
C SER A 115 -7.14 -0.04 -0.50
N ALA A 116 -7.55 1.20 -0.77
CA ALA A 116 -7.38 2.30 0.18
C ALA A 116 -8.66 3.12 0.22
N LYS A 117 -9.33 3.10 1.37
CA LYS A 117 -10.59 3.82 1.54
C LYS A 117 -10.40 5.09 2.36
N ASP A 118 -11.29 6.05 2.19
CA ASP A 118 -11.22 7.30 2.92
C ASP A 118 -12.27 7.34 4.02
N LYS A 119 -11.87 7.78 5.19
CA LYS A 119 -12.77 7.87 6.33
C LYS A 119 -13.20 9.31 6.58
N ASN A 120 -14.21 9.75 5.83
CA ASN A 120 -14.74 11.10 5.94
C ASN A 120 -15.92 11.30 5.00
N SER A 121 -16.02 10.43 4.00
CA SER A 121 -17.10 10.49 3.03
C SER A 121 -17.51 9.09 2.56
N GLY A 122 -16.52 8.26 2.29
CA GLY A 122 -16.80 6.90 1.84
C GLY A 122 -16.22 6.61 0.46
N LYS A 123 -15.34 7.48 -0.01
CA LYS A 123 -14.72 7.31 -1.33
C LYS A 123 -13.54 6.35 -1.25
N GLU A 124 -13.58 5.29 -2.04
CA GLU A 124 -12.51 4.29 -2.06
C GLU A 124 -12.32 3.72 -3.46
N GLN A 125 -11.07 3.37 -3.79
CA GLN A 125 -10.75 2.80 -5.09
C GLN A 125 -9.73 1.68 -4.94
N LYS A 126 -9.89 0.62 -5.74
CA LYS A 126 -8.98 -0.51 -5.68
C LYS A 126 -8.44 -0.87 -7.06
N ILE A 127 -7.38 -1.69 -7.08
CA ILE A 127 -6.76 -2.12 -8.32
C ILE A 127 -6.03 -3.45 -8.12
N THR A 128 -5.94 -4.25 -9.18
CA THR A 128 -5.27 -5.54 -9.10
C THR A 128 -3.91 -5.52 -9.81
N ILE A 129 -2.91 -6.12 -9.15
CA ILE A 129 -1.56 -6.18 -9.70
C ILE A 129 -1.09 -7.62 -9.80
N LYS A 130 -0.66 -8.03 -11.00
CA LYS A 130 -0.20 -9.39 -11.23
C LYS A 130 1.24 -9.58 -10.72
N ALA A 131 1.57 -8.88 -9.64
CA ALA A 131 2.91 -8.97 -9.05
C ALA A 131 3.99 -8.78 -10.10
N SER A 132 5.16 -9.38 -9.87
CA SER A 132 6.27 -9.27 -10.79
C SER A 132 6.30 -10.46 -11.76
N SER A 133 5.12 -11.02 -12.02
CA SER A 133 4.99 -12.17 -12.91
C SER A 133 5.77 -13.37 -12.39
N GLY A 134 5.65 -14.49 -13.10
CA GLY A 134 6.35 -15.70 -12.70
C GLY A 134 7.28 -16.22 -13.78
N LEU A 135 8.30 -15.44 -14.10
CA LEU A 135 9.27 -15.81 -15.12
C LEU A 135 10.05 -17.07 -14.71
N ASN B 1 3.29 5.75 13.96
CA ASN B 1 4.62 6.15 13.45
C ASN B 1 4.77 5.83 11.96
N ARG B 2 3.64 5.78 11.26
CA ARG B 2 3.63 5.48 9.83
C ARG B 2 2.43 6.14 9.14
N LEU B 3 2.68 7.25 8.46
CA LEU B 3 1.63 7.98 7.76
C LEU B 3 1.76 7.80 6.25
N LEU B 4 0.83 8.39 5.50
CA LEU B 4 0.84 8.29 4.05
C LEU B 4 0.87 9.69 3.42
N LEU B 5 2.07 10.19 3.15
CA LEU B 5 2.23 11.50 2.55
C LEU B 5 1.80 11.50 1.09
N THR B 6 1.74 12.69 0.49
CA THR B 6 1.35 12.84 -0.90
C THR B 6 2.19 13.91 -1.61
N GLY B 7 1.84 14.20 -2.85
CA GLY B 7 2.58 15.20 -3.61
C GLY B 7 2.09 15.32 -5.04
N ASP A 21 4.41 -23.30 -4.46
CA ASP A 21 4.11 -22.07 -5.23
C ASP A 21 3.70 -20.93 -4.30
N VAL A 22 4.58 -20.58 -3.37
CA VAL A 22 4.30 -19.51 -2.42
C VAL A 22 5.16 -18.28 -2.73
N THR A 23 4.55 -17.09 -2.64
CA THR A 23 5.24 -15.83 -2.90
C THR A 23 6.61 -15.82 -2.24
N PRO A 24 7.69 -16.07 -3.02
CA PRO A 24 9.04 -16.14 -2.50
C PRO A 24 9.94 -14.93 -2.83
N LEU A 25 9.80 -13.82 -2.10
CA LEU A 25 10.65 -12.66 -2.37
C LEU A 25 10.59 -11.58 -1.28
N SER A 26 9.81 -10.56 -1.54
CA SER A 26 9.69 -9.43 -0.63
C SER A 26 8.65 -8.44 -1.13
N LEU A 27 7.53 -8.34 -0.42
CA LEU A 27 6.47 -7.43 -0.81
C LEU A 27 6.21 -6.41 0.29
N GLY A 28 5.90 -5.17 -0.10
CA GLY A 28 5.65 -4.12 0.88
C GLY A 28 5.04 -2.88 0.27
N ILE A 29 4.59 -1.96 1.12
CA ILE A 29 4.00 -0.70 0.66
C ILE A 29 4.94 0.47 0.98
N GLU A 30 4.65 1.63 0.41
CA GLU A 30 5.48 2.81 0.63
C GLU A 30 4.70 3.84 1.43
N THR A 31 5.10 4.02 2.68
CA THR A 31 4.43 4.97 3.54
C THR A 31 5.27 6.23 3.70
N MET A 32 4.63 7.33 4.14
CA MET A 32 5.33 8.60 4.31
C MET A 32 5.95 9.03 2.99
N GLY A 33 5.50 8.40 1.91
CA GLY A 33 6.00 8.72 0.58
C GLY A 33 7.50 8.61 0.46
N GLY A 34 7.99 7.42 0.12
CA GLY A 34 9.42 7.23 -0.05
C GLY A 34 10.03 6.12 0.80
N VAL A 35 9.28 5.62 1.79
CA VAL A 35 9.78 4.55 2.66
C VAL A 35 9.15 3.21 2.29
N MET A 36 9.92 2.13 2.42
CA MET A 36 9.40 0.80 2.09
C MET A 36 9.06 0.00 3.35
N THR A 37 7.77 -0.18 3.56
CA THR A 37 7.25 -0.97 4.68
C THR A 37 6.81 -2.33 4.16
N THR A 38 6.73 -3.32 5.03
CA THR A 38 6.33 -4.65 4.58
C THR A 38 4.89 -4.97 4.95
N LEU A 39 4.26 -5.79 4.11
CA LEU A 39 2.88 -6.21 4.33
C LEU A 39 2.78 -7.72 4.17
N ILE A 40 3.26 -8.21 3.02
CA ILE A 40 3.25 -9.65 2.76
C ILE A 40 4.68 -10.18 2.79
N ALA A 41 4.88 -11.29 3.49
CA ALA A 41 6.22 -11.88 3.61
C ALA A 41 6.28 -13.22 2.85
N LYS A 42 7.43 -13.52 2.24
CA LYS A 42 7.57 -14.77 1.49
C LYS A 42 7.46 -15.97 2.41
N ASN A 43 7.46 -17.15 1.80
CA ASN A 43 7.34 -18.41 2.55
C ASN A 43 6.04 -18.45 3.34
N THR A 44 5.02 -17.75 2.83
CA THR A 44 3.71 -17.72 3.49
C THR A 44 2.64 -18.32 2.58
N THR A 45 1.39 -18.25 3.04
CA THR A 45 0.28 -18.78 2.25
C THR A 45 -0.15 -17.79 1.17
N ILE A 46 -0.23 -18.26 -0.06
CA ILE A 46 -0.62 -17.41 -1.18
C ILE A 46 -1.87 -16.60 -0.86
N PRO A 47 -2.97 -17.25 -0.42
CA PRO A 47 -4.21 -16.55 -0.09
C PRO A 47 -4.03 -15.66 1.15
N THR A 48 -3.47 -14.48 0.94
CA THR A 48 -3.23 -13.55 2.03
C THR A 48 -4.12 -12.32 1.95
N LYS A 49 -4.21 -11.60 3.06
CA LYS A 49 -5.02 -10.39 3.15
C LYS A 49 -4.64 -9.63 4.42
N HIS A 50 -4.47 -8.32 4.31
CA HIS A 50 -4.09 -7.52 5.47
C HIS A 50 -4.78 -6.17 5.48
N SER A 51 -5.70 -6.00 6.42
CA SER A 51 -6.42 -4.74 6.58
C SER A 51 -5.89 -3.98 7.77
N GLN A 52 -5.10 -2.94 7.50
CA GLN A 52 -4.51 -2.14 8.57
C GLN A 52 -5.01 -0.71 8.52
N VAL A 53 -5.00 -0.06 9.68
CA VAL A 53 -5.45 1.32 9.78
C VAL A 53 -4.27 2.27 9.93
N PHE A 54 -3.95 2.99 8.87
CA PHE A 54 -2.84 3.93 8.87
C PHE A 54 -3.36 5.36 8.96
N SER A 55 -2.48 6.30 9.26
CA SER A 55 -2.87 7.70 9.39
C SER A 55 -2.49 8.49 8.14
N THR A 56 -3.03 9.68 8.02
CA THR A 56 -2.76 10.55 6.88
C THR A 56 -1.80 11.66 7.26
N ALA A 57 -0.97 12.10 6.31
CA ALA A 57 -0.02 13.15 6.57
C ALA A 57 -0.08 14.23 5.49
N GLU A 58 0.54 15.37 5.80
CA GLU A 58 0.59 16.52 4.90
C GLU A 58 -0.72 17.29 4.93
N ASP A 59 -0.87 18.22 3.99
CA ASP A 59 -2.08 19.05 3.90
C ASP A 59 -3.31 18.18 3.62
N ASN A 60 -4.23 18.73 2.82
CA ASN A 60 -5.42 17.99 2.47
C ASN A 60 -5.05 16.83 1.58
N GLN A 61 -4.01 17.04 0.77
CA GLN A 61 -3.53 16.02 -0.15
C GLN A 61 -4.72 15.22 -0.61
N SER A 62 -5.64 15.93 -1.26
CA SER A 62 -6.89 15.38 -1.72
C SER A 62 -6.84 13.86 -1.88
N ALA A 63 -5.78 13.36 -2.51
CA ALA A 63 -5.60 11.95 -2.72
C ALA A 63 -4.48 11.38 -1.85
N VAL A 64 -4.52 10.08 -1.59
CA VAL A 64 -3.50 9.43 -0.80
C VAL A 64 -2.56 8.65 -1.71
N THR A 65 -1.30 8.55 -1.32
CA THR A 65 -0.33 7.83 -2.15
C THR A 65 -0.03 6.45 -1.58
N ILE A 66 -0.59 5.44 -2.21
CA ILE A 66 -0.35 4.07 -1.80
C ILE A 66 0.53 3.42 -2.84
N HIS A 67 1.79 3.32 -2.52
CA HIS A 67 2.75 2.73 -3.43
C HIS A 67 3.12 1.35 -2.92
N VAL A 68 3.12 0.39 -3.82
CA VAL A 68 3.45 -0.95 -3.44
C VAL A 68 4.88 -1.23 -3.83
N LEU A 69 5.73 -1.24 -2.81
CA LEU A 69 7.15 -1.45 -2.98
C LEU A 69 7.52 -2.86 -2.54
N GLN A 70 8.09 -3.64 -3.43
CA GLN A 70 8.47 -5.00 -3.08
C GLN A 70 9.98 -5.16 -3.02
N GLY A 71 10.51 -5.08 -1.81
CA GLY A 71 11.93 -5.24 -1.61
C GLY A 71 12.33 -5.23 -0.15
N GLU A 72 13.56 -5.64 0.14
CA GLU A 72 14.05 -5.60 1.51
C GLU A 72 15.42 -4.94 1.53
N ARG A 73 15.43 -3.66 1.88
CA ARG A 73 16.66 -2.86 1.94
C ARG A 73 16.43 -1.60 2.79
N LYS A 74 17.52 -0.93 3.16
CA LYS A 74 17.42 0.28 3.96
C LYS A 74 16.57 1.34 3.26
N ARG A 75 16.70 1.41 1.94
CA ARG A 75 15.95 2.37 1.14
C ARG A 75 14.95 1.69 0.22
N ALA A 76 13.93 2.44 -0.21
CA ALA A 76 12.89 1.91 -1.09
C ALA A 76 13.21 2.21 -2.55
N ALA A 77 14.05 3.21 -2.77
CA ALA A 77 14.45 3.61 -4.12
C ALA A 77 15.63 2.78 -4.61
N ASP A 78 15.64 1.50 -4.24
CA ASP A 78 16.71 0.61 -4.64
C ASP A 78 16.19 -0.80 -4.79
N ASN A 79 14.92 -0.91 -5.18
CA ASN A 79 14.28 -2.21 -5.35
C ASN A 79 13.19 -2.16 -6.41
N LYS A 80 12.36 -3.20 -6.45
CA LYS A 80 11.29 -3.27 -7.44
C LYS A 80 10.04 -2.56 -6.93
N SER A 81 9.52 -1.65 -7.75
CA SER A 81 8.31 -0.91 -7.41
C SER A 81 7.10 -1.58 -8.03
N LEU A 82 6.31 -2.25 -7.20
CA LEU A 82 5.12 -2.95 -7.69
C LEU A 82 4.23 -2.02 -8.51
N GLY A 83 3.60 -1.06 -7.84
CA GLY A 83 2.71 -0.13 -8.53
C GLY A 83 2.31 1.06 -7.67
N GLN A 84 1.72 2.08 -8.29
CA GLN A 84 1.28 3.26 -7.56
C GLN A 84 -0.23 3.45 -7.73
N PHE A 85 -0.87 4.11 -6.76
CA PHE A 85 -2.30 4.34 -6.81
C PHE A 85 -2.67 5.77 -6.45
N ASN A 86 -3.84 6.21 -6.90
CA ASN A 86 -4.32 7.55 -6.63
C ASN A 86 -5.75 7.51 -6.08
N LEU A 87 -5.87 7.73 -4.78
CA LEU A 87 -7.17 7.73 -4.10
C LEU A 87 -7.61 9.14 -3.79
N ASP A 88 -8.59 9.67 -4.51
CA ASP A 88 -9.06 11.03 -4.26
C ASP A 88 -10.36 11.03 -3.46
N GLY A 89 -10.34 11.73 -2.34
CA GLY A 89 -11.51 11.82 -1.48
C GLY A 89 -11.14 11.94 -0.01
N ILE A 90 -10.21 12.86 0.31
CA ILE A 90 -9.79 13.07 1.68
C ILE A 90 -9.31 14.50 1.88
N ASN A 91 -10.04 15.45 1.33
CA ASN A 91 -9.67 16.85 1.44
C ASN A 91 -9.42 17.23 2.91
N PRO A 92 -10.42 17.08 3.80
CA PRO A 92 -10.25 17.40 5.21
C PRO A 92 -9.61 16.24 5.97
N ALA A 93 -8.35 15.96 5.66
CA ALA A 93 -7.64 14.86 6.31
C ALA A 93 -6.35 15.31 6.97
N PRO A 94 -6.40 15.64 8.28
CA PRO A 94 -5.21 16.06 9.02
C PRO A 94 -4.29 14.89 9.33
N ARG A 95 -3.86 14.79 10.58
CA ARG A 95 -2.99 13.71 11.01
C ARG A 95 -3.51 13.07 12.29
N GLY A 96 -4.15 11.90 12.15
CA GLY A 96 -4.69 11.21 13.29
C GLY A 96 -6.21 11.08 13.23
N MET A 97 -6.85 12.10 12.68
CA MET A 97 -8.31 12.10 12.56
C MET A 97 -8.78 11.19 11.42
N PRO A 98 -8.21 11.35 10.21
CA PRO A 98 -8.59 10.51 9.06
C PRO A 98 -8.12 9.07 9.21
N GLN A 99 -8.67 8.16 8.42
CA GLN A 99 -8.30 6.76 8.49
C GLN A 99 -8.35 6.08 7.12
N ILE A 100 -7.20 5.58 6.68
CA ILE A 100 -7.11 4.89 5.40
C ILE A 100 -7.00 3.39 5.65
N GLU A 101 -7.86 2.61 5.01
CA GLU A 101 -7.87 1.17 5.18
C GLU A 101 -7.24 0.50 3.97
N VAL A 102 -6.05 -0.08 4.17
CA VAL A 102 -5.33 -0.74 3.10
C VAL A 102 -5.41 -2.26 3.23
N THR A 103 -6.01 -2.90 2.23
CA THR A 103 -6.15 -4.34 2.20
C THR A 103 -5.60 -4.90 0.91
N PHE A 104 -4.71 -5.88 1.02
CA PHE A 104 -4.10 -6.47 -0.17
C PHE A 104 -4.14 -7.99 -0.11
N ASP A 105 -4.64 -8.59 -1.19
CA ASP A 105 -4.73 -10.04 -1.29
C ASP A 105 -3.88 -10.54 -2.45
N ILE A 106 -3.08 -11.56 -2.18
CA ILE A 106 -2.21 -12.13 -3.21
C ILE A 106 -2.77 -13.46 -3.70
N ASP A 107 -2.84 -13.61 -5.02
CA ASP A 107 -3.37 -14.83 -5.63
C ASP A 107 -2.25 -15.70 -6.20
N ALA A 108 -2.57 -16.96 -6.48
CA ALA A 108 -1.58 -17.89 -7.03
C ALA A 108 -1.08 -17.42 -8.39
N ASP A 109 -1.86 -16.57 -9.05
CA ASP A 109 -1.50 -16.06 -10.37
C ASP A 109 -0.50 -14.90 -10.24
N GLY A 110 0.09 -14.76 -9.06
CA GLY A 110 1.06 -13.70 -8.83
C GLY A 110 0.42 -12.32 -8.90
N ILE A 111 -0.86 -12.24 -8.59
CA ILE A 111 -1.58 -10.99 -8.61
C ILE A 111 -1.77 -10.43 -7.20
N LEU A 112 -2.18 -9.17 -7.12
CA LEU A 112 -2.39 -8.51 -5.84
C LEU A 112 -3.49 -7.46 -5.94
N HIS A 113 -4.43 -7.51 -4.99
CA HIS A 113 -5.53 -6.56 -4.97
C HIS A 113 -5.32 -5.52 -3.89
N VAL A 114 -4.99 -4.29 -4.28
CA VAL A 114 -4.74 -3.21 -3.33
C VAL A 114 -5.93 -2.27 -3.26
N SER A 115 -6.25 -1.80 -2.05
CA SER A 115 -7.38 -0.90 -1.86
C SER A 115 -7.19 0.02 -0.66
N ALA A 116 -7.53 1.30 -0.84
CA ALA A 116 -7.45 2.29 0.24
C ALA A 116 -8.81 2.95 0.44
N LYS A 117 -9.24 3.03 1.70
CA LYS A 117 -10.52 3.63 2.02
C LYS A 117 -10.36 4.75 3.04
N ASP A 118 -10.98 5.89 2.77
CA ASP A 118 -10.88 7.03 3.67
C ASP A 118 -12.16 7.19 4.47
N LYS A 119 -12.04 7.68 5.70
CA LYS A 119 -13.18 7.89 6.57
C LYS A 119 -13.55 9.37 6.65
N ASN A 120 -14.41 9.79 5.73
CA ASN A 120 -14.86 11.18 5.67
C ASN A 120 -15.94 11.34 4.60
N SER A 121 -15.97 10.40 3.66
CA SER A 121 -16.94 10.43 2.58
C SER A 121 -17.25 9.01 2.09
N GLY A 122 -16.24 8.15 2.12
CA GLY A 122 -16.44 6.77 1.69
C GLY A 122 -15.80 6.49 0.34
N LYS A 123 -14.70 7.17 0.05
CA LYS A 123 -13.99 6.98 -1.22
C LYS A 123 -12.97 5.85 -1.11
N GLU A 124 -13.17 4.79 -1.90
CA GLU A 124 -12.26 3.65 -1.89
C GLU A 124 -12.23 2.98 -3.26
N GLN A 125 -11.03 2.58 -3.68
CA GLN A 125 -10.85 1.93 -4.97
C GLN A 125 -9.85 0.78 -4.86
N LYS A 126 -9.99 -0.21 -5.74
CA LYS A 126 -9.09 -1.37 -5.74
C LYS A 126 -8.57 -1.66 -7.14
N ILE A 127 -7.29 -2.05 -7.22
CA ILE A 127 -6.66 -2.35 -8.50
C ILE A 127 -6.00 -3.72 -8.49
N THR A 128 -5.66 -4.23 -9.67
CA THR A 128 -5.02 -5.53 -9.80
C THR A 128 -3.58 -5.37 -10.31
N ILE A 129 -2.62 -5.94 -9.58
CA ILE A 129 -1.22 -5.84 -9.96
C ILE A 129 -0.52 -7.20 -9.90
N LYS A 130 0.47 -7.39 -10.77
CA LYS A 130 1.23 -8.63 -10.80
C LYS A 130 2.33 -8.59 -9.75
N ALA A 131 1.92 -8.59 -8.48
CA ALA A 131 2.86 -8.53 -7.37
C ALA A 131 3.80 -9.73 -7.34
N SER A 132 3.36 -10.82 -6.71
CA SER A 132 4.17 -12.03 -6.60
C SER A 132 5.41 -11.74 -5.76
N SER A 133 5.19 -11.30 -4.53
CA SER A 133 6.29 -10.98 -3.63
C SER A 133 5.94 -11.26 -2.17
N GLY A 134 6.90 -11.01 -1.28
CA GLY A 134 6.69 -11.23 0.14
C GLY A 134 8.00 -11.26 0.91
N LEU A 135 8.15 -10.37 1.90
CA LEU A 135 9.38 -10.28 2.69
C LEU A 135 9.98 -11.65 2.98
N ASN B 1 3.61 5.66 15.81
CA ASN B 1 4.68 5.83 14.79
C ASN B 1 4.25 5.26 13.44
N ARG B 2 5.18 5.27 12.48
CA ARG B 2 4.90 4.75 11.14
C ARG B 2 3.66 5.42 10.55
N LEU B 3 3.84 6.64 10.06
CA LEU B 3 2.74 7.40 9.46
C LEU B 3 2.71 7.22 7.94
N LEU B 4 1.77 7.89 7.30
CA LEU B 4 1.63 7.81 5.85
C LEU B 4 1.41 9.20 5.24
N LEU B 5 2.35 9.63 4.42
CA LEU B 5 2.27 10.95 3.78
C LEU B 5 1.09 11.00 2.81
N THR B 6 0.83 12.20 2.29
CA THR B 6 -0.27 12.39 1.35
C THR B 6 -1.61 12.04 1.99
N GLY B 7 -2.67 12.17 1.21
CA GLY B 7 -4.00 11.86 1.71
C GLY B 7 -4.62 13.03 2.45
N ASP A 21 4.41 -23.27 -3.55
CA ASP A 21 5.63 -22.54 -3.10
C ASP A 21 5.25 -21.28 -2.32
N VAL A 22 6.22 -20.38 -2.15
CA VAL A 22 6.00 -19.15 -1.42
C VAL A 22 6.26 -17.93 -2.30
N THR A 23 6.00 -16.74 -1.77
CA THR A 23 6.19 -15.50 -2.51
C THR A 23 7.63 -15.39 -3.00
N PRO A 24 7.84 -14.99 -4.27
CA PRO A 24 9.17 -14.86 -4.85
C PRO A 24 9.80 -13.49 -4.63
N LEU A 25 9.20 -12.68 -3.76
CA LEU A 25 9.72 -11.35 -3.47
C LEU A 25 8.94 -10.68 -2.36
N SER A 26 9.65 -9.97 -1.50
CA SER A 26 9.02 -9.27 -0.38
C SER A 26 8.06 -8.19 -0.89
N LEU A 27 6.81 -8.27 -0.48
CA LEU A 27 5.80 -7.30 -0.89
C LEU A 27 5.53 -6.32 0.24
N GLY A 28 5.38 -5.05 -0.12
CA GLY A 28 5.14 -4.03 0.88
C GLY A 28 4.69 -2.72 0.27
N ILE A 29 4.25 -1.78 1.11
CA ILE A 29 3.78 -0.49 0.63
C ILE A 29 4.75 0.62 1.03
N GLU A 30 4.59 1.79 0.43
CA GLU A 30 5.42 2.93 0.71
C GLU A 30 4.62 3.94 1.51
N THR A 31 5.06 4.21 2.72
CA THR A 31 4.36 5.13 3.58
C THR A 31 5.09 6.47 3.63
N MET A 32 4.35 7.52 3.98
CA MET A 32 4.92 8.87 4.07
C MET A 32 5.42 9.31 2.70
N GLY A 33 5.06 8.54 1.67
CA GLY A 33 5.47 8.85 0.31
C GLY A 33 6.97 8.98 0.17
N GLY A 34 7.67 7.86 0.08
CA GLY A 34 9.12 7.91 -0.08
C GLY A 34 9.85 6.72 0.53
N VAL A 35 9.31 6.17 1.61
CA VAL A 35 9.96 5.03 2.27
C VAL A 35 9.22 3.73 1.97
N MET A 36 9.90 2.61 2.16
CA MET A 36 9.29 1.30 1.89
C MET A 36 8.90 0.59 3.19
N THR A 37 7.78 -0.11 3.11
CA THR A 37 7.24 -0.87 4.24
C THR A 37 6.94 -2.28 3.75
N THR A 38 6.75 -3.23 4.66
CA THR A 38 6.48 -4.60 4.26
C THR A 38 5.13 -5.09 4.77
N LEU A 39 4.38 -5.73 3.86
CA LEU A 39 3.07 -6.27 4.18
C LEU A 39 3.05 -7.77 3.89
N ILE A 40 3.59 -8.15 2.74
CA ILE A 40 3.66 -9.56 2.32
C ILE A 40 5.07 -9.94 1.89
N ALA A 41 6.05 -9.68 2.76
CA ALA A 41 7.45 -9.99 2.45
C ALA A 41 7.65 -11.47 2.13
N LYS A 42 8.75 -11.77 1.45
CA LYS A 42 9.09 -13.13 1.06
C LYS A 42 8.97 -14.09 2.25
N ASN A 43 9.02 -15.39 1.94
CA ASN A 43 8.92 -16.43 2.96
C ASN A 43 7.57 -16.36 3.69
N THR A 44 6.51 -16.08 2.93
CA THR A 44 5.18 -16.00 3.50
C THR A 44 4.18 -16.83 2.70
N THR A 45 2.95 -16.90 3.18
CA THR A 45 1.91 -17.66 2.50
C THR A 45 1.29 -16.85 1.36
N ILE A 46 1.16 -17.48 0.20
CA ILE A 46 0.58 -16.80 -0.97
C ILE A 46 -0.81 -16.24 -0.65
N PRO A 47 -1.73 -17.07 -0.13
CA PRO A 47 -3.08 -16.61 0.21
C PRO A 47 -3.06 -15.73 1.47
N THR A 48 -2.69 -14.47 1.29
CA THR A 48 -2.59 -13.54 2.41
C THR A 48 -3.68 -12.47 2.35
N LYS A 49 -3.87 -11.79 3.49
CA LYS A 49 -4.86 -10.73 3.60
C LYS A 49 -4.60 -9.92 4.87
N HIS A 50 -4.10 -8.70 4.70
CA HIS A 50 -3.80 -7.84 5.85
C HIS A 50 -4.74 -6.65 5.92
N SER A 51 -5.66 -6.69 6.87
CA SER A 51 -6.63 -5.61 7.06
C SER A 51 -6.26 -4.75 8.27
N GLN A 52 -5.74 -3.56 8.00
CA GLN A 52 -5.35 -2.65 9.07
C GLN A 52 -5.78 -1.21 8.75
N VAL A 53 -5.74 -0.35 9.76
CA VAL A 53 -6.14 1.04 9.58
C VAL A 53 -4.92 1.96 9.55
N PHE A 54 -4.64 2.51 8.37
CA PHE A 54 -3.50 3.42 8.19
C PHE A 54 -3.99 4.87 8.10
N SER A 55 -3.10 5.81 8.34
CA SER A 55 -3.45 7.22 8.30
C SER A 55 -2.65 7.96 7.22
N THR A 56 -3.10 9.16 6.87
CA THR A 56 -2.44 9.97 5.86
C THR A 56 -1.67 11.13 6.52
N ALA A 57 -0.80 11.77 5.75
CA ALA A 57 -0.01 12.89 6.25
C ALA A 57 -0.09 14.09 5.33
N GLU A 58 0.35 15.23 5.85
CA GLU A 58 0.36 16.51 5.12
C GLU A 58 -1.00 17.19 5.20
N ASP A 59 -1.09 18.22 6.02
CA ASP A 59 -2.34 18.97 6.20
C ASP A 59 -2.73 19.67 4.91
N ASN A 60 -3.98 19.49 4.49
CA ASN A 60 -4.50 20.09 3.26
C ASN A 60 -3.89 19.40 2.05
N GLN A 61 -4.50 18.28 1.67
CA GLN A 61 -4.03 17.51 0.53
C GLN A 61 -5.17 16.69 -0.03
N SER A 62 -6.05 16.26 0.88
CA SER A 62 -7.22 15.47 0.53
C SER A 62 -6.86 14.40 -0.50
N ALA A 63 -5.65 13.85 -0.39
CA ALA A 63 -5.17 12.82 -1.31
C ALA A 63 -4.34 11.77 -0.59
N VAL A 64 -4.63 10.50 -0.85
CA VAL A 64 -3.89 9.41 -0.22
C VAL A 64 -2.91 8.79 -1.21
N THR A 65 -1.67 8.60 -0.78
CA THR A 65 -0.65 8.03 -1.64
C THR A 65 -0.39 6.58 -1.28
N ILE A 66 -0.89 5.68 -2.10
CA ILE A 66 -0.71 4.27 -1.88
C ILE A 66 0.25 3.71 -2.91
N HIS A 67 1.48 3.52 -2.49
CA HIS A 67 2.51 2.98 -3.35
C HIS A 67 2.85 1.57 -2.89
N VAL A 68 2.88 0.63 -3.82
CA VAL A 68 3.20 -0.73 -3.46
C VAL A 68 4.63 -1.04 -3.86
N LEU A 69 5.48 -1.12 -2.86
CA LEU A 69 6.89 -1.41 -3.06
C LEU A 69 7.18 -2.85 -2.68
N GLN A 70 7.64 -3.62 -3.65
CA GLN A 70 7.92 -5.03 -3.40
C GLN A 70 9.41 -5.34 -3.39
N GLY A 71 9.96 -5.40 -2.18
CA GLY A 71 11.35 -5.73 -2.03
C GLY A 71 11.77 -5.90 -0.58
N GLU A 72 12.93 -6.48 -0.36
CA GLU A 72 13.46 -6.64 0.99
C GLU A 72 14.83 -5.98 1.07
N ARG A 73 14.84 -4.75 1.58
CA ARG A 73 16.08 -3.99 1.72
C ARG A 73 15.82 -2.75 2.57
N LYS A 74 16.91 -2.11 3.01
CA LYS A 74 16.79 -0.90 3.81
C LYS A 74 16.17 0.24 3.01
N ARG A 75 16.67 0.44 1.80
CA ARG A 75 16.18 1.50 0.92
C ARG A 75 15.01 1.01 0.06
N ALA A 76 14.40 1.93 -0.68
CA ALA A 76 13.27 1.59 -1.54
C ALA A 76 13.50 2.02 -2.98
N ALA A 77 12.47 1.88 -3.80
CA ALA A 77 12.54 2.25 -5.20
C ALA A 77 13.78 1.66 -5.86
N ASP A 78 14.33 0.62 -5.25
CA ASP A 78 15.52 -0.04 -5.78
C ASP A 78 15.32 -1.55 -5.88
N ASN A 79 14.11 -2.01 -5.58
CA ASN A 79 13.81 -3.43 -5.64
C ASN A 79 12.81 -3.74 -6.76
N LYS A 80 11.55 -3.39 -6.55
CA LYS A 80 10.51 -3.63 -7.53
C LYS A 80 9.25 -2.83 -7.21
N SER A 81 9.08 -1.72 -7.91
CA SER A 81 7.92 -0.86 -7.71
C SER A 81 6.66 -1.48 -8.29
N LEU A 82 5.86 -2.12 -7.44
CA LEU A 82 4.63 -2.76 -7.88
C LEU A 82 3.76 -1.76 -8.65
N GLY A 83 3.15 -0.83 -7.91
CA GLY A 83 2.31 0.18 -8.52
C GLY A 83 2.00 1.31 -7.56
N GLN A 84 1.49 2.43 -8.07
CA GLN A 84 1.16 3.57 -7.21
C GLN A 84 -0.27 4.02 -7.47
N PHE A 85 -0.89 4.61 -6.45
CA PHE A 85 -2.27 5.07 -6.55
C PHE A 85 -2.41 6.52 -6.12
N ASN A 86 -2.96 7.34 -7.00
CA ASN A 86 -3.18 8.76 -6.70
C ASN A 86 -4.66 9.01 -6.44
N LEU A 87 -5.01 9.19 -5.16
CA LEU A 87 -6.38 9.42 -4.77
C LEU A 87 -6.60 10.86 -4.33
N ASP A 88 -7.87 11.26 -4.23
CA ASP A 88 -8.21 12.60 -3.78
C ASP A 88 -9.63 12.65 -3.24
N GLY A 89 -9.74 12.70 -1.91
CA GLY A 89 -11.03 12.74 -1.27
C GLY A 89 -10.93 12.44 0.21
N ILE A 90 -10.28 13.34 0.96
CA ILE A 90 -10.12 13.16 2.40
C ILE A 90 -10.15 14.52 3.07
N ASN A 91 -10.37 15.52 2.23
CA ASN A 91 -10.46 16.90 2.64
C ASN A 91 -9.23 17.37 3.42
N PRO A 92 -9.04 18.70 3.54
CA PRO A 92 -7.90 19.28 4.25
C PRO A 92 -7.82 18.81 5.70
N ALA A 93 -6.75 19.20 6.39
CA ALA A 93 -6.53 18.83 7.77
C ALA A 93 -6.67 17.32 7.98
N PRO A 94 -5.98 16.50 7.16
CA PRO A 94 -6.04 15.05 7.26
C PRO A 94 -4.92 14.48 8.12
N ARG A 95 -5.22 14.28 9.41
CA ARG A 95 -4.25 13.73 10.34
C ARG A 95 -4.94 13.07 11.53
N GLY A 96 -5.10 11.75 11.47
CA GLY A 96 -5.77 11.03 12.53
C GLY A 96 -7.27 11.02 12.37
N MET A 97 -7.80 12.08 11.77
CA MET A 97 -9.24 12.21 11.54
C MET A 97 -9.66 11.48 10.25
N PRO A 98 -8.93 11.65 9.14
CA PRO A 98 -9.26 11.00 7.86
C PRO A 98 -9.30 9.47 7.98
N GLN A 99 -9.86 8.83 6.96
CA GLN A 99 -9.96 7.37 6.96
C GLN A 99 -9.16 6.76 5.80
N ILE A 100 -8.42 5.70 6.11
CA ILE A 100 -7.61 4.99 5.13
C ILE A 100 -7.44 3.54 5.58
N GLU A 101 -8.13 2.63 4.89
CA GLU A 101 -8.07 1.21 5.22
C GLU A 101 -7.20 0.47 4.22
N VAL A 102 -6.39 -0.45 4.71
CA VAL A 102 -5.50 -1.21 3.84
C VAL A 102 -5.78 -2.71 3.93
N THR A 103 -5.80 -3.37 2.77
CA THR A 103 -6.07 -4.79 2.70
C THR A 103 -5.66 -5.36 1.34
N PHE A 104 -4.63 -6.21 1.34
CA PHE A 104 -4.19 -6.82 0.09
C PHE A 104 -4.36 -8.32 0.13
N ASP A 105 -4.67 -8.89 -1.02
CA ASP A 105 -4.85 -10.32 -1.14
C ASP A 105 -4.00 -10.83 -2.29
N ILE A 106 -3.15 -11.82 -2.01
CA ILE A 106 -2.29 -12.38 -3.03
C ILE A 106 -2.83 -13.73 -3.50
N ASP A 107 -2.83 -13.94 -4.81
CA ASP A 107 -3.34 -15.18 -5.39
C ASP A 107 -2.19 -16.07 -5.85
N ALA A 108 -2.46 -17.36 -6.00
CA ALA A 108 -1.46 -18.32 -6.44
C ALA A 108 -0.94 -18.00 -7.84
N ASP A 109 -1.70 -17.16 -8.55
CA ASP A 109 -1.33 -16.78 -9.92
C ASP A 109 -0.46 -15.52 -9.90
N GLY A 110 0.14 -15.23 -8.75
CA GLY A 110 1.00 -14.06 -8.63
C GLY A 110 0.21 -12.77 -8.70
N ILE A 111 -1.07 -12.82 -8.36
CA ILE A 111 -1.93 -11.65 -8.39
C ILE A 111 -1.88 -10.92 -7.05
N LEU A 112 -2.15 -9.62 -7.07
CA LEU A 112 -2.12 -8.81 -5.87
C LEU A 112 -3.17 -7.70 -5.94
N HIS A 113 -3.82 -7.45 -4.82
CA HIS A 113 -4.85 -6.41 -4.74
C HIS A 113 -4.50 -5.37 -3.69
N VAL A 114 -4.24 -4.14 -4.14
CA VAL A 114 -3.91 -3.05 -3.23
C VAL A 114 -5.09 -2.11 -3.07
N SER A 115 -5.67 -2.07 -1.88
CA SER A 115 -6.83 -1.24 -1.62
C SER A 115 -6.59 -0.20 -0.53
N ALA A 116 -7.35 0.88 -0.59
CA ALA A 116 -7.28 1.95 0.40
C ALA A 116 -8.66 2.53 0.61
N LYS A 117 -8.79 3.37 1.62
CA LYS A 117 -10.06 4.03 1.90
C LYS A 117 -9.82 5.52 2.00
N ASP A 118 -10.67 6.32 1.37
CA ASP A 118 -10.48 7.76 1.43
C ASP A 118 -11.81 8.47 1.38
N LYS A 119 -12.34 8.80 2.54
CA LYS A 119 -13.58 9.53 2.64
C LYS A 119 -13.92 9.85 4.09
N ASN A 120 -14.64 8.89 4.67
CA ASN A 120 -15.11 8.93 6.05
C ASN A 120 -16.13 7.81 6.20
N SER A 121 -16.64 7.40 5.05
CA SER A 121 -17.63 6.33 4.94
C SER A 121 -17.67 5.83 3.50
N GLY A 122 -16.67 6.25 2.70
CA GLY A 122 -16.59 5.85 1.31
C GLY A 122 -15.18 5.44 0.90
N LYS A 123 -14.77 4.27 1.38
CA LYS A 123 -13.45 3.70 1.11
C LYS A 123 -13.09 3.72 -0.38
N GLU A 124 -11.82 3.42 -0.65
CA GLU A 124 -11.30 3.37 -2.01
C GLU A 124 -11.23 1.92 -2.47
N GLN A 125 -11.03 1.69 -3.76
CA GLN A 125 -10.99 0.33 -4.31
C GLN A 125 -9.56 -0.14 -4.59
N LYS A 126 -9.43 -1.44 -4.84
CA LYS A 126 -8.14 -2.07 -5.10
C LYS A 126 -7.97 -2.39 -6.59
N ILE A 127 -6.74 -2.69 -6.97
CA ILE A 127 -6.42 -3.03 -8.36
C ILE A 127 -5.79 -4.41 -8.44
N THR A 128 -5.75 -4.98 -9.64
CA THR A 128 -5.16 -6.30 -9.84
C THR A 128 -3.80 -6.20 -10.52
N ILE A 129 -2.80 -6.88 -9.95
CA ILE A 129 -1.44 -6.86 -10.50
C ILE A 129 -0.83 -8.25 -10.52
N LYS A 130 -0.38 -8.68 -11.68
CA LYS A 130 0.24 -9.99 -11.82
C LYS A 130 1.77 -9.88 -11.76
N ALA A 131 2.26 -9.35 -10.64
CA ALA A 131 3.69 -9.18 -10.45
C ALA A 131 4.33 -10.44 -9.87
N SER A 132 5.28 -11.02 -10.60
CA SER A 132 5.99 -12.22 -10.18
C SER A 132 5.03 -13.40 -10.03
N SER A 133 5.25 -14.43 -10.84
CA SER A 133 4.42 -15.63 -10.79
C SER A 133 4.90 -16.58 -9.71
N GLY A 134 6.19 -16.91 -9.74
CA GLY A 134 6.75 -17.80 -8.76
C GLY A 134 8.17 -18.22 -9.11
N LEU A 135 8.62 -17.86 -10.31
CA LEU A 135 9.97 -18.20 -10.77
C LEU A 135 10.22 -19.70 -10.65
N ASN B 1 7.60 6.81 10.72
CA ASN B 1 6.37 7.32 11.39
C ASN B 1 5.11 6.86 10.66
N ARG B 2 5.28 5.94 9.71
CA ARG B 2 4.16 5.41 8.94
C ARG B 2 3.42 6.54 8.21
N LEU B 3 2.10 6.59 8.35
CA LEU B 3 1.29 7.61 7.69
C LEU B 3 1.41 7.51 6.17
N LEU B 4 0.70 8.38 5.45
CA LEU B 4 0.73 8.37 3.99
C LEU B 4 0.79 9.79 3.44
N LEU B 5 1.99 10.32 3.28
CA LEU B 5 2.18 11.67 2.75
C LEU B 5 2.20 11.66 1.23
N THR B 6 1.81 12.78 0.63
CA THR B 6 1.79 12.90 -0.84
C THR B 6 3.11 13.43 -1.37
N GLY B 7 3.49 14.62 -0.91
CA GLY B 7 4.72 15.24 -1.35
C GLY B 7 4.51 16.30 -2.41
N ASP A 21 5.75 -22.65 -2.26
CA ASP A 21 4.47 -22.39 -1.56
C ASP A 21 4.50 -21.05 -0.83
N VAL A 22 5.51 -20.25 -1.12
CA VAL A 22 5.66 -18.93 -0.49
C VAL A 22 6.08 -17.88 -1.51
N THR A 23 5.88 -16.61 -1.16
CA THR A 23 6.25 -15.51 -2.04
C THR A 23 7.75 -15.46 -2.25
N PRO A 24 8.21 -15.42 -3.52
CA PRO A 24 9.64 -15.39 -3.84
C PRO A 24 10.26 -14.00 -3.66
N LEU A 25 9.59 -13.14 -2.90
CA LEU A 25 10.09 -11.80 -2.66
C LEU A 25 9.23 -11.08 -1.62
N SER A 26 9.87 -10.23 -0.82
CA SER A 26 9.17 -9.49 0.21
C SER A 26 8.31 -8.39 -0.39
N LEU A 27 7.01 -8.48 -0.15
CA LEU A 27 6.08 -7.50 -0.67
C LEU A 27 5.67 -6.53 0.44
N GLY A 28 5.64 -5.25 0.13
CA GLY A 28 5.30 -4.25 1.13
C GLY A 28 4.97 -2.89 0.52
N ILE A 29 4.44 -2.00 1.34
CA ILE A 29 4.08 -0.66 0.86
C ILE A 29 5.04 0.40 1.39
N GLU A 30 4.95 1.60 0.81
CA GLU A 30 5.80 2.70 1.21
C GLU A 30 4.95 3.75 1.90
N THR A 31 5.32 4.08 3.13
CA THR A 31 4.57 5.05 3.89
C THR A 31 5.29 6.39 3.94
N MET A 32 4.54 7.44 4.28
CA MET A 32 5.09 8.79 4.35
C MET A 32 5.81 9.13 3.04
N GLY A 33 5.37 8.47 1.96
CA GLY A 33 5.94 8.70 0.65
C GLY A 33 7.45 8.81 0.65
N GLY A 34 8.14 7.69 0.48
CA GLY A 34 9.60 7.72 0.47
C GLY A 34 10.26 6.41 0.84
N VAL A 35 9.92 5.86 2.01
CA VAL A 35 10.51 4.60 2.47
C VAL A 35 9.55 3.45 2.28
N MET A 36 10.05 2.22 2.37
CA MET A 36 9.19 1.05 2.22
C MET A 36 8.84 0.43 3.55
N THR A 37 7.84 -0.44 3.50
CA THR A 37 7.35 -1.16 4.66
C THR A 37 6.98 -2.56 4.23
N THR A 38 6.77 -3.47 5.16
CA THR A 38 6.42 -4.83 4.79
C THR A 38 5.00 -5.21 5.18
N LEU A 39 4.30 -5.82 4.23
CA LEU A 39 2.93 -6.27 4.45
C LEU A 39 2.82 -7.75 4.12
N ILE A 40 3.39 -8.13 2.98
CA ILE A 40 3.39 -9.53 2.53
C ILE A 40 4.80 -9.97 2.16
N ALA A 41 5.75 -9.78 3.08
CA ALA A 41 7.14 -10.15 2.85
C ALA A 41 7.27 -11.61 2.47
N LYS A 42 8.36 -11.95 1.78
CA LYS A 42 8.59 -13.32 1.35
C LYS A 42 8.54 -14.29 2.53
N ASN A 43 8.70 -15.57 2.23
CA ASN A 43 8.67 -16.62 3.27
C ASN A 43 7.31 -16.65 3.96
N THR A 44 6.29 -16.09 3.30
CA THR A 44 4.94 -16.06 3.85
C THR A 44 3.99 -16.90 3.01
N THR A 45 2.75 -17.03 3.47
CA THR A 45 1.74 -17.80 2.76
C THR A 45 1.20 -17.03 1.56
N ILE A 46 1.02 -17.72 0.44
CA ILE A 46 0.50 -17.08 -0.77
C ILE A 46 -0.87 -16.44 -0.52
N PRO A 47 -1.85 -17.20 0.00
CA PRO A 47 -3.19 -16.68 0.28
C PRO A 47 -3.16 -15.72 1.47
N THR A 48 -2.79 -14.47 1.22
CA THR A 48 -2.69 -13.47 2.28
C THR A 48 -3.77 -12.41 2.18
N LYS A 49 -3.98 -11.71 3.28
CA LYS A 49 -4.97 -10.64 3.37
C LYS A 49 -4.71 -9.81 4.62
N HIS A 50 -4.46 -8.51 4.47
CA HIS A 50 -4.16 -7.67 5.62
C HIS A 50 -4.87 -6.32 5.54
N SER A 51 -5.76 -6.08 6.50
CA SER A 51 -6.49 -4.83 6.58
C SER A 51 -6.04 -4.03 7.80
N GLN A 52 -5.24 -3.00 7.55
CA GLN A 52 -4.74 -2.17 8.64
C GLN A 52 -5.16 -0.72 8.46
N VAL A 53 -5.01 0.07 9.53
CA VAL A 53 -5.39 1.48 9.50
C VAL A 53 -4.16 2.37 9.56
N PHE A 54 -3.92 3.12 8.49
CA PHE A 54 -2.78 4.02 8.42
C PHE A 54 -3.23 5.47 8.61
N SER A 55 -2.27 6.36 8.87
CA SER A 55 -2.59 7.77 9.10
C SER A 55 -2.21 8.61 7.89
N THR A 56 -2.82 9.80 7.81
CA THR A 56 -2.56 10.74 6.72
C THR A 56 -1.71 11.91 7.22
N ALA A 57 -0.76 12.38 6.41
CA ALA A 57 0.09 13.49 6.83
C ALA A 57 0.84 14.14 5.68
N GLU A 58 0.36 15.31 5.24
CA GLU A 58 0.97 16.08 4.14
C GLU A 58 0.01 17.12 3.60
N ASP A 59 0.16 18.36 4.06
CA ASP A 59 -0.70 19.46 3.60
C ASP A 59 -2.17 19.04 3.62
N ASN A 60 -2.92 19.43 2.60
CA ASN A 60 -4.32 19.07 2.51
C ASN A 60 -4.44 17.72 1.83
N GLN A 61 -3.28 17.15 1.47
CA GLN A 61 -3.21 15.85 0.80
C GLN A 61 -4.40 15.64 -0.11
N SER A 62 -4.38 16.33 -1.24
CA SER A 62 -5.48 16.25 -2.20
C SER A 62 -5.84 14.79 -2.49
N ALA A 63 -4.88 13.89 -2.26
CA ALA A 63 -5.08 12.47 -2.49
C ALA A 63 -4.11 11.65 -1.65
N VAL A 64 -4.32 10.34 -1.56
CA VAL A 64 -3.43 9.50 -0.76
C VAL A 64 -2.47 8.76 -1.67
N THR A 65 -1.23 8.62 -1.22
CA THR A 65 -0.21 7.93 -2.00
C THR A 65 0.01 6.54 -1.44
N ILE A 66 -0.16 5.56 -2.31
CA ILE A 66 0.02 4.19 -1.93
C ILE A 66 1.02 3.55 -2.86
N HIS A 67 2.23 3.43 -2.37
CA HIS A 67 3.30 2.83 -3.12
C HIS A 67 3.55 1.44 -2.60
N VAL A 68 3.32 0.44 -3.42
CA VAL A 68 3.56 -0.90 -2.96
C VAL A 68 4.91 -1.34 -3.48
N LEU A 69 5.87 -1.31 -2.60
CA LEU A 69 7.21 -1.68 -2.93
C LEU A 69 7.52 -3.05 -2.38
N GLN A 70 7.82 -3.98 -3.28
CA GLN A 70 8.09 -5.35 -2.88
C GLN A 70 9.58 -5.63 -2.87
N GLY A 71 10.14 -5.54 -1.68
CA GLY A 71 11.54 -5.81 -1.47
C GLY A 71 11.93 -5.76 -0.01
N GLU A 72 13.11 -6.25 0.31
CA GLU A 72 13.58 -6.22 1.69
C GLU A 72 14.83 -5.35 1.83
N ARG A 73 14.64 -4.12 2.31
CA ARG A 73 15.74 -3.17 2.50
C ARG A 73 15.41 -2.18 3.61
N LYS A 74 16.42 -1.45 4.07
CA LYS A 74 16.22 -0.46 5.11
C LYS A 74 15.35 0.69 4.62
N ARG A 75 15.52 1.06 3.36
CA ARG A 75 14.75 2.15 2.76
C ARG A 75 14.23 1.77 1.38
N ALA A 76 13.29 2.57 0.87
CA ALA A 76 12.70 2.31 -0.44
C ALA A 76 13.51 2.99 -1.55
N ALA A 77 14.37 2.21 -2.20
CA ALA A 77 15.18 2.73 -3.28
C ALA A 77 14.32 3.17 -4.45
N ASP A 78 13.00 2.94 -4.33
CA ASP A 78 12.05 3.30 -5.38
C ASP A 78 12.23 2.36 -6.56
N ASN A 79 11.79 1.12 -6.37
CA ASN A 79 11.92 0.10 -7.40
C ASN A 79 10.55 -0.47 -7.82
N LYS A 80 10.50 -1.79 -8.00
CA LYS A 80 9.27 -2.46 -8.42
C LYS A 80 8.08 -2.02 -7.59
N SER A 81 7.28 -1.13 -8.16
CA SER A 81 6.10 -0.62 -7.49
C SER A 81 4.87 -1.41 -7.90
N LEU A 82 4.48 -2.38 -7.07
CA LEU A 82 3.32 -3.21 -7.32
C LEU A 82 2.20 -2.39 -7.96
N GLY A 83 1.77 -1.33 -7.28
CA GLY A 83 0.73 -0.48 -7.80
C GLY A 83 0.60 0.83 -7.05
N GLN A 84 0.55 1.95 -7.78
CA GLN A 84 0.40 3.26 -7.18
C GLN A 84 -1.03 3.76 -7.37
N PHE A 85 -1.60 4.37 -6.33
CA PHE A 85 -2.96 4.85 -6.41
C PHE A 85 -3.08 6.31 -5.99
N ASN A 86 -4.12 6.97 -6.48
CA ASN A 86 -4.37 8.36 -6.14
C ASN A 86 -5.82 8.53 -5.71
N LEU A 87 -6.03 8.66 -4.41
CA LEU A 87 -7.37 8.82 -3.85
C LEU A 87 -7.63 10.25 -3.45
N ASP A 88 -8.45 10.95 -4.22
CA ASP A 88 -8.77 12.35 -3.91
C ASP A 88 -10.14 12.47 -3.26
N GLY A 89 -10.17 13.09 -2.09
CA GLY A 89 -11.40 13.28 -1.36
C GLY A 89 -11.15 13.57 0.10
N ILE A 90 -9.91 13.96 0.41
CA ILE A 90 -9.52 14.27 1.78
C ILE A 90 -8.64 15.52 1.81
N ASN A 91 -9.28 16.69 1.79
CA ASN A 91 -8.54 17.94 1.81
C ASN A 91 -9.04 18.90 2.90
N PRO A 92 -9.20 18.42 4.15
CA PRO A 92 -9.66 19.25 5.25
C PRO A 92 -8.51 19.82 6.08
N ALA A 93 -7.29 19.73 5.54
CA ALA A 93 -6.11 20.24 6.22
C ALA A 93 -5.94 19.60 7.61
N PRO A 94 -5.99 18.26 7.70
CA PRO A 94 -5.85 17.53 8.95
C PRO A 94 -4.41 17.18 9.27
N ARG A 95 -4.21 16.11 10.04
CA ARG A 95 -2.88 15.64 10.42
C ARG A 95 -2.98 14.46 11.37
N GLY A 96 -3.30 13.29 10.82
CA GLY A 96 -3.43 12.10 11.63
C GLY A 96 -4.88 11.79 12.01
N MET A 97 -5.80 12.64 11.54
CA MET A 97 -7.21 12.46 11.82
C MET A 97 -7.85 11.46 10.84
N PRO A 98 -7.69 11.67 9.51
CA PRO A 98 -8.26 10.76 8.51
C PRO A 98 -7.64 9.37 8.61
N GLN A 99 -8.29 8.39 7.99
CA GLN A 99 -7.81 7.02 8.02
C GLN A 99 -8.08 6.29 6.72
N ILE A 100 -7.05 5.65 6.18
CA ILE A 100 -7.17 4.90 4.94
C ILE A 100 -7.19 3.40 5.25
N GLU A 101 -8.03 2.67 4.54
CA GLU A 101 -8.15 1.23 4.75
C GLU A 101 -7.44 0.48 3.64
N VAL A 102 -6.30 -0.12 3.98
CA VAL A 102 -5.51 -0.87 3.01
C VAL A 102 -5.66 -2.37 3.21
N THR A 103 -5.80 -3.09 2.09
CA THR A 103 -5.96 -4.54 2.13
C THR A 103 -5.37 -5.16 0.86
N PHE A 104 -4.44 -6.09 1.04
CA PHE A 104 -3.81 -6.74 -0.09
C PHE A 104 -3.86 -8.25 0.02
N ASP A 105 -4.08 -8.88 -1.11
CA ASP A 105 -4.16 -10.34 -1.18
C ASP A 105 -3.24 -10.87 -2.28
N ILE A 106 -2.50 -11.92 -1.98
CA ILE A 106 -1.59 -12.52 -2.95
C ILE A 106 -2.19 -13.80 -3.52
N ASP A 107 -2.07 -13.98 -4.84
CA ASP A 107 -2.61 -15.15 -5.51
C ASP A 107 -1.50 -16.14 -5.87
N ALA A 108 -1.89 -17.38 -6.16
CA ALA A 108 -0.93 -18.42 -6.51
C ALA A 108 -0.14 -18.06 -7.76
N ASP A 109 -0.79 -17.38 -8.70
CA ASP A 109 -0.15 -16.97 -9.94
C ASP A 109 0.83 -15.83 -9.71
N GLY A 110 0.81 -15.27 -8.50
CA GLY A 110 1.70 -14.17 -8.17
C GLY A 110 1.01 -12.83 -8.29
N ILE A 111 -0.32 -12.84 -8.31
CA ILE A 111 -1.09 -11.61 -8.42
C ILE A 111 -1.24 -10.93 -7.07
N LEU A 112 -1.60 -9.66 -7.09
CA LEU A 112 -1.77 -8.90 -5.87
C LEU A 112 -2.85 -7.83 -6.05
N HIS A 113 -3.57 -7.54 -4.98
CA HIS A 113 -4.65 -6.54 -5.02
C HIS A 113 -4.45 -5.50 -3.92
N VAL A 114 -4.26 -4.25 -4.32
CA VAL A 114 -4.07 -3.17 -3.36
C VAL A 114 -5.25 -2.20 -3.38
N SER A 115 -5.87 -2.00 -2.22
CA SER A 115 -7.02 -1.10 -2.12
C SER A 115 -6.89 -0.10 -0.97
N ALA A 116 -7.14 1.17 -1.27
CA ALA A 116 -7.09 2.23 -0.26
C ALA A 116 -8.47 2.88 -0.11
N LYS A 117 -8.99 2.86 1.10
CA LYS A 117 -10.30 3.43 1.38
C LYS A 117 -10.17 4.71 2.20
N ASP A 118 -11.18 5.57 2.14
CA ASP A 118 -11.15 6.82 2.89
C ASP A 118 -12.05 6.73 4.12
N LYS A 119 -11.74 7.51 5.15
CA LYS A 119 -12.52 7.52 6.37
C LYS A 119 -13.40 8.77 6.44
N ASN A 120 -12.98 9.82 5.74
CA ASN A 120 -13.73 11.08 5.73
C ASN A 120 -14.93 10.96 4.81
N SER A 121 -15.16 9.76 4.29
CA SER A 121 -16.28 9.50 3.38
C SER A 121 -16.43 8.01 3.10
N GLY A 122 -15.41 7.42 2.49
CA GLY A 122 -15.44 6.00 2.17
C GLY A 122 -14.97 5.70 0.76
N LYS A 123 -14.27 6.65 0.15
CA LYS A 123 -13.75 6.48 -1.20
C LYS A 123 -12.71 5.37 -1.24
N GLU A 124 -12.92 4.37 -2.10
CA GLU A 124 -11.99 3.26 -2.22
C GLU A 124 -11.70 2.92 -3.68
N GLN A 125 -10.56 2.26 -3.90
CA GLN A 125 -10.14 1.87 -5.24
C GLN A 125 -9.17 0.69 -5.16
N LYS A 126 -9.25 -0.22 -6.14
CA LYS A 126 -8.38 -1.38 -6.16
C LYS A 126 -7.86 -1.67 -7.57
N ILE A 127 -6.83 -2.52 -7.64
CA ILE A 127 -6.21 -2.91 -8.90
C ILE A 127 -5.54 -4.27 -8.80
N THR A 128 -5.22 -4.86 -9.94
CA THR A 128 -4.57 -6.17 -9.98
C THR A 128 -3.12 -6.05 -10.47
N ILE A 129 -2.21 -6.75 -9.80
CA ILE A 129 -0.79 -6.71 -10.16
C ILE A 129 -0.13 -8.08 -9.98
N LYS A 130 0.35 -8.64 -11.07
CA LYS A 130 1.03 -9.94 -11.03
C LYS A 130 2.54 -9.74 -10.97
N ALA A 131 2.99 -9.03 -9.94
CA ALA A 131 4.42 -8.75 -9.78
C ALA A 131 4.99 -9.48 -8.58
N SER A 132 6.30 -9.73 -8.62
CA SER A 132 7.00 -10.43 -7.54
C SER A 132 8.51 -10.45 -7.79
N SER A 133 9.05 -9.34 -8.28
CA SER A 133 10.47 -9.25 -8.56
C SER A 133 10.93 -7.79 -8.56
N GLY A 134 11.75 -7.43 -7.56
CA GLY A 134 12.25 -6.08 -7.47
C GLY A 134 12.47 -5.64 -6.03
N LEU A 135 12.22 -4.37 -5.75
CA LEU A 135 12.39 -3.81 -4.42
C LEU A 135 11.12 -3.10 -3.96
N ASN B 1 8.40 6.17 13.11
CA ASN B 1 7.07 6.66 12.67
C ASN B 1 6.77 6.23 11.23
N ARG B 2 5.50 6.03 10.92
CA ARG B 2 5.09 5.63 9.58
C ARG B 2 3.64 6.03 9.31
N LEU B 3 3.47 7.10 8.55
CA LEU B 3 2.14 7.59 8.21
C LEU B 3 1.74 7.15 6.80
N LEU B 4 1.72 8.11 5.87
CA LEU B 4 1.38 7.82 4.48
C LEU B 4 1.55 9.06 3.61
N LEU B 5 2.18 10.09 4.18
CA LEU B 5 2.42 11.34 3.46
C LEU B 5 1.13 11.87 2.87
N THR B 6 1.18 12.34 1.62
CA THR B 6 0.00 12.86 0.94
C THR B 6 -1.13 11.84 1.00
N GLY B 7 -2.01 11.99 1.98
CA GLY B 7 -3.12 11.06 2.14
C GLY B 7 -4.48 11.73 2.05
N ASP A 21 4.59 -22.62 -2.13
CA ASP A 21 5.04 -22.16 -0.79
C ASP A 21 4.69 -20.70 -0.57
N VAL A 22 5.48 -20.03 0.28
CA VAL A 22 5.24 -18.62 0.58
C VAL A 22 5.52 -17.74 -0.63
N THR A 23 5.26 -16.44 -0.50
CA THR A 23 5.47 -15.49 -1.59
C THR A 23 6.92 -15.55 -2.09
N PRO A 24 7.11 -15.70 -3.41
CA PRO A 24 8.44 -15.77 -4.02
C PRO A 24 9.20 -14.44 -3.98
N LEU A 25 8.66 -13.46 -3.27
CA LEU A 25 9.30 -12.16 -3.18
C LEU A 25 8.67 -11.31 -2.08
N SER A 26 9.51 -10.54 -1.39
CA SER A 26 9.04 -9.68 -0.32
C SER A 26 8.14 -8.57 -0.86
N LEU A 27 6.89 -8.58 -0.44
CA LEU A 27 5.93 -7.57 -0.87
C LEU A 27 5.74 -6.52 0.22
N GLY A 28 5.62 -5.27 -0.21
CA GLY A 28 5.46 -4.18 0.73
C GLY A 28 5.00 -2.89 0.08
N ILE A 29 4.62 -1.92 0.91
CA ILE A 29 4.17 -0.62 0.40
C ILE A 29 5.07 0.51 0.90
N GLU A 30 4.93 1.69 0.31
CA GLU A 30 5.73 2.84 0.68
C GLU A 30 4.88 3.81 1.47
N THR A 31 5.36 4.19 2.63
CA THR A 31 4.62 5.13 3.46
C THR A 31 5.26 6.50 3.37
N MET A 32 4.51 7.53 3.78
CA MET A 32 5.00 8.91 3.73
C MET A 32 5.21 9.34 2.27
N GLY A 33 6.31 8.88 1.68
CA GLY A 33 6.59 9.22 0.30
C GLY A 33 8.04 8.93 -0.09
N GLY A 34 8.33 7.67 -0.36
CA GLY A 34 9.69 7.31 -0.76
C GLY A 34 10.31 6.21 0.07
N VAL A 35 9.71 5.90 1.22
CA VAL A 35 10.23 4.85 2.09
C VAL A 35 9.34 3.62 1.96
N MET A 36 9.89 2.43 2.19
CA MET A 36 9.11 1.20 2.05
C MET A 36 8.66 0.64 3.39
N THR A 37 7.71 -0.28 3.29
CA THR A 37 7.13 -0.96 4.44
C THR A 37 6.71 -2.34 3.98
N THR A 38 6.82 -3.35 4.84
CA THR A 38 6.48 -4.71 4.44
C THR A 38 5.13 -5.16 4.96
N LEU A 39 4.30 -5.65 4.04
CA LEU A 39 2.98 -6.16 4.39
C LEU A 39 2.88 -7.65 4.08
N ILE A 40 3.50 -8.06 2.98
CA ILE A 40 3.50 -9.47 2.57
C ILE A 40 4.87 -9.89 2.04
N ALA A 41 5.88 -9.81 2.91
CA ALA A 41 7.25 -10.17 2.56
C ALA A 41 7.34 -11.62 2.09
N LYS A 42 8.47 -11.96 1.45
CA LYS A 42 8.70 -13.30 0.94
C LYS A 42 8.23 -14.37 1.92
N ASN A 43 8.62 -14.18 3.16
CA ASN A 43 8.28 -15.11 4.24
C ASN A 43 6.77 -15.31 4.39
N THR A 44 5.99 -14.27 4.11
CA THR A 44 4.54 -14.36 4.22
C THR A 44 3.98 -15.42 3.28
N THR A 45 2.88 -16.05 3.68
CA THR A 45 2.26 -17.08 2.86
C THR A 45 1.48 -16.47 1.71
N ILE A 46 1.34 -17.22 0.61
CA ILE A 46 0.63 -16.73 -0.56
C ILE A 46 -0.80 -16.32 -0.20
N PRO A 47 -1.62 -17.24 0.36
CA PRO A 47 -3.01 -16.92 0.73
C PRO A 47 -3.05 -15.99 1.94
N THR A 48 -2.81 -14.70 1.68
CA THR A 48 -2.81 -13.71 2.76
C THR A 48 -3.61 -12.46 2.38
N LYS A 49 -4.00 -11.71 3.41
CA LYS A 49 -4.76 -10.49 3.25
C LYS A 49 -4.75 -9.72 4.56
N HIS A 50 -4.60 -8.40 4.50
CA HIS A 50 -4.55 -7.61 5.73
C HIS A 50 -5.14 -6.22 5.55
N SER A 51 -6.07 -5.88 6.42
CA SER A 51 -6.71 -4.57 6.37
C SER A 51 -6.34 -3.77 7.62
N GLN A 52 -5.44 -2.81 7.46
CA GLN A 52 -4.99 -1.99 8.58
C GLN A 52 -5.42 -0.54 8.41
N VAL A 53 -5.38 0.21 9.50
CA VAL A 53 -5.76 1.61 9.49
C VAL A 53 -4.55 2.52 9.73
N PHE A 54 -4.11 3.20 8.68
CA PHE A 54 -2.96 4.09 8.76
C PHE A 54 -3.40 5.55 8.72
N SER A 55 -2.48 6.45 9.06
CA SER A 55 -2.77 7.88 9.06
C SER A 55 -2.16 8.55 7.84
N THR A 56 -2.58 9.78 7.55
CA THR A 56 -2.08 10.51 6.40
C THR A 56 -1.23 11.71 6.81
N ALA A 57 -0.46 12.25 5.87
CA ALA A 57 0.38 13.40 6.14
C ALA A 57 0.19 14.48 5.10
N GLU A 58 0.69 15.66 5.40
CA GLU A 58 0.58 16.82 4.52
C GLU A 58 -0.87 17.30 4.46
N ASP A 59 -1.22 18.22 5.35
CA ASP A 59 -2.57 18.76 5.42
C ASP A 59 -3.09 19.16 4.03
N ASN A 60 -4.33 18.80 3.75
CA ASN A 60 -4.97 19.11 2.48
C ASN A 60 -4.40 18.26 1.34
N GLN A 61 -3.89 17.08 1.68
CA GLN A 61 -3.33 16.18 0.67
C GLN A 61 -4.39 15.89 -0.40
N SER A 62 -5.65 15.90 0.04
CA SER A 62 -6.78 15.64 -0.83
C SER A 62 -6.67 14.28 -1.50
N ALA A 63 -5.62 13.53 -1.15
CA ALA A 63 -5.40 12.21 -1.70
C ALA A 63 -4.35 11.47 -0.90
N VAL A 64 -4.49 10.16 -0.81
CA VAL A 64 -3.53 9.34 -0.09
C VAL A 64 -2.63 8.62 -1.08
N THR A 65 -1.36 8.45 -0.75
CA THR A 65 -0.42 7.80 -1.65
C THR A 65 -0.13 6.38 -1.22
N ILE A 66 -0.55 5.43 -2.04
CA ILE A 66 -0.30 4.03 -1.77
C ILE A 66 0.63 3.48 -2.84
N HIS A 67 1.88 3.34 -2.46
CA HIS A 67 2.91 2.83 -3.35
C HIS A 67 3.24 1.42 -2.93
N VAL A 68 3.23 0.49 -3.87
CA VAL A 68 3.52 -0.87 -3.53
C VAL A 68 4.94 -1.24 -3.92
N LEU A 69 5.79 -1.28 -2.91
CA LEU A 69 7.20 -1.61 -3.05
C LEU A 69 7.45 -3.01 -2.53
N GLN A 70 7.66 -3.96 -3.43
CA GLN A 70 7.89 -5.35 -3.05
C GLN A 70 9.29 -5.83 -3.44
N GLY A 71 10.18 -5.82 -2.45
CA GLY A 71 11.52 -6.29 -2.70
C GLY A 71 12.40 -6.28 -1.47
N GLU A 72 13.58 -6.86 -1.61
CA GLU A 72 14.53 -6.85 -0.51
C GLU A 72 15.88 -6.38 -1.03
N ARG A 73 16.12 -5.09 -0.87
CA ARG A 73 17.35 -4.45 -1.33
C ARG A 73 17.39 -3.01 -0.83
N LYS A 74 18.55 -2.38 -0.94
CA LYS A 74 18.65 -0.98 -0.56
C LYS A 74 17.81 -0.15 -1.52
N ARG A 75 17.94 1.17 -1.46
CA ARG A 75 17.15 2.04 -2.33
C ARG A 75 15.66 1.78 -2.10
N ALA A 76 15.00 2.72 -1.41
CA ALA A 76 13.58 2.58 -1.07
C ALA A 76 13.43 1.69 0.16
N ALA A 77 14.54 1.01 0.51
CA ALA A 77 14.60 0.10 1.67
C ALA A 77 14.04 -1.28 1.33
N ASP A 78 13.68 -1.47 0.07
CA ASP A 78 13.14 -2.73 -0.41
C ASP A 78 13.06 -2.71 -1.92
N ASN A 79 12.61 -1.57 -2.46
CA ASN A 79 12.53 -1.38 -3.90
C ASN A 79 11.44 -2.22 -4.59
N LYS A 80 11.46 -2.17 -5.92
CA LYS A 80 10.48 -2.89 -6.75
C LYS A 80 9.11 -2.25 -6.61
N SER A 81 8.84 -1.27 -7.46
CA SER A 81 7.56 -0.57 -7.43
C SER A 81 6.46 -1.36 -8.12
N LEU A 82 5.85 -2.29 -7.37
CA LEU A 82 4.75 -3.09 -7.91
C LEU A 82 3.82 -2.23 -8.75
N GLY A 83 3.27 -1.19 -8.12
CA GLY A 83 2.35 -0.29 -8.78
C GLY A 83 2.11 0.97 -7.97
N GLN A 84 1.47 1.97 -8.58
CA GLN A 84 1.17 3.21 -7.87
C GLN A 84 -0.32 3.52 -7.95
N PHE A 85 -0.90 3.96 -6.83
CA PHE A 85 -2.32 4.27 -6.80
C PHE A 85 -2.58 5.63 -6.17
N ASN A 86 -3.38 6.44 -6.84
CA ASN A 86 -3.72 7.77 -6.35
C ASN A 86 -5.15 7.81 -5.86
N LEU A 87 -5.33 7.94 -4.55
CA LEU A 87 -6.66 7.98 -3.95
C LEU A 87 -7.03 9.40 -3.56
N ASP A 88 -7.91 10.03 -4.33
CA ASP A 88 -8.33 11.39 -4.02
C ASP A 88 -9.71 11.41 -3.39
N GLY A 89 -9.84 12.13 -2.29
CA GLY A 89 -11.11 12.22 -1.59
C GLY A 89 -10.93 12.53 -0.11
N ILE A 90 -9.94 13.36 0.20
CA ILE A 90 -9.65 13.74 1.58
C ILE A 90 -9.12 15.17 1.62
N ASN A 91 -9.77 16.05 0.86
CA ASN A 91 -9.36 17.44 0.78
C ASN A 91 -9.03 18.02 2.16
N PRO A 92 -9.96 17.90 3.13
CA PRO A 92 -9.75 18.42 4.48
C PRO A 92 -9.15 17.36 5.42
N ALA A 93 -7.85 17.12 5.29
CA ALA A 93 -7.18 16.13 6.12
C ALA A 93 -5.92 16.70 6.77
N PRO A 94 -5.66 16.33 8.03
CA PRO A 94 -4.50 16.80 8.78
C PRO A 94 -3.30 15.85 8.65
N ARG A 95 -2.74 15.47 9.79
CA ARG A 95 -1.59 14.56 9.82
C ARG A 95 -2.01 13.25 10.45
N GLY A 96 -3.27 12.90 10.24
CA GLY A 96 -3.82 11.67 10.77
C GLY A 96 -4.92 11.12 9.90
N MET A 97 -5.79 12.00 9.41
CA MET A 97 -6.91 11.61 8.54
C MET A 97 -7.87 10.67 9.27
N PRO A 98 -9.14 10.65 8.85
CA PRO A 98 -10.16 9.79 9.46
C PRO A 98 -9.68 8.36 9.60
N GLN A 99 -9.69 7.62 8.49
CA GLN A 99 -9.24 6.23 8.51
C GLN A 99 -9.01 5.69 7.10
N ILE A 100 -7.78 5.24 6.83
CA ILE A 100 -7.43 4.66 5.54
C ILE A 100 -7.33 3.15 5.72
N GLU A 101 -8.13 2.41 4.95
CA GLU A 101 -8.14 0.96 5.04
C GLU A 101 -7.40 0.34 3.87
N VAL A 102 -6.21 -0.20 4.14
CA VAL A 102 -5.40 -0.82 3.10
C VAL A 102 -5.47 -2.34 3.19
N THR A 103 -5.67 -2.99 2.05
CA THR A 103 -5.77 -4.44 1.98
C THR A 103 -5.06 -4.99 0.76
N PHE A 104 -4.33 -6.10 0.94
CA PHE A 104 -3.62 -6.72 -0.17
C PHE A 104 -3.73 -8.23 -0.10
N ASP A 105 -4.33 -8.80 -1.14
CA ASP A 105 -4.51 -10.25 -1.21
C ASP A 105 -3.56 -10.86 -2.24
N ILE A 106 -2.80 -11.87 -1.82
CA ILE A 106 -1.87 -12.54 -2.72
C ILE A 106 -2.43 -13.89 -3.16
N ASP A 107 -2.45 -14.13 -4.46
CA ASP A 107 -2.96 -15.37 -5.02
C ASP A 107 -1.83 -16.27 -5.49
N ALA A 108 -2.10 -17.57 -5.55
CA ALA A 108 -1.11 -18.55 -6.00
C ALA A 108 -0.59 -18.21 -7.39
N ASP A 109 -1.49 -17.74 -8.25
CA ASP A 109 -1.11 -17.38 -9.61
C ASP A 109 -0.12 -16.23 -9.61
N GLY A 110 -0.15 -15.42 -8.55
CA GLY A 110 0.76 -14.30 -8.44
C GLY A 110 0.12 -12.99 -8.81
N ILE A 111 -0.91 -12.60 -8.07
CA ILE A 111 -1.63 -11.36 -8.32
C ILE A 111 -1.85 -10.59 -7.03
N LEU A 112 -1.96 -9.27 -7.14
CA LEU A 112 -2.17 -8.43 -5.99
C LEU A 112 -3.46 -7.64 -6.09
N HIS A 113 -4.01 -7.29 -4.93
CA HIS A 113 -5.23 -6.51 -4.85
C HIS A 113 -5.07 -5.48 -3.74
N VAL A 114 -4.79 -4.24 -4.14
CA VAL A 114 -4.59 -3.16 -3.17
C VAL A 114 -5.77 -2.21 -3.14
N SER A 115 -6.26 -1.92 -1.93
CA SER A 115 -7.41 -1.03 -1.77
C SER A 115 -7.28 -0.14 -0.53
N ALA A 116 -7.39 1.17 -0.74
CA ALA A 116 -7.35 2.13 0.37
C ALA A 116 -8.68 2.85 0.46
N LYS A 117 -9.28 2.85 1.64
CA LYS A 117 -10.58 3.47 1.84
C LYS A 117 -10.51 4.59 2.87
N ASP A 118 -11.01 5.76 2.48
CA ASP A 118 -11.03 6.93 3.36
C ASP A 118 -12.44 7.21 3.83
N LYS A 119 -12.57 7.69 5.07
CA LYS A 119 -13.88 7.99 5.62
C LYS A 119 -14.12 9.50 5.63
N ASN A 120 -14.87 9.97 4.63
CA ASN A 120 -15.20 11.38 4.50
C ASN A 120 -16.22 11.58 3.39
N SER A 121 -16.31 10.60 2.50
CA SER A 121 -17.24 10.64 1.38
C SER A 121 -17.54 9.24 0.86
N GLY A 122 -16.69 8.29 1.23
CA GLY A 122 -16.86 6.91 0.80
C GLY A 122 -16.01 6.57 -0.41
N LYS A 123 -14.89 7.27 -0.57
CA LYS A 123 -13.99 7.04 -1.69
C LYS A 123 -13.09 5.84 -1.42
N GLU A 124 -13.09 4.89 -2.35
CA GLU A 124 -12.27 3.69 -2.23
C GLU A 124 -12.05 3.05 -3.59
N GLN A 125 -10.80 2.68 -3.88
CA GLN A 125 -10.46 2.08 -5.16
C GLN A 125 -9.55 0.86 -4.97
N LYS A 126 -9.67 -0.10 -5.88
CA LYS A 126 -8.86 -1.30 -5.84
C LYS A 126 -8.31 -1.65 -7.22
N ILE A 127 -7.05 -2.06 -7.26
CA ILE A 127 -6.40 -2.40 -8.52
C ILE A 127 -5.74 -3.78 -8.44
N THR A 128 -5.69 -4.47 -9.57
CA THR A 128 -5.07 -5.79 -9.63
C THR A 128 -3.71 -5.71 -10.31
N ILE A 129 -2.67 -6.15 -9.61
CA ILE A 129 -1.31 -6.10 -10.15
C ILE A 129 -0.54 -7.38 -9.86
N LYS A 130 -0.17 -8.09 -10.91
CA LYS A 130 0.60 -9.33 -10.76
C LYS A 130 1.92 -9.02 -10.06
N ALA A 131 1.98 -9.33 -8.76
CA ALA A 131 3.17 -9.07 -7.95
C ALA A 131 4.32 -10.00 -8.33
N SER A 132 4.87 -9.81 -9.52
CA SER A 132 5.99 -10.61 -10.00
C SER A 132 6.28 -10.31 -11.48
N SER A 133 7.37 -10.86 -11.99
CA SER A 133 7.76 -10.64 -13.37
C SER A 133 7.45 -11.87 -14.23
N GLY A 134 7.00 -11.64 -15.45
CA GLY A 134 6.68 -12.74 -16.35
C GLY A 134 7.13 -12.48 -17.78
N LEU A 135 6.51 -11.48 -18.41
CA LEU A 135 6.85 -11.12 -19.79
C LEU A 135 6.66 -12.31 -20.73
N ASN B 1 7.15 6.74 13.60
CA ASN B 1 5.78 7.06 13.13
C ASN B 1 5.81 7.57 11.68
N ARG B 2 5.68 6.64 10.74
CA ARG B 2 5.69 6.99 9.32
C ARG B 2 4.26 7.13 8.80
N LEU B 3 3.84 8.37 8.59
CA LEU B 3 2.49 8.65 8.09
C LEU B 3 2.39 8.32 6.60
N LEU B 4 1.38 8.88 5.94
CA LEU B 4 1.18 8.63 4.52
C LEU B 4 1.07 9.94 3.75
N LEU B 5 2.19 10.65 3.67
CA LEU B 5 2.24 11.93 2.96
C LEU B 5 1.95 11.74 1.46
N THR B 6 1.83 12.83 0.73
CA THR B 6 1.55 12.77 -0.69
C THR B 6 2.58 13.58 -1.49
N GLY B 7 3.40 12.87 -2.25
CA GLY B 7 4.42 13.54 -3.06
C GLY B 7 3.91 13.93 -4.42
N ASP A 21 4.33 -21.90 -5.77
CA ASP A 21 5.37 -21.69 -4.73
C ASP A 21 5.14 -20.37 -3.99
N VAL A 22 5.98 -20.11 -2.99
CA VAL A 22 5.87 -18.89 -2.20
C VAL A 22 6.35 -17.67 -2.99
N THR A 23 6.10 -16.48 -2.44
CA THR A 23 6.51 -15.24 -3.10
C THR A 23 8.03 -15.13 -3.15
N PRO A 24 8.61 -14.93 -4.35
CA PRO A 24 10.05 -14.82 -4.52
C PRO A 24 10.61 -13.44 -4.20
N LEU A 25 9.88 -12.69 -3.36
CA LEU A 25 10.32 -11.36 -2.98
C LEU A 25 9.37 -10.75 -1.96
N SER A 26 9.93 -10.00 -1.01
CA SER A 26 9.13 -9.38 0.03
C SER A 26 8.24 -8.29 -0.55
N LEU A 27 6.94 -8.36 -0.24
CA LEU A 27 5.99 -7.38 -0.73
C LEU A 27 5.63 -6.39 0.37
N GLY A 28 5.51 -5.12 0.01
CA GLY A 28 5.21 -4.09 0.98
C GLY A 28 4.78 -2.77 0.35
N ILE A 29 4.26 -1.87 1.17
CA ILE A 29 3.83 -0.56 0.69
C ILE A 29 4.83 0.52 1.05
N GLU A 30 4.68 1.70 0.44
CA GLU A 30 5.56 2.81 0.70
C GLU A 30 4.81 3.87 1.49
N THR A 31 5.33 4.23 2.65
CA THR A 31 4.68 5.22 3.47
C THR A 31 5.37 6.56 3.39
N MET A 32 4.63 7.63 3.63
CA MET A 32 5.16 8.99 3.58
C MET A 32 5.70 9.27 2.18
N GLY A 33 5.34 8.41 1.24
CA GLY A 33 5.78 8.57 -0.13
C GLY A 33 7.29 8.71 -0.26
N GLY A 34 8.00 7.59 -0.26
CA GLY A 34 9.45 7.65 -0.40
C GLY A 34 10.18 6.40 0.06
N VAL A 35 9.77 5.82 1.18
CA VAL A 35 10.43 4.62 1.71
C VAL A 35 9.61 3.35 1.45
N MET A 36 10.26 2.20 1.61
CA MET A 36 9.58 0.92 1.40
C MET A 36 9.25 0.23 2.72
N THR A 37 8.00 -0.17 2.85
CA THR A 37 7.51 -0.87 4.04
C THR A 37 7.14 -2.29 3.63
N THR A 38 6.99 -3.19 4.60
CA THR A 38 6.63 -4.57 4.27
C THR A 38 5.25 -4.94 4.80
N LEU A 39 4.51 -5.70 4.01
CA LEU A 39 3.17 -6.14 4.40
C LEU A 39 3.00 -7.65 4.23
N ILE A 40 3.42 -8.18 3.08
CA ILE A 40 3.32 -9.62 2.83
C ILE A 40 4.67 -10.31 2.98
N ALA A 41 5.69 -9.73 2.38
CA ALA A 41 7.05 -10.25 2.46
C ALA A 41 7.17 -11.68 1.92
N LYS A 42 8.32 -11.99 1.33
CA LYS A 42 8.57 -13.31 0.78
C LYS A 42 8.56 -14.37 1.88
N ASN A 43 8.77 -15.62 1.49
CA ASN A 43 8.80 -16.74 2.45
C ASN A 43 7.49 -16.83 3.22
N THR A 44 6.38 -16.50 2.56
CA THR A 44 5.07 -16.57 3.19
C THR A 44 4.07 -17.29 2.28
N THR A 45 2.83 -17.38 2.75
CA THR A 45 1.78 -18.05 1.98
C THR A 45 1.19 -17.11 0.95
N ILE A 46 1.14 -17.57 -0.30
CA ILE A 46 0.61 -16.76 -1.39
C ILE A 46 -0.76 -16.17 -1.05
N PRO A 47 -1.73 -17.00 -0.60
CA PRO A 47 -3.06 -16.51 -0.23
C PRO A 47 -3.01 -15.66 1.04
N THR A 48 -2.58 -14.41 0.90
CA THR A 48 -2.47 -13.50 2.04
C THR A 48 -3.55 -12.42 2.00
N LYS A 49 -3.76 -11.80 3.15
CA LYS A 49 -4.75 -10.73 3.28
C LYS A 49 -4.48 -9.93 4.56
N HIS A 50 -4.19 -8.64 4.42
CA HIS A 50 -3.92 -7.80 5.58
C HIS A 50 -4.83 -6.59 5.62
N SER A 51 -5.72 -6.56 6.61
CA SER A 51 -6.66 -5.45 6.76
C SER A 51 -6.21 -4.52 7.88
N GLN A 52 -5.66 -3.38 7.50
CA GLN A 52 -5.18 -2.39 8.46
C GLN A 52 -5.75 -1.02 8.11
N VAL A 53 -5.73 -0.12 9.09
CA VAL A 53 -6.24 1.24 8.89
C VAL A 53 -5.26 2.28 9.42
N PHE A 54 -4.56 2.93 8.49
CA PHE A 54 -3.59 3.96 8.87
C PHE A 54 -4.07 5.34 8.45
N SER A 55 -3.42 6.37 8.99
CA SER A 55 -3.79 7.75 8.68
C SER A 55 -2.80 8.38 7.70
N THR A 56 -3.19 9.53 7.14
CA THR A 56 -2.34 10.24 6.20
C THR A 56 -1.66 11.41 6.87
N ALA A 57 -0.65 11.98 6.22
CA ALA A 57 0.06 13.10 6.77
C ALA A 57 0.03 14.29 5.83
N GLU A 58 0.42 15.45 6.36
CA GLU A 58 0.45 16.70 5.61
C GLU A 58 -0.97 17.19 5.36
N ASP A 59 -1.31 18.33 5.96
CA ASP A 59 -2.64 18.92 5.83
C ASP A 59 -2.92 19.25 4.36
N ASN A 60 -4.17 19.00 3.95
CA ASN A 60 -4.60 19.26 2.58
C ASN A 60 -4.04 18.20 1.64
N GLN A 61 -4.25 16.95 2.02
CA GLN A 61 -3.82 15.81 1.22
C GLN A 61 -5.04 15.01 0.84
N SER A 62 -5.99 15.69 0.21
CA SER A 62 -7.23 15.05 -0.21
C SER A 62 -6.93 13.73 -0.92
N ALA A 63 -5.69 13.60 -1.37
CA ALA A 63 -5.23 12.42 -2.07
C ALA A 63 -4.27 11.63 -1.19
N VAL A 64 -4.44 10.31 -1.16
CA VAL A 64 -3.56 9.46 -0.38
C VAL A 64 -2.60 8.74 -1.31
N THR A 65 -1.34 8.61 -0.89
CA THR A 65 -0.33 7.97 -1.74
C THR A 65 -0.01 6.55 -1.27
N ILE A 66 -0.44 5.59 -2.06
CA ILE A 66 -0.17 4.20 -1.76
C ILE A 66 0.71 3.61 -2.83
N HIS A 67 1.98 3.47 -2.50
CA HIS A 67 2.95 2.91 -3.42
C HIS A 67 3.26 1.50 -3.01
N VAL A 68 3.19 0.56 -3.94
CA VAL A 68 3.45 -0.80 -3.62
C VAL A 68 4.85 -1.16 -4.06
N LEU A 69 5.73 -1.25 -3.08
CA LEU A 69 7.12 -1.57 -3.30
C LEU A 69 7.43 -2.95 -2.72
N GLN A 70 7.83 -3.87 -3.58
CA GLN A 70 8.11 -5.23 -3.13
C GLN A 70 9.60 -5.52 -3.03
N GLY A 71 10.11 -5.43 -1.81
CA GLY A 71 11.50 -5.73 -1.55
C GLY A 71 11.83 -5.70 -0.08
N GLU A 72 12.99 -6.25 0.29
CA GLU A 72 13.42 -6.23 1.68
C GLU A 72 14.80 -5.59 1.78
N ARG A 73 14.82 -4.32 2.18
CA ARG A 73 16.06 -3.55 2.32
C ARG A 73 15.89 -2.44 3.34
N LYS A 74 17.01 -1.86 3.76
CA LYS A 74 16.98 -0.78 4.75
C LYS A 74 16.12 0.39 4.25
N ARG A 75 16.20 0.69 2.96
CA ARG A 75 15.42 1.79 2.39
C ARG A 75 14.88 1.42 1.00
N ALA A 76 14.10 2.34 0.42
CA ALA A 76 13.51 2.12 -0.89
C ALA A 76 14.33 2.80 -1.98
N ALA A 77 14.89 2.01 -2.89
CA ALA A 77 15.70 2.53 -3.98
C ALA A 77 16.19 1.41 -4.91
N ASP A 78 16.04 0.16 -4.48
CA ASP A 78 16.50 -0.96 -5.30
C ASP A 78 15.51 -2.13 -5.25
N ASN A 79 14.32 -1.88 -4.71
CA ASN A 79 13.30 -2.91 -4.61
C ASN A 79 12.41 -2.94 -5.84
N LYS A 80 11.68 -4.03 -6.02
CA LYS A 80 10.79 -4.19 -7.17
C LYS A 80 9.56 -3.29 -7.04
N SER A 81 9.52 -2.24 -7.84
CA SER A 81 8.40 -1.30 -7.82
C SER A 81 7.14 -1.96 -8.38
N LEU A 82 6.31 -2.48 -7.47
CA LEU A 82 5.07 -3.13 -7.88
C LEU A 82 4.22 -2.22 -8.75
N GLY A 83 3.65 -1.20 -8.13
CA GLY A 83 2.79 -0.26 -8.83
C GLY A 83 2.50 1.00 -8.03
N GLN A 84 1.93 2.00 -8.68
CA GLN A 84 1.60 3.25 -8.02
C GLN A 84 0.15 3.63 -8.34
N PHE A 85 -0.62 3.97 -7.30
CA PHE A 85 -2.01 4.35 -7.50
C PHE A 85 -2.34 5.54 -6.61
N ASN A 86 -2.84 6.59 -7.22
CA ASN A 86 -3.17 7.81 -6.50
C ASN A 86 -4.66 7.93 -6.26
N LEU A 87 -5.01 8.17 -5.01
CA LEU A 87 -6.41 8.34 -4.61
C LEU A 87 -6.71 9.83 -4.44
N ASP A 88 -7.99 10.19 -4.39
CA ASP A 88 -8.37 11.59 -4.23
C ASP A 88 -9.68 11.73 -3.48
N GLY A 89 -9.82 12.83 -2.74
CA GLY A 89 -11.03 13.07 -1.98
C GLY A 89 -10.89 12.79 -0.49
N ILE A 90 -10.23 13.70 0.21
CA ILE A 90 -10.05 13.57 1.66
C ILE A 90 -10.04 14.94 2.28
N ASN A 91 -9.87 15.89 1.40
CA ASN A 91 -9.83 17.31 1.75
C ASN A 91 -8.81 17.60 2.85
N PRO A 92 -8.56 18.89 3.16
CA PRO A 92 -7.60 19.31 4.19
C PRO A 92 -7.59 18.35 5.39
N ALA A 93 -6.73 17.34 5.32
CA ALA A 93 -6.62 16.35 6.38
C ALA A 93 -5.72 16.85 7.51
N PRO A 94 -6.30 17.17 8.68
CA PRO A 94 -5.57 17.66 9.84
C PRO A 94 -4.86 16.54 10.61
N ARG A 95 -4.52 15.47 9.91
CA ARG A 95 -3.85 14.32 10.52
C ARG A 95 -4.68 13.72 11.64
N GLY A 96 -5.41 12.64 11.32
CA GLY A 96 -6.23 11.99 12.32
C GLY A 96 -7.70 12.37 12.20
N MET A 97 -8.17 12.56 10.98
CA MET A 97 -9.56 12.92 10.74
C MET A 97 -10.30 11.82 9.97
N PRO A 98 -9.79 11.40 8.79
CA PRO A 98 -10.41 10.35 7.99
C PRO A 98 -9.88 8.97 8.32
N GLN A 99 -10.28 7.98 7.53
CA GLN A 99 -9.84 6.61 7.73
C GLN A 99 -9.61 5.90 6.40
N ILE A 100 -8.42 5.34 6.22
CA ILE A 100 -8.09 4.64 5.00
C ILE A 100 -8.18 3.13 5.21
N GLU A 101 -8.78 2.43 4.25
CA GLU A 101 -8.93 0.99 4.34
C GLU A 101 -7.91 0.31 3.44
N VAL A 102 -6.91 -0.28 4.07
CA VAL A 102 -5.83 -0.95 3.36
C VAL A 102 -5.95 -2.48 3.49
N THR A 103 -5.94 -3.16 2.36
CA THR A 103 -6.05 -4.62 2.32
C THR A 103 -5.35 -5.17 1.08
N PHE A 104 -4.56 -6.22 1.26
CA PHE A 104 -3.83 -6.81 0.13
C PHE A 104 -4.02 -8.32 0.03
N ASP A 105 -4.45 -8.75 -1.14
CA ASP A 105 -4.65 -10.16 -1.41
C ASP A 105 -3.72 -10.60 -2.54
N ILE A 106 -2.88 -11.59 -2.25
CA ILE A 106 -1.93 -12.08 -3.24
C ILE A 106 -2.38 -13.42 -3.84
N ASP A 107 -2.33 -13.51 -5.16
CA ASP A 107 -2.74 -14.73 -5.86
C ASP A 107 -1.52 -15.51 -6.36
N ALA A 108 -1.74 -16.77 -6.72
CA ALA A 108 -0.68 -17.64 -7.20
C ALA A 108 -0.01 -17.06 -8.46
N ASP A 109 -0.82 -16.50 -9.35
CA ASP A 109 -0.31 -15.93 -10.60
C ASP A 109 0.62 -14.76 -10.30
N GLY A 110 0.51 -14.21 -9.09
CA GLY A 110 1.36 -13.10 -8.71
C GLY A 110 0.59 -11.79 -8.63
N ILE A 111 -0.74 -11.88 -8.62
CA ILE A 111 -1.57 -10.69 -8.55
C ILE A 111 -1.65 -10.16 -7.12
N LEU A 112 -1.93 -8.88 -6.99
CA LEU A 112 -2.04 -8.25 -5.69
C LEU A 112 -3.15 -7.22 -5.70
N HIS A 113 -3.99 -7.24 -4.67
CA HIS A 113 -5.09 -6.30 -4.57
C HIS A 113 -4.76 -5.22 -3.54
N VAL A 114 -4.53 -4.01 -4.02
CA VAL A 114 -4.19 -2.89 -3.14
C VAL A 114 -5.38 -1.97 -2.96
N SER A 115 -5.80 -1.79 -1.71
CA SER A 115 -6.94 -0.96 -1.40
C SER A 115 -6.57 0.14 -0.40
N ALA A 116 -7.11 1.34 -0.64
CA ALA A 116 -6.90 2.48 0.22
C ALA A 116 -7.90 3.58 -0.12
N LYS A 117 -8.76 3.91 0.81
CA LYS A 117 -9.78 4.92 0.59
C LYS A 117 -10.40 5.31 1.90
N ASP A 118 -11.26 6.33 1.90
CA ASP A 118 -11.87 6.73 3.14
C ASP A 118 -13.18 6.01 3.30
N LYS A 119 -13.10 4.96 4.09
CA LYS A 119 -14.22 4.10 4.38
C LYS A 119 -14.69 4.35 5.80
N ASN A 120 -15.93 3.96 6.07
CA ASN A 120 -16.56 4.15 7.38
C ASN A 120 -17.12 5.56 7.44
N SER A 121 -16.54 6.41 6.61
CA SER A 121 -16.96 7.77 6.45
C SER A 121 -17.66 7.87 5.11
N GLY A 122 -17.10 7.11 4.16
CA GLY A 122 -17.64 7.04 2.85
C GLY A 122 -17.38 5.66 2.27
N LYS A 123 -16.85 5.65 1.08
CA LYS A 123 -16.52 4.41 0.37
C LYS A 123 -15.02 4.13 0.35
N GLU A 124 -14.66 2.90 -0.03
CA GLU A 124 -13.28 2.48 -0.16
C GLU A 124 -13.02 2.02 -1.58
N GLN A 125 -11.76 1.92 -1.98
CA GLN A 125 -11.43 1.50 -3.34
C GLN A 125 -10.18 0.62 -3.37
N LYS A 126 -10.11 -0.24 -4.39
CA LYS A 126 -8.96 -1.14 -4.55
C LYS A 126 -8.58 -1.27 -6.02
N ILE A 127 -7.41 -1.82 -6.28
CA ILE A 127 -6.91 -2.01 -7.63
C ILE A 127 -6.08 -3.29 -7.74
N THR A 128 -5.90 -3.79 -8.96
CA THR A 128 -5.13 -5.01 -9.18
C THR A 128 -3.76 -4.69 -9.78
N ILE A 129 -2.74 -5.42 -9.31
CA ILE A 129 -1.37 -5.22 -9.78
C ILE A 129 -0.62 -6.54 -9.85
N LYS A 130 -0.03 -6.83 -11.00
CA LYS A 130 0.74 -8.06 -11.18
C LYS A 130 2.12 -7.94 -10.54
N ALA A 131 2.67 -9.07 -10.11
CA ALA A 131 3.98 -9.07 -9.48
C ALA A 131 4.93 -10.03 -10.19
N SER A 132 6.13 -10.20 -9.63
CA SER A 132 7.12 -11.09 -10.21
C SER A 132 6.84 -12.54 -9.83
N SER A 133 6.34 -13.30 -10.80
CA SER A 133 6.01 -14.70 -10.58
C SER A 133 6.40 -15.54 -11.79
N GLY A 134 7.68 -15.50 -12.14
CA GLY A 134 8.16 -16.25 -13.28
C GLY A 134 8.58 -15.37 -14.44
N LEU A 135 8.84 -14.09 -14.15
CA LEU A 135 9.24 -13.13 -15.16
C LEU A 135 10.63 -12.56 -14.85
N ASN B 1 4.65 4.40 14.56
CA ASN B 1 4.17 4.04 13.21
C ASN B 1 4.55 5.11 12.19
N ARG B 2 4.17 4.87 10.93
CA ARG B 2 4.47 5.81 9.86
C ARG B 2 3.21 6.19 9.09
N LEU B 3 3.13 7.44 8.65
CA LEU B 3 1.98 7.92 7.91
C LEU B 3 2.33 8.11 6.43
N LEU B 4 1.32 8.26 5.59
CA LEU B 4 1.53 8.44 4.16
C LEU B 4 1.78 9.92 3.83
N LEU B 5 2.15 10.18 2.58
CA LEU B 5 2.41 11.53 2.13
C LEU B 5 2.48 11.60 0.61
N THR B 6 1.88 12.63 0.03
CA THR B 6 1.87 12.80 -1.42
C THR B 6 3.21 13.32 -1.92
N GLY B 7 3.59 14.51 -1.46
CA GLY B 7 4.85 15.10 -1.88
C GLY B 7 5.07 16.48 -1.31
N ASP A 21 6.36 -22.53 -0.61
CA ASP A 21 5.47 -21.86 -1.60
C ASP A 21 5.24 -20.39 -1.23
N VAL A 22 6.24 -19.78 -0.61
CA VAL A 22 6.15 -18.39 -0.21
C VAL A 22 6.30 -17.45 -1.41
N THR A 23 6.05 -16.16 -1.20
CA THR A 23 6.16 -15.17 -2.26
C THR A 23 7.58 -15.11 -2.81
N PRO A 24 7.73 -14.76 -4.11
CA PRO A 24 9.04 -14.68 -4.76
C PRO A 24 9.86 -13.48 -4.30
N LEU A 25 9.27 -12.64 -3.45
CA LEU A 25 9.96 -11.46 -2.94
C LEU A 25 9.12 -10.75 -1.88
N SER A 26 9.78 -10.04 -0.99
CA SER A 26 9.10 -9.32 0.08
C SER A 26 8.27 -8.18 -0.49
N LEU A 27 6.96 -8.23 -0.25
CA LEU A 27 6.05 -7.19 -0.74
C LEU A 27 5.69 -6.23 0.39
N GLY A 28 5.50 -4.96 0.03
CA GLY A 28 5.19 -3.95 1.03
C GLY A 28 4.73 -2.63 0.41
N ILE A 29 4.26 -1.71 1.25
CA ILE A 29 3.80 -0.41 0.77
C ILE A 29 4.84 0.67 1.06
N GLU A 30 4.67 1.84 0.46
CA GLU A 30 5.57 2.94 0.65
C GLU A 30 4.86 4.04 1.42
N THR A 31 5.43 4.41 2.55
CA THR A 31 4.83 5.44 3.38
C THR A 31 5.57 6.77 3.26
N MET A 32 4.85 7.85 3.53
CA MET A 32 5.42 9.20 3.45
C MET A 32 5.84 9.52 2.02
N GLY A 33 5.33 8.72 1.08
CA GLY A 33 5.64 8.93 -0.32
C GLY A 33 7.13 8.95 -0.59
N GLY A 34 7.78 7.80 -0.45
CA GLY A 34 9.21 7.73 -0.71
C GLY A 34 9.96 6.82 0.25
N VAL A 35 9.25 5.96 0.96
CA VAL A 35 9.88 5.03 1.90
C VAL A 35 9.39 3.61 1.63
N MET A 36 10.20 2.62 1.98
CA MET A 36 9.80 1.23 1.74
C MET A 36 9.37 0.54 3.04
N THR A 37 8.17 -0.02 3.01
CA THR A 37 7.61 -0.75 4.12
C THR A 37 7.23 -2.14 3.65
N THR A 38 7.06 -3.08 4.56
CA THR A 38 6.72 -4.44 4.17
C THR A 38 5.32 -4.85 4.63
N LEU A 39 4.55 -5.44 3.73
CA LEU A 39 3.21 -5.91 4.03
C LEU A 39 3.11 -7.42 3.84
N ILE A 40 3.47 -7.87 2.64
CA ILE A 40 3.44 -9.30 2.33
C ILE A 40 4.84 -9.77 1.90
N ALA A 41 5.77 -9.75 2.85
CA ALA A 41 7.15 -10.16 2.59
C ALA A 41 7.24 -11.58 2.04
N LYS A 42 8.41 -11.93 1.51
CA LYS A 42 8.62 -13.26 0.94
C LYS A 42 8.72 -14.35 2.03
N ASN A 43 7.91 -14.23 3.07
CA ASN A 43 7.92 -15.19 4.16
C ASN A 43 6.59 -15.93 4.26
N THR A 44 5.48 -15.20 4.12
CA THR A 44 4.16 -15.80 4.19
C THR A 44 3.80 -16.53 2.90
N THR A 45 2.65 -17.18 2.89
CA THR A 45 2.18 -17.93 1.72
C THR A 45 1.58 -16.98 0.68
N ILE A 46 1.16 -17.56 -0.44
CA ILE A 46 0.56 -16.77 -1.52
C ILE A 46 -0.81 -16.22 -1.12
N PRO A 47 -1.74 -17.07 -0.66
CA PRO A 47 -3.09 -16.63 -0.26
C PRO A 47 -3.03 -15.72 0.97
N THR A 48 -2.85 -14.42 0.73
CA THR A 48 -2.77 -13.46 1.83
C THR A 48 -3.81 -12.35 1.70
N LYS A 49 -4.14 -11.74 2.83
CA LYS A 49 -5.12 -10.66 2.88
C LYS A 49 -5.02 -9.96 4.23
N HIS A 50 -5.03 -8.62 4.23
CA HIS A 50 -4.93 -7.89 5.48
C HIS A 50 -5.64 -6.56 5.41
N SER A 51 -6.29 -6.18 6.51
CA SER A 51 -7.00 -4.92 6.59
C SER A 51 -6.47 -4.07 7.73
N GLN A 52 -5.68 -3.07 7.39
CA GLN A 52 -5.11 -2.17 8.39
C GLN A 52 -5.48 -0.74 8.04
N VAL A 53 -5.53 0.13 9.05
CA VAL A 53 -5.88 1.52 8.80
C VAL A 53 -4.73 2.46 9.15
N PHE A 54 -4.04 2.95 8.13
CA PHE A 54 -2.95 3.88 8.34
C PHE A 54 -2.50 4.56 7.05
N SER A 55 -2.95 5.79 6.85
CA SER A 55 -2.53 6.55 5.68
C SER A 55 -3.02 8.00 5.73
N THR A 56 -2.18 8.92 6.20
CA THR A 56 -2.53 10.32 6.22
C THR A 56 -1.36 11.20 6.59
N ALA A 57 -1.13 12.24 5.81
CA ALA A 57 -0.06 13.18 6.10
C ALA A 57 -0.19 14.46 5.28
N GLU A 58 0.34 15.55 5.83
CA GLU A 58 0.27 16.85 5.17
C GLU A 58 -1.17 17.30 5.01
N ASP A 59 -1.62 18.15 5.94
CA ASP A 59 -2.98 18.66 5.91
C ASP A 59 -3.33 19.23 4.53
N ASN A 60 -4.55 18.94 4.07
CA ASN A 60 -5.02 19.40 2.77
C ASN A 60 -4.36 18.62 1.64
N GLN A 61 -4.55 17.31 1.65
CA GLN A 61 -4.01 16.45 0.61
C GLN A 61 -5.15 16.04 -0.31
N SER A 62 -6.33 15.91 0.29
CA SER A 62 -7.54 15.52 -0.42
C SER A 62 -7.26 14.31 -1.31
N ALA A 63 -6.18 13.62 -1.00
CA ALA A 63 -5.75 12.45 -1.75
C ALA A 63 -4.70 11.69 -0.94
N VAL A 64 -4.85 10.38 -0.85
CA VAL A 64 -3.89 9.59 -0.10
C VAL A 64 -2.94 8.84 -1.04
N THR A 65 -1.70 8.65 -0.61
CA THR A 65 -0.71 7.97 -1.43
C THR A 65 -0.45 6.56 -0.96
N ILE A 66 -0.76 5.61 -1.85
CA ILE A 66 -0.53 4.21 -1.55
C ILE A 66 0.34 3.60 -2.64
N HIS A 67 1.62 3.43 -2.32
CA HIS A 67 2.56 2.85 -3.25
C HIS A 67 2.90 1.44 -2.83
N VAL A 68 2.81 0.50 -3.77
CA VAL A 68 3.10 -0.89 -3.46
C VAL A 68 4.49 -1.27 -3.97
N LEU A 69 5.42 -1.34 -3.02
CA LEU A 69 6.82 -1.65 -3.26
C LEU A 69 7.14 -3.06 -2.77
N GLN A 70 8.03 -3.78 -3.44
CA GLN A 70 8.34 -5.14 -2.99
C GLN A 70 9.82 -5.36 -2.77
N GLY A 71 10.23 -5.23 -1.52
CA GLY A 71 11.60 -5.46 -1.15
C GLY A 71 11.83 -5.34 0.35
N GLU A 72 12.98 -5.79 0.82
CA GLU A 72 13.29 -5.65 2.23
C GLU A 72 14.56 -4.82 2.42
N ARG A 73 14.35 -3.53 2.70
CA ARG A 73 15.44 -2.59 2.93
C ARG A 73 14.90 -1.26 3.44
N LYS A 74 15.78 -0.41 3.96
CA LYS A 74 15.35 0.89 4.46
C LYS A 74 15.06 1.84 3.31
N ARG A 75 13.90 2.50 3.38
CA ARG A 75 13.48 3.45 2.35
C ARG A 75 13.28 2.77 0.99
N ALA A 76 12.33 3.26 0.21
CA ALA A 76 12.04 2.71 -1.11
C ALA A 76 13.11 3.09 -2.12
N ALA A 77 14.28 2.48 -1.98
CA ALA A 77 15.40 2.77 -2.88
C ALA A 77 15.02 2.53 -4.34
N ASP A 78 14.84 1.26 -4.70
CA ASP A 78 14.47 0.90 -6.06
C ASP A 78 14.38 -0.62 -6.20
N ASN A 79 14.09 -1.27 -5.08
CA ASN A 79 13.98 -2.73 -5.04
C ASN A 79 13.03 -3.23 -6.13
N LYS A 80 11.72 -3.11 -5.88
CA LYS A 80 10.73 -3.57 -6.85
C LYS A 80 9.54 -2.62 -6.92
N SER A 81 9.51 -1.79 -7.96
CA SER A 81 8.39 -0.88 -8.18
C SER A 81 7.24 -1.70 -8.75
N LEU A 82 6.69 -2.55 -7.90
CA LEU A 82 5.63 -3.46 -8.29
C LEU A 82 4.24 -2.82 -8.31
N GLY A 83 4.09 -1.65 -7.71
CA GLY A 83 2.76 -1.03 -7.71
C GLY A 83 2.76 0.43 -7.31
N GLN A 84 1.67 1.11 -7.65
CA GLN A 84 1.48 2.53 -7.32
C GLN A 84 0.02 2.91 -7.53
N PHE A 85 -0.70 3.14 -6.43
CA PHE A 85 -2.11 3.50 -6.49
C PHE A 85 -2.32 4.87 -5.88
N ASN A 86 -2.89 5.78 -6.65
CA ASN A 86 -3.13 7.13 -6.18
C ASN A 86 -4.61 7.35 -5.86
N LEU A 87 -4.88 7.61 -4.59
CA LEU A 87 -6.24 7.86 -4.14
C LEU A 87 -6.48 9.35 -3.97
N ASP A 88 -7.73 9.77 -4.08
CA ASP A 88 -8.07 11.19 -3.94
C ASP A 88 -9.47 11.38 -3.38
N GLY A 89 -9.56 11.95 -2.18
CA GLY A 89 -10.85 12.18 -1.56
C GLY A 89 -10.84 11.97 -0.05
N ILE A 90 -10.31 12.94 0.68
CA ILE A 90 -10.27 12.86 2.14
C ILE A 90 -10.34 14.24 2.73
N ASN A 91 -10.34 15.20 1.83
CA ASN A 91 -10.37 16.60 2.19
C ASN A 91 -9.20 16.92 3.13
N PRO A 92 -9.01 18.20 3.54
CA PRO A 92 -7.92 18.59 4.43
C PRO A 92 -7.55 17.48 5.42
N ALA A 93 -6.59 16.65 5.02
CA ALA A 93 -6.16 15.52 5.84
C ALA A 93 -4.87 15.84 6.61
N PRO A 94 -4.99 16.22 7.89
CA PRO A 94 -3.85 16.57 8.72
C PRO A 94 -3.34 15.41 9.58
N ARG A 95 -3.26 14.22 8.99
CA ARG A 95 -2.78 13.02 9.69
C ARG A 95 -3.62 12.70 10.94
N GLY A 96 -3.78 11.40 11.19
CA GLY A 96 -4.53 10.97 12.36
C GLY A 96 -6.03 11.00 12.16
N MET A 97 -6.60 12.20 12.10
CA MET A 97 -8.05 12.37 11.94
C MET A 97 -8.60 11.46 10.84
N PRO A 98 -8.13 11.60 9.58
CA PRO A 98 -8.60 10.76 8.48
C PRO A 98 -8.34 9.28 8.72
N GLN A 99 -8.94 8.42 7.91
CA GLN A 99 -8.77 6.98 8.08
C GLN A 99 -8.78 6.25 6.75
N ILE A 100 -7.65 5.62 6.43
CA ILE A 100 -7.52 4.87 5.19
C ILE A 100 -7.42 3.39 5.49
N GLU A 101 -8.23 2.58 4.80
CA GLU A 101 -8.22 1.13 5.01
C GLU A 101 -7.48 0.44 3.87
N VAL A 102 -6.47 -0.35 4.24
CA VAL A 102 -5.66 -1.07 3.28
C VAL A 102 -6.04 -2.55 3.23
N THR A 103 -6.42 -3.02 2.05
CA THR A 103 -6.81 -4.41 1.87
C THR A 103 -6.04 -5.03 0.70
N PHE A 104 -5.34 -6.13 0.96
CA PHE A 104 -4.58 -6.79 -0.09
C PHE A 104 -5.00 -8.23 -0.26
N ASP A 105 -4.63 -8.78 -1.40
CA ASP A 105 -4.95 -10.17 -1.72
C ASP A 105 -4.03 -10.69 -2.82
N ILE A 106 -3.21 -11.69 -2.47
CA ILE A 106 -2.29 -12.28 -3.43
C ILE A 106 -2.82 -13.63 -3.91
N ASP A 107 -2.93 -13.78 -5.23
CA ASP A 107 -3.42 -15.03 -5.81
C ASP A 107 -2.28 -15.85 -6.40
N ALA A 108 -2.57 -17.12 -6.68
CA ALA A 108 -1.57 -18.02 -7.25
C ALA A 108 -1.09 -17.52 -8.61
N ASP A 109 -1.98 -16.82 -9.33
CA ASP A 109 -1.64 -16.29 -10.65
C ASP A 109 -0.56 -15.22 -10.53
N GLY A 110 -0.22 -14.86 -9.30
CA GLY A 110 0.80 -13.85 -9.06
C GLY A 110 0.22 -12.45 -9.00
N ILE A 111 -1.08 -12.37 -8.73
CA ILE A 111 -1.74 -11.08 -8.63
C ILE A 111 -1.75 -10.58 -7.19
N LEU A 112 -1.92 -9.28 -7.03
CA LEU A 112 -1.95 -8.66 -5.72
C LEU A 112 -3.03 -7.59 -5.68
N HIS A 113 -3.48 -7.30 -4.47
CA HIS A 113 -4.50 -6.29 -4.28
C HIS A 113 -3.99 -5.22 -3.32
N VAL A 114 -4.22 -3.95 -3.65
CA VAL A 114 -3.76 -2.87 -2.78
C VAL A 114 -4.79 -1.76 -2.77
N SER A 115 -5.58 -1.69 -1.70
CA SER A 115 -6.65 -0.71 -1.60
C SER A 115 -6.45 0.33 -0.50
N ALA A 116 -7.26 1.38 -0.61
CA ALA A 116 -7.27 2.48 0.35
C ALA A 116 -8.72 2.95 0.53
N LYS A 117 -9.08 3.32 1.76
CA LYS A 117 -10.45 3.76 2.03
C LYS A 117 -10.50 5.14 2.67
N ASP A 118 -11.68 5.76 2.60
CA ASP A 118 -11.89 7.07 3.19
C ASP A 118 -12.99 6.98 4.24
N LYS A 119 -12.82 7.68 5.36
CA LYS A 119 -13.82 7.64 6.42
C LYS A 119 -14.67 8.91 6.44
N ASN A 120 -14.54 9.72 5.39
CA ASN A 120 -15.31 10.96 5.28
C ASN A 120 -16.31 10.87 4.14
N SER A 121 -15.91 10.21 3.06
CA SER A 121 -16.77 10.06 1.89
C SER A 121 -17.11 8.59 1.65
N GLY A 122 -16.40 7.71 2.34
CA GLY A 122 -16.64 6.28 2.19
C GLY A 122 -16.04 5.73 0.91
N LYS A 123 -15.39 6.60 0.14
CA LYS A 123 -14.76 6.19 -1.12
C LYS A 123 -13.62 5.22 -0.86
N GLU A 124 -13.70 4.04 -1.45
CA GLU A 124 -12.68 3.02 -1.28
C GLU A 124 -12.73 1.99 -2.40
N GLN A 125 -11.77 2.06 -3.31
CA GLN A 125 -11.71 1.11 -4.43
C GLN A 125 -10.35 1.20 -5.12
N LYS A 126 -9.49 0.24 -4.83
CA LYS A 126 -8.16 0.19 -5.42
C LYS A 126 -7.51 -1.17 -5.20
N ILE A 127 -7.39 -1.99 -6.24
CA ILE A 127 -6.75 -3.29 -6.09
C ILE A 127 -6.45 -3.92 -7.43
N THR A 128 -5.21 -3.79 -7.87
CA THR A 128 -4.75 -4.36 -9.13
C THR A 128 -3.24 -4.29 -9.23
N ILE A 129 -2.56 -5.41 -9.00
CA ILE A 129 -1.10 -5.42 -9.06
C ILE A 129 -0.58 -6.79 -9.47
N LYS A 130 -0.13 -6.90 -10.72
CA LYS A 130 0.41 -8.16 -11.22
C LYS A 130 1.79 -8.41 -10.63
N ALA A 131 1.81 -8.88 -9.39
CA ALA A 131 3.05 -9.15 -8.68
C ALA A 131 3.94 -10.13 -9.46
N SER A 132 5.05 -9.62 -9.98
CA SER A 132 5.99 -10.44 -10.74
C SER A 132 5.28 -11.28 -11.79
N SER A 133 4.89 -10.64 -12.90
CA SER A 133 4.21 -11.33 -13.99
C SER A 133 4.14 -10.45 -15.23
N GLY A 134 3.67 -9.21 -15.06
CA GLY A 134 3.56 -8.30 -16.17
C GLY A 134 4.26 -6.98 -15.89
N LEU A 135 5.57 -6.95 -16.10
CA LEU A 135 6.36 -5.75 -15.87
C LEU A 135 6.28 -4.81 -17.06
N ASN B 1 7.63 10.48 11.78
CA ASN B 1 8.47 10.63 10.56
C ASN B 1 8.18 9.53 9.54
N ARG B 2 6.97 8.98 9.60
CA ARG B 2 6.57 7.92 8.70
C ARG B 2 5.05 7.79 8.65
N LEU B 3 4.43 8.51 7.72
CA LEU B 3 2.98 8.47 7.57
C LEU B 3 2.60 8.26 6.10
N LEU B 4 1.67 9.06 5.58
CA LEU B 4 1.24 8.92 4.19
C LEU B 4 0.84 10.26 3.57
N LEU B 5 1.71 10.79 2.72
CA LEU B 5 1.44 12.06 2.04
C LEU B 5 1.84 12.00 0.57
N THR B 6 1.22 12.84 -0.24
CA THR B 6 1.51 12.87 -1.67
C THR B 6 2.42 14.05 -2.02
N GLY B 7 3.01 14.00 -3.21
CA GLY B 7 3.89 15.07 -3.64
C GLY B 7 4.41 14.86 -5.05
N ASP A 21 4.22 -23.41 -1.44
CA ASP A 21 4.57 -22.20 -2.23
C ASP A 21 4.55 -20.94 -1.36
N VAL A 22 5.53 -20.08 -1.56
CA VAL A 22 5.60 -18.83 -0.79
C VAL A 22 6.12 -17.69 -1.67
N THR A 23 5.79 -16.46 -1.27
CA THR A 23 6.23 -15.28 -2.02
C THR A 23 7.75 -15.19 -2.07
N PRO A 24 8.34 -15.23 -3.28
CA PRO A 24 9.79 -15.16 -3.46
C PRO A 24 10.31 -13.72 -3.43
N LEU A 25 9.62 -12.85 -2.70
CA LEU A 25 10.03 -11.45 -2.61
C LEU A 25 9.19 -10.72 -1.56
N SER A 26 9.87 -9.97 -0.70
CA SER A 26 9.20 -9.21 0.35
C SER A 26 8.28 -8.16 -0.23
N LEU A 27 7.00 -8.24 0.12
CA LEU A 27 6.01 -7.30 -0.36
C LEU A 27 5.67 -6.28 0.73
N GLY A 28 5.48 -5.03 0.33
CA GLY A 28 5.18 -3.98 1.28
C GLY A 28 4.67 -2.71 0.63
N ILE A 29 4.16 -1.80 1.44
CA ILE A 29 3.65 -0.52 0.94
C ILE A 29 4.64 0.59 1.22
N GLU A 30 4.44 1.75 0.60
CA GLU A 30 5.32 2.88 0.79
C GLU A 30 4.60 3.92 1.62
N THR A 31 5.11 4.17 2.80
CA THR A 31 4.49 5.13 3.69
C THR A 31 5.27 6.43 3.69
N MET A 32 4.64 7.48 4.22
CA MET A 32 5.25 8.80 4.28
C MET A 32 5.63 9.27 2.88
N GLY A 33 5.12 8.57 1.87
CA GLY A 33 5.39 8.92 0.49
C GLY A 33 6.86 8.99 0.17
N GLY A 34 7.47 7.84 -0.15
CA GLY A 34 8.88 7.82 -0.49
C GLY A 34 9.68 6.75 0.22
N VAL A 35 9.13 6.21 1.31
CA VAL A 35 9.83 5.17 2.07
C VAL A 35 9.20 3.80 1.80
N MET A 36 9.94 2.75 2.09
CA MET A 36 9.45 1.39 1.87
C MET A 36 9.04 0.75 3.19
N THR A 37 7.83 0.20 3.20
CA THR A 37 7.27 -0.46 4.37
C THR A 37 7.04 -1.93 4.05
N THR A 38 6.86 -2.75 5.09
CA THR A 38 6.64 -4.18 4.88
C THR A 38 5.22 -4.59 5.21
N LEU A 39 4.67 -5.46 4.39
CA LEU A 39 3.31 -5.97 4.59
C LEU A 39 3.28 -7.49 4.41
N ILE A 40 3.60 -7.94 3.20
CA ILE A 40 3.64 -9.37 2.90
C ILE A 40 5.03 -9.80 2.47
N ALA A 41 6.00 -9.63 3.36
CA ALA A 41 7.39 -10.00 3.08
C ALA A 41 7.49 -11.42 2.56
N LYS A 42 8.57 -11.73 1.85
CA LYS A 42 8.78 -13.06 1.30
C LYS A 42 8.64 -14.13 2.38
N ASN A 43 8.60 -15.40 1.96
CA ASN A 43 8.46 -16.52 2.87
C ASN A 43 7.07 -16.55 3.52
N THR A 44 6.17 -15.73 2.99
CA THR A 44 4.80 -15.67 3.50
C THR A 44 3.87 -16.49 2.63
N THR A 45 2.75 -16.96 3.19
CA THR A 45 1.80 -17.76 2.45
C THR A 45 1.23 -16.99 1.26
N ILE A 46 1.25 -17.61 0.09
CA ILE A 46 0.75 -16.97 -1.11
C ILE A 46 -0.67 -16.42 -0.90
N PRO A 47 -1.62 -17.24 -0.42
CA PRO A 47 -2.99 -16.79 -0.17
C PRO A 47 -3.06 -15.91 1.08
N THR A 48 -2.59 -14.67 0.95
CA THR A 48 -2.59 -13.73 2.06
C THR A 48 -3.60 -12.61 1.89
N LYS A 49 -3.92 -11.94 2.99
CA LYS A 49 -4.87 -10.83 3.00
C LYS A 49 -4.73 -10.06 4.31
N HIS A 50 -4.69 -8.73 4.24
CA HIS A 50 -4.54 -7.93 5.45
C HIS A 50 -5.22 -6.57 5.32
N SER A 51 -6.19 -6.33 6.20
CA SER A 51 -6.90 -5.06 6.21
C SER A 51 -6.48 -4.22 7.41
N GLN A 52 -5.66 -3.22 7.14
CA GLN A 52 -5.16 -2.33 8.18
C GLN A 52 -5.47 -0.89 7.86
N VAL A 53 -5.34 -0.02 8.84
CA VAL A 53 -5.62 1.40 8.63
C VAL A 53 -4.55 2.30 9.23
N PHE A 54 -3.66 2.80 8.38
CA PHE A 54 -2.62 3.73 8.83
C PHE A 54 -1.92 4.43 7.68
N SER A 55 -2.28 5.68 7.44
CA SER A 55 -1.64 6.45 6.40
C SER A 55 -2.09 7.91 6.40
N THR A 56 -1.33 8.80 7.05
CA THR A 56 -1.70 10.21 7.07
C THR A 56 -0.66 11.12 7.78
N ALA A 57 -0.14 12.14 7.09
CA ALA A 57 0.81 13.08 7.73
C ALA A 57 1.09 14.38 6.93
N GLU A 58 0.45 15.51 7.33
CA GLU A 58 0.64 16.86 6.70
C GLU A 58 -0.67 17.68 6.62
N ASP A 59 -1.50 17.61 7.66
CA ASP A 59 -2.79 18.33 7.74
C ASP A 59 -3.81 17.89 6.67
N ASN A 60 -4.59 16.81 6.95
CA ASN A 60 -5.63 16.25 6.05
C ASN A 60 -5.05 15.20 5.09
N GLN A 61 -5.24 15.39 3.76
CA GLN A 61 -4.71 14.47 2.73
C GLN A 61 -5.47 14.61 1.42
N SER A 62 -5.22 15.71 0.69
CA SER A 62 -5.86 15.96 -0.60
C SER A 62 -6.09 14.66 -1.32
N ALA A 63 -5.10 13.81 -1.22
CA ALA A 63 -5.10 12.51 -1.82
C ALA A 63 -4.22 11.60 -1.00
N VAL A 64 -4.57 10.34 -0.88
CA VAL A 64 -3.74 9.43 -0.13
C VAL A 64 -2.91 8.63 -1.12
N THR A 65 -1.61 8.56 -0.89
CA THR A 65 -0.74 7.84 -1.82
C THR A 65 -0.37 6.48 -1.30
N ILE A 66 -0.97 5.46 -1.89
CA ILE A 66 -0.68 4.10 -1.51
C ILE A 66 0.20 3.47 -2.57
N HIS A 67 1.49 3.40 -2.27
CA HIS A 67 2.44 2.84 -3.20
C HIS A 67 2.86 1.47 -2.70
N VAL A 68 2.79 0.48 -3.57
CA VAL A 68 3.15 -0.84 -3.17
C VAL A 68 4.55 -1.17 -3.66
N LEU A 69 5.47 -1.15 -2.71
CA LEU A 69 6.87 -1.41 -2.97
C LEU A 69 7.24 -2.78 -2.39
N GLN A 70 7.66 -3.69 -3.26
CA GLN A 70 7.98 -5.05 -2.84
C GLN A 70 9.47 -5.31 -2.76
N GLY A 71 10.00 -5.27 -1.55
CA GLY A 71 11.41 -5.55 -1.33
C GLY A 71 11.76 -5.66 0.15
N GLU A 72 12.95 -6.19 0.42
CA GLU A 72 13.42 -6.34 1.79
C GLU A 72 14.77 -5.66 1.97
N ARG A 73 14.75 -4.48 2.59
CA ARG A 73 15.97 -3.71 2.83
C ARG A 73 15.72 -2.59 3.83
N LYS A 74 16.80 -2.02 4.35
CA LYS A 74 16.71 -0.95 5.33
C LYS A 74 15.86 0.22 4.81
N ARG A 75 15.91 0.47 3.51
CA ARG A 75 15.14 1.55 2.90
C ARG A 75 14.80 1.24 1.44
N ALA A 76 13.93 2.06 0.86
CA ALA A 76 13.52 1.88 -0.53
C ALA A 76 14.61 2.32 -1.49
N ALA A 77 15.62 1.48 -1.65
CA ALA A 77 16.73 1.79 -2.55
C ALA A 77 16.35 1.55 -4.00
N ASP A 78 15.33 0.71 -4.20
CA ASP A 78 14.85 0.39 -5.54
C ASP A 78 13.75 -0.65 -5.46
N ASN A 79 14.09 -1.82 -4.93
CA ASN A 79 13.15 -2.91 -4.77
C ASN A 79 12.31 -3.13 -6.03
N LYS A 80 11.16 -3.78 -5.86
CA LYS A 80 10.27 -4.06 -6.98
C LYS A 80 8.99 -3.22 -6.86
N SER A 81 8.96 -2.11 -7.58
CA SER A 81 7.80 -1.22 -7.56
C SER A 81 6.55 -1.96 -8.04
N LEU A 82 5.79 -2.51 -7.10
CA LEU A 82 4.57 -3.23 -7.43
C LEU A 82 3.63 -2.37 -8.27
N GLY A 83 3.05 -1.36 -7.63
CA GLY A 83 2.12 -0.47 -8.31
C GLY A 83 1.83 0.80 -7.51
N GLN A 84 1.18 1.76 -8.13
CA GLN A 84 0.85 3.01 -7.45
C GLN A 84 -0.67 3.19 -7.39
N PHE A 85 -1.13 3.95 -6.40
CA PHE A 85 -2.57 4.19 -6.25
C PHE A 85 -2.86 5.67 -6.12
N ASN A 86 -3.96 6.12 -6.73
CA ASN A 86 -4.34 7.52 -6.69
C ASN A 86 -5.73 7.71 -6.09
N LEU A 87 -5.75 8.16 -4.84
CA LEU A 87 -7.00 8.42 -4.12
C LEU A 87 -7.13 9.91 -3.84
N ASP A 88 -8.31 10.37 -3.43
CA ASP A 88 -8.52 11.79 -3.15
C ASP A 88 -9.79 12.04 -2.36
N GLY A 89 -9.85 13.19 -1.67
CA GLY A 89 -11.03 13.54 -0.89
C GLY A 89 -10.72 13.75 0.58
N ILE A 90 -9.81 14.68 0.88
CA ILE A 90 -9.46 15.01 2.28
C ILE A 90 -8.95 16.44 2.28
N ASN A 91 -9.00 16.96 1.07
CA ASN A 91 -8.66 18.32 0.69
C ASN A 91 -7.17 18.76 0.87
N PRO A 92 -6.71 19.31 2.03
CA PRO A 92 -5.31 19.79 2.16
C PRO A 92 -4.23 18.74 1.81
N ALA A 93 -3.59 18.16 2.82
CA ALA A 93 -2.52 17.18 2.61
C ALA A 93 -2.47 16.17 3.76
N PRO A 94 -1.87 14.97 3.58
CA PRO A 94 -1.78 13.91 4.61
C PRO A 94 -1.86 14.40 6.06
N ARG A 95 -2.19 13.51 7.02
CA ARG A 95 -2.28 13.88 8.46
C ARG A 95 -3.14 12.93 9.26
N GLY A 96 -2.55 12.29 10.26
CA GLY A 96 -3.29 11.35 11.11
C GLY A 96 -4.54 11.97 11.69
N MET A 97 -5.62 11.93 10.91
CA MET A 97 -6.90 12.48 11.33
C MET A 97 -8.06 11.63 10.78
N PRO A 98 -8.12 11.42 9.44
CA PRO A 98 -9.18 10.61 8.84
C PRO A 98 -8.90 9.12 9.06
N GLN A 99 -9.00 8.32 8.00
CA GLN A 99 -8.75 6.89 8.11
C GLN A 99 -8.56 6.25 6.73
N ILE A 100 -7.34 5.78 6.46
CA ILE A 100 -7.04 5.13 5.19
C ILE A 100 -6.96 3.63 5.41
N GLU A 101 -7.51 2.86 4.48
CA GLU A 101 -7.50 1.41 4.60
C GLU A 101 -6.42 0.83 3.72
N VAL A 102 -6.04 -0.40 4.00
CA VAL A 102 -5.00 -1.06 3.23
C VAL A 102 -5.22 -2.58 3.22
N THR A 103 -5.71 -3.12 2.11
CA THR A 103 -5.95 -4.55 1.96
C THR A 103 -5.23 -5.09 0.74
N PHE A 104 -4.59 -6.24 0.91
CA PHE A 104 -3.84 -6.85 -0.19
C PHE A 104 -4.01 -8.37 -0.21
N ASP A 105 -4.52 -8.87 -1.33
CA ASP A 105 -4.72 -10.30 -1.51
C ASP A 105 -3.77 -10.85 -2.57
N ILE A 106 -2.97 -11.83 -2.17
CA ILE A 106 -2.01 -12.45 -3.10
C ILE A 106 -2.51 -13.81 -3.56
N ASP A 107 -2.43 -14.06 -4.86
CA ASP A 107 -2.87 -15.33 -5.43
C ASP A 107 -1.69 -16.14 -5.95
N ALA A 108 -1.93 -17.43 -6.21
CA ALA A 108 -0.89 -18.32 -6.70
C ALA A 108 -0.32 -17.83 -8.02
N ASP A 109 -1.20 -17.38 -8.92
CA ASP A 109 -0.77 -16.89 -10.23
C ASP A 109 0.17 -15.70 -10.07
N GLY A 110 0.21 -15.12 -8.88
CA GLY A 110 1.06 -13.98 -8.64
C GLY A 110 0.33 -12.67 -8.75
N ILE A 111 -0.95 -12.67 -8.37
CA ILE A 111 -1.77 -11.47 -8.43
C ILE A 111 -1.87 -10.82 -7.06
N LEU A 112 -2.07 -9.50 -7.05
CA LEU A 112 -2.18 -8.77 -5.80
C LEU A 112 -3.18 -7.61 -5.93
N HIS A 113 -4.15 -7.58 -5.02
CA HIS A 113 -5.16 -6.53 -5.03
C HIS A 113 -4.97 -5.60 -3.84
N VAL A 114 -4.62 -4.35 -4.11
CA VAL A 114 -4.39 -3.37 -3.05
C VAL A 114 -5.57 -2.41 -2.96
N SER A 115 -5.87 -2.00 -1.72
CA SER A 115 -7.00 -1.10 -1.49
C SER A 115 -6.67 -0.01 -0.46
N ALA A 116 -7.45 1.07 -0.51
CA ALA A 116 -7.31 2.18 0.42
C ALA A 116 -8.64 2.92 0.54
N LYS A 117 -9.24 2.88 1.71
CA LYS A 117 -10.52 3.53 1.93
C LYS A 117 -10.37 4.74 2.85
N ASP A 118 -11.03 5.83 2.49
CA ASP A 118 -10.98 7.06 3.27
C ASP A 118 -12.31 7.31 3.97
N LYS A 119 -12.24 7.85 5.18
CA LYS A 119 -13.44 8.14 5.96
C LYS A 119 -13.74 9.64 5.95
N ASN A 120 -14.66 10.04 5.08
CA ASN A 120 -15.05 11.44 4.96
C ASN A 120 -16.22 11.59 3.98
N SER A 121 -16.34 10.62 3.08
CA SER A 121 -17.40 10.63 2.08
C SER A 121 -17.74 9.22 1.63
N GLY A 122 -16.82 8.29 1.87
CA GLY A 122 -17.04 6.90 1.49
C GLY A 122 -16.36 6.55 0.19
N LYS A 123 -15.21 7.16 -0.07
CA LYS A 123 -14.47 6.91 -1.30
C LYS A 123 -13.54 5.70 -1.13
N GLU A 124 -13.46 4.87 -2.17
CA GLU A 124 -12.61 3.69 -2.13
C GLU A 124 -12.29 3.21 -3.54
N GLN A 125 -11.07 2.72 -3.73
CA GLN A 125 -10.65 2.22 -5.03
C GLN A 125 -9.62 1.10 -4.87
N LYS A 126 -9.54 0.22 -5.87
CA LYS A 126 -8.60 -0.89 -5.84
C LYS A 126 -8.25 -1.38 -7.24
N ILE A 127 -6.98 -1.74 -7.44
CA ILE A 127 -6.51 -2.23 -8.72
C ILE A 127 -5.71 -3.52 -8.53
N THR A 128 -5.51 -4.26 -9.62
CA THR A 128 -4.77 -5.51 -9.56
C THR A 128 -3.36 -5.35 -10.15
N ILE A 129 -2.41 -6.05 -9.54
CA ILE A 129 -1.02 -6.01 -9.99
C ILE A 129 -0.41 -7.40 -10.02
N LYS A 130 -0.17 -7.92 -11.23
CA LYS A 130 0.42 -9.24 -11.39
C LYS A 130 1.94 -9.19 -11.20
N ALA A 131 2.38 -9.09 -9.95
CA ALA A 131 3.80 -9.02 -9.64
C ALA A 131 4.32 -10.38 -9.19
N SER A 132 5.64 -10.46 -8.98
CA SER A 132 6.28 -11.69 -8.54
C SER A 132 5.98 -12.83 -9.53
N SER A 133 5.99 -12.51 -10.82
CA SER A 133 5.73 -13.50 -11.86
C SER A 133 7.02 -13.89 -12.58
N GLY A 134 7.09 -15.14 -13.02
CA GLY A 134 8.28 -15.61 -13.72
C GLY A 134 8.04 -16.92 -14.43
N LEU A 135 7.44 -16.86 -15.62
CA LEU A 135 7.17 -18.06 -16.40
C LEU A 135 6.78 -17.69 -17.83
N ASN B 1 7.21 7.32 11.85
CA ASN B 1 5.93 6.78 12.36
C ASN B 1 5.07 6.25 11.23
N ARG B 2 5.72 5.79 10.15
CA ARG B 2 5.02 5.24 9.00
C ARG B 2 4.03 6.26 8.42
N LEU B 3 2.75 6.10 8.76
CA LEU B 3 1.72 7.01 8.27
C LEU B 3 1.80 7.14 6.75
N LEU B 4 1.67 8.36 6.23
CA LEU B 4 1.75 8.57 4.79
C LEU B 4 1.82 10.06 4.44
N LEU B 5 2.55 10.37 3.38
CA LEU B 5 2.70 11.75 2.91
C LEU B 5 2.61 11.82 1.39
N THR B 6 2.06 12.91 0.89
CA THR B 6 1.90 13.10 -0.55
C THR B 6 2.48 14.44 -1.00
N GLY B 7 2.46 14.67 -2.31
CA GLY B 7 2.98 15.91 -2.85
C GLY B 7 4.02 15.68 -3.93
N ASP A 21 2.63 -20.00 2.39
CA ASP A 21 3.59 -20.98 1.80
C ASP A 21 4.78 -20.27 1.15
N VAL A 22 4.50 -19.45 0.15
CA VAL A 22 5.56 -18.72 -0.55
C VAL A 22 5.42 -17.22 -0.32
N THR A 23 6.53 -16.62 0.12
CA THR A 23 6.64 -15.18 0.39
C THR A 23 7.91 -14.90 1.19
N PRO A 24 9.10 -15.19 0.61
CA PRO A 24 10.37 -14.99 1.28
C PRO A 24 11.01 -13.64 0.97
N LEU A 25 10.40 -12.85 0.07
CA LEU A 25 10.96 -11.55 -0.27
C LEU A 25 10.37 -10.46 0.60
N SER A 26 9.42 -9.75 0.04
CA SER A 26 8.75 -8.66 0.72
C SER A 26 7.86 -7.86 -0.24
N LEU A 27 6.57 -7.99 -0.03
CA LEU A 27 5.56 -7.29 -0.82
C LEU A 27 4.89 -6.27 0.07
N GLY A 28 5.25 -5.01 -0.09
CA GLY A 28 4.71 -3.99 0.78
C GLY A 28 4.43 -2.66 0.11
N ILE A 29 3.82 -1.78 0.88
CA ILE A 29 3.46 -0.45 0.40
C ILE A 29 4.42 0.61 0.95
N GLU A 30 4.35 1.80 0.38
CA GLU A 30 5.18 2.91 0.79
C GLU A 30 4.32 3.94 1.48
N THR A 31 4.64 4.25 2.72
CA THR A 31 3.87 5.21 3.48
C THR A 31 4.59 6.54 3.56
N MET A 32 3.85 7.60 3.90
CA MET A 32 4.42 8.93 4.00
C MET A 32 5.03 9.35 2.66
N GLY A 33 4.74 8.57 1.62
CA GLY A 33 5.26 8.87 0.30
C GLY A 33 6.77 9.01 0.27
N GLY A 34 7.46 7.87 0.35
CA GLY A 34 8.93 7.91 0.31
C GLY A 34 9.59 6.77 1.06
N VAL A 35 8.89 6.18 2.03
CA VAL A 35 9.44 5.08 2.81
C VAL A 35 8.85 3.76 2.36
N MET A 36 9.59 2.66 2.56
CA MET A 36 9.11 1.35 2.15
C MET A 36 8.64 0.52 3.34
N THR A 37 7.51 -0.15 3.14
CA THR A 37 6.92 -1.00 4.16
C THR A 37 6.50 -2.31 3.51
N THR A 38 6.38 -3.38 4.28
CA THR A 38 5.98 -4.68 3.71
C THR A 38 4.78 -5.26 4.42
N LEU A 39 4.08 -6.13 3.70
CA LEU A 39 2.89 -6.81 4.21
C LEU A 39 2.96 -8.31 3.89
N ILE A 40 3.47 -8.60 2.69
CA ILE A 40 3.61 -9.98 2.21
C ILE A 40 5.04 -10.19 1.67
N ALA A 41 5.21 -10.88 0.54
CA ALA A 41 6.56 -11.10 -0.01
C ALA A 41 6.53 -11.84 -1.36
N LYS A 42 7.69 -11.86 -2.04
CA LYS A 42 7.80 -12.52 -3.36
C LYS A 42 7.45 -14.01 -3.30
N ASN A 43 7.45 -14.68 -4.46
CA ASN A 43 7.16 -16.12 -4.54
C ASN A 43 5.71 -16.43 -4.23
N THR A 44 5.05 -15.52 -3.54
CA THR A 44 3.65 -15.72 -3.15
C THR A 44 2.79 -16.24 -4.30
N THR A 45 1.61 -16.73 -3.91
CA THR A 45 0.64 -17.30 -4.82
C THR A 45 -0.47 -17.90 -3.99
N ILE A 46 -0.92 -17.10 -3.02
CA ILE A 46 -1.90 -17.55 -2.03
C ILE A 46 -2.89 -16.44 -1.68
N PRO A 47 -4.10 -16.82 -1.21
CA PRO A 47 -5.12 -15.85 -0.80
C PRO A 47 -4.79 -15.18 0.53
N THR A 48 -3.80 -14.29 0.53
CA THR A 48 -3.40 -13.59 1.74
C THR A 48 -3.82 -12.12 1.71
N LYS A 49 -4.56 -11.70 2.74
CA LYS A 49 -5.02 -10.33 2.83
C LYS A 49 -4.62 -9.71 4.18
N HIS A 50 -4.42 -8.40 4.20
CA HIS A 50 -4.03 -7.71 5.42
C HIS A 50 -4.72 -6.36 5.54
N SER A 51 -5.53 -6.22 6.58
CA SER A 51 -6.25 -4.97 6.82
C SER A 51 -5.62 -4.20 7.97
N GLN A 52 -4.90 -3.14 7.65
CA GLN A 52 -4.25 -2.32 8.66
C GLN A 52 -4.80 -0.90 8.65
N VAL A 53 -4.61 -0.18 9.75
CA VAL A 53 -5.10 1.18 9.86
C VAL A 53 -3.96 2.19 9.74
N PHE A 54 -3.90 2.88 8.60
CA PHE A 54 -2.87 3.87 8.36
C PHE A 54 -3.44 5.28 8.49
N SER A 55 -2.59 6.23 8.86
CA SER A 55 -3.02 7.61 9.06
C SER A 55 -2.59 8.51 7.91
N THR A 56 -3.19 9.71 7.86
CA THR A 56 -2.89 10.68 6.82
C THR A 56 -2.00 11.80 7.39
N ALA A 57 -1.33 12.54 6.51
CA ALA A 57 -0.45 13.63 6.96
C ALA A 57 -0.25 14.69 5.88
N GLU A 58 0.03 15.92 6.32
CA GLU A 58 0.27 17.06 5.42
C GLU A 58 -1.02 17.60 4.82
N ASP A 59 -1.30 18.87 5.11
CA ASP A 59 -2.48 19.57 4.59
C ASP A 59 -3.76 18.74 4.79
N ASN A 60 -4.76 19.01 3.95
CA ASN A 60 -6.03 18.31 4.01
C ASN A 60 -5.93 17.01 3.23
N GLN A 61 -4.75 16.78 2.65
CA GLN A 61 -4.51 15.59 1.84
C GLN A 61 -5.73 15.24 1.02
N SER A 62 -6.03 16.09 0.04
CA SER A 62 -7.18 15.88 -0.81
C SER A 62 -7.09 14.52 -1.51
N ALA A 63 -5.95 13.86 -1.36
CA ALA A 63 -5.69 12.56 -1.96
C ALA A 63 -4.56 11.85 -1.22
N VAL A 64 -4.65 10.54 -1.09
CA VAL A 64 -3.61 9.77 -0.40
C VAL A 64 -2.75 9.03 -1.43
N THR A 65 -1.47 8.87 -1.13
CA THR A 65 -0.56 8.19 -2.04
C THR A 65 -0.22 6.80 -1.58
N ILE A 66 -0.81 5.81 -2.25
CA ILE A 66 -0.53 4.42 -1.93
C ILE A 66 0.32 3.80 -3.00
N HIS A 67 1.60 3.66 -2.72
CA HIS A 67 2.53 3.05 -3.65
C HIS A 67 2.88 1.67 -3.13
N VAL A 68 2.89 0.69 -4.01
CA VAL A 68 3.21 -0.64 -3.58
C VAL A 68 4.64 -0.96 -3.93
N LEU A 69 5.47 -0.92 -2.88
CA LEU A 69 6.89 -1.16 -2.97
C LEU A 69 7.21 -2.56 -2.46
N GLN A 70 7.67 -3.42 -3.35
CA GLN A 70 7.97 -4.79 -2.97
C GLN A 70 9.46 -5.00 -2.75
N GLY A 71 9.84 -4.99 -1.48
CA GLY A 71 11.22 -5.20 -1.13
C GLY A 71 11.44 -5.32 0.36
N GLU A 72 12.64 -5.78 0.74
CA GLU A 72 12.99 -5.92 2.14
C GLU A 72 14.35 -5.29 2.42
N ARG A 73 14.33 -4.12 3.03
CA ARG A 73 15.55 -3.40 3.34
C ARG A 73 15.29 -2.26 4.32
N LYS A 74 16.35 -1.72 4.90
CA LYS A 74 16.23 -0.62 5.85
C LYS A 74 15.52 0.57 5.22
N ARG A 75 15.83 0.84 3.95
CA ARG A 75 15.22 1.95 3.22
C ARG A 75 14.92 1.55 1.78
N ALA A 76 13.86 2.13 1.22
CA ALA A 76 13.47 1.82 -0.15
C ALA A 76 14.59 2.15 -1.14
N ALA A 77 15.43 1.17 -1.43
CA ALA A 77 16.53 1.35 -2.36
C ALA A 77 16.03 1.22 -3.80
N ASP A 78 14.73 1.44 -3.99
CA ASP A 78 14.11 1.35 -5.32
C ASP A 78 14.07 -0.10 -5.79
N ASN A 79 13.57 -0.99 -4.94
CA ASN A 79 13.46 -2.40 -5.26
C ASN A 79 12.30 -2.65 -6.23
N LYS A 80 11.85 -3.89 -6.29
CA LYS A 80 10.75 -4.25 -7.17
C LYS A 80 9.52 -3.41 -6.88
N SER A 81 9.29 -2.39 -7.69
CA SER A 81 8.15 -1.50 -7.52
C SER A 81 6.89 -2.12 -8.12
N LEU A 82 6.03 -2.65 -7.25
CA LEU A 82 4.80 -3.29 -7.69
C LEU A 82 3.98 -2.38 -8.60
N GLY A 83 3.40 -1.33 -8.03
CA GLY A 83 2.56 -0.41 -8.79
C GLY A 83 2.25 0.88 -8.04
N GLN A 84 1.68 1.84 -8.75
CA GLN A 84 1.32 3.13 -8.14
C GLN A 84 -0.14 3.47 -8.42
N PHE A 85 -0.87 3.89 -7.39
CA PHE A 85 -2.27 4.27 -7.54
C PHE A 85 -2.61 5.33 -6.51
N ASN A 86 -3.32 6.36 -6.94
CA ASN A 86 -3.65 7.46 -6.05
C ASN A 86 -5.10 7.44 -5.58
N LEU A 87 -5.26 7.73 -4.30
CA LEU A 87 -6.57 7.80 -3.65
C LEU A 87 -6.97 9.27 -3.51
N ASP A 88 -8.23 9.53 -3.21
CA ASP A 88 -8.69 10.90 -3.04
C ASP A 88 -9.92 10.99 -2.14
N GLY A 89 -9.89 11.94 -1.21
CA GLY A 89 -11.02 12.12 -0.30
C GLY A 89 -10.61 12.04 1.16
N ILE A 90 -9.81 13.00 1.60
CA ILE A 90 -9.35 13.05 2.99
C ILE A 90 -9.25 14.48 3.44
N ASN A 91 -10.02 15.33 2.75
CA ASN A 91 -10.06 16.76 3.00
C ASN A 91 -10.01 17.14 4.48
N PRO A 92 -10.77 16.47 5.37
CA PRO A 92 -10.81 16.81 6.80
C PRO A 92 -9.46 16.72 7.53
N ALA A 93 -8.52 17.62 7.19
CA ALA A 93 -7.23 17.67 7.86
C ALA A 93 -6.44 16.37 7.73
N PRO A 94 -5.13 16.39 8.08
CA PRO A 94 -4.27 15.21 8.01
C PRO A 94 -4.53 14.25 9.16
N ARG A 95 -3.45 13.76 9.77
CA ARG A 95 -3.55 12.81 10.89
C ARG A 95 -4.63 13.24 11.88
N GLY A 96 -5.53 12.31 12.20
CA GLY A 96 -6.60 12.60 13.13
C GLY A 96 -7.87 11.83 12.83
N MET A 97 -8.96 12.55 12.60
CA MET A 97 -10.25 11.93 12.30
C MET A 97 -10.19 11.06 11.05
N PRO A 98 -9.69 11.60 9.91
CA PRO A 98 -9.58 10.85 8.66
C PRO A 98 -8.81 9.55 8.84
N GLN A 99 -9.23 8.50 8.13
CA GLN A 99 -8.57 7.20 8.26
C GLN A 99 -8.58 6.43 6.93
N ILE A 100 -7.41 5.90 6.58
CA ILE A 100 -7.27 5.12 5.36
C ILE A 100 -7.16 3.63 5.69
N GLU A 101 -7.98 2.82 5.03
CA GLU A 101 -7.96 1.38 5.25
C GLU A 101 -7.25 0.68 4.12
N VAL A 102 -6.13 0.03 4.44
CA VAL A 102 -5.34 -0.66 3.43
C VAL A 102 -5.54 -2.17 3.49
N THR A 103 -5.72 -2.76 2.31
CA THR A 103 -5.93 -4.20 2.18
C THR A 103 -5.12 -4.74 1.00
N PHE A 104 -4.51 -5.90 1.18
CA PHE A 104 -3.70 -6.49 0.12
C PHE A 104 -3.96 -7.98 0.03
N ASP A 105 -4.69 -8.39 -0.99
CA ASP A 105 -5.01 -9.80 -1.18
C ASP A 105 -4.14 -10.40 -2.27
N ILE A 106 -3.53 -11.53 -1.97
CA ILE A 106 -2.68 -12.21 -2.91
C ILE A 106 -3.47 -13.38 -3.48
N ASP A 107 -3.24 -13.71 -4.74
CA ASP A 107 -3.99 -14.78 -5.38
C ASP A 107 -3.15 -16.04 -5.51
N ALA A 108 -3.79 -17.15 -5.83
CA ALA A 108 -3.10 -18.43 -5.99
C ALA A 108 -2.20 -18.40 -7.22
N ASP A 109 -1.75 -17.20 -7.59
CA ASP A 109 -0.87 -17.00 -8.72
C ASP A 109 0.12 -15.88 -8.40
N GLY A 110 0.20 -15.55 -7.11
CA GLY A 110 1.09 -14.50 -6.64
C GLY A 110 0.60 -13.11 -7.00
N ILE A 111 -0.69 -12.99 -7.30
CA ILE A 111 -1.28 -11.70 -7.64
C ILE A 111 -1.46 -10.89 -6.37
N LEU A 112 -1.79 -9.61 -6.50
CA LEU A 112 -1.97 -8.76 -5.35
C LEU A 112 -3.04 -7.70 -5.62
N HIS A 113 -3.83 -7.40 -4.58
CA HIS A 113 -4.90 -6.40 -4.71
C HIS A 113 -4.81 -5.39 -3.57
N VAL A 114 -4.44 -4.16 -3.90
CA VAL A 114 -4.31 -3.09 -2.92
C VAL A 114 -5.49 -2.13 -3.00
N SER A 115 -5.85 -1.54 -1.85
CA SER A 115 -6.97 -0.61 -1.80
C SER A 115 -6.92 0.32 -0.59
N ALA A 116 -7.06 1.61 -0.83
CA ALA A 116 -7.07 2.61 0.25
C ALA A 116 -8.49 3.14 0.42
N LYS A 117 -9.03 3.01 1.63
CA LYS A 117 -10.40 3.45 1.90
C LYS A 117 -10.46 4.58 2.93
N ASP A 118 -11.24 5.61 2.60
CA ASP A 118 -11.43 6.72 3.52
C ASP A 118 -12.82 6.60 4.13
N LYS A 119 -12.96 7.05 5.37
CA LYS A 119 -14.24 6.93 6.06
C LYS A 119 -15.02 8.25 6.09
N ASN A 120 -15.11 8.92 4.94
CA ASN A 120 -15.85 10.18 4.88
C ASN A 120 -16.25 10.52 3.46
N SER A 121 -15.27 10.88 2.64
CA SER A 121 -15.51 11.22 1.25
C SER A 121 -14.37 10.74 0.37
N GLY A 122 -13.70 9.69 0.81
CA GLY A 122 -12.59 9.14 0.05
C GLY A 122 -12.73 7.66 -0.17
N LYS A 123 -13.75 7.26 -0.92
CA LYS A 123 -14.00 5.86 -1.22
C LYS A 123 -12.70 5.16 -1.63
N GLU A 124 -12.73 3.84 -1.67
CA GLU A 124 -11.54 3.07 -2.01
C GLU A 124 -11.54 2.57 -3.45
N GLN A 125 -10.34 2.52 -4.01
CA GLN A 125 -10.13 2.05 -5.37
C GLN A 125 -9.06 0.96 -5.36
N LYS A 126 -9.40 -0.21 -5.87
CA LYS A 126 -8.47 -1.33 -5.89
C LYS A 126 -7.87 -1.57 -7.27
N ILE A 127 -6.74 -2.27 -7.29
CA ILE A 127 -6.04 -2.59 -8.53
C ILE A 127 -5.32 -3.92 -8.39
N THR A 128 -5.19 -4.65 -9.49
CA THR A 128 -4.53 -5.95 -9.47
C THR A 128 -3.13 -5.87 -10.09
N ILE A 129 -2.16 -6.48 -9.44
CA ILE A 129 -0.78 -6.49 -9.92
C ILE A 129 -0.10 -7.82 -9.64
N LYS A 130 0.70 -8.28 -10.58
CA LYS A 130 1.41 -9.54 -10.42
C LYS A 130 2.73 -9.33 -9.69
N ALA A 131 3.06 -10.23 -8.78
CA ALA A 131 4.30 -10.13 -8.00
C ALA A 131 5.51 -10.48 -8.86
N SER A 132 6.68 -10.49 -8.23
CA SER A 132 7.91 -10.82 -8.94
C SER A 132 7.88 -12.25 -9.47
N SER A 133 8.76 -12.54 -10.42
CA SER A 133 8.84 -13.87 -11.01
C SER A 133 10.11 -14.59 -10.59
N GLY A 134 10.18 -14.92 -9.30
CA GLY A 134 11.35 -15.62 -8.78
C GLY A 134 11.08 -17.09 -8.51
N LEU A 135 11.08 -17.89 -9.58
CA LEU A 135 10.83 -19.32 -9.45
C LEU A 135 11.91 -20.12 -10.19
N ASN B 1 3.43 3.91 14.37
CA ASN B 1 2.29 4.38 13.54
C ASN B 1 2.78 5.21 12.36
N ARG B 2 2.75 4.60 11.17
CA ARG B 2 3.19 5.28 9.96
C ARG B 2 2.07 6.14 9.38
N LEU B 3 2.44 7.23 8.72
CA LEU B 3 1.47 8.14 8.12
C LEU B 3 1.47 8.02 6.60
N LEU B 4 0.49 8.64 5.95
CA LEU B 4 0.38 8.59 4.50
C LEU B 4 0.15 10.00 3.94
N LEU B 5 0.86 10.34 2.87
CA LEU B 5 0.72 11.66 2.25
C LEU B 5 1.22 11.64 0.81
N THR B 6 1.11 12.79 0.15
CA THR B 6 1.54 12.93 -1.24
C THR B 6 2.90 13.62 -1.33
N GLY B 7 3.16 14.52 -0.39
CA GLY B 7 4.42 15.24 -0.38
C GLY B 7 4.47 16.35 -1.42
#